data_1R94
# 
_entry.id   1R94 
# 
_audit_conform.dict_name       mmcif_pdbx.dic 
_audit_conform.dict_version    5.386 
_audit_conform.dict_location   http://mmcif.pdb.org/dictionaries/ascii/mmcif_pdbx.dic 
# 
loop_
_database_2.database_id 
_database_2.database_code 
_database_2.pdbx_database_accession 
_database_2.pdbx_DOI 
PDB   1R94         pdb_00001r94 10.2210/pdb1r94/pdb 
RCSB  RCSB020590   ?            ?                   
WWPDB D_1000020590 ?            ?                   
# 
loop_
_pdbx_audit_revision_history.ordinal 
_pdbx_audit_revision_history.data_content_type 
_pdbx_audit_revision_history.major_revision 
_pdbx_audit_revision_history.minor_revision 
_pdbx_audit_revision_history.revision_date 
1 'Structure model' 1 0 2003-12-23 
2 'Structure model' 1 1 2008-04-29 
3 'Structure model' 1 2 2011-07-13 
4 'Structure model' 1 3 2017-10-11 
5 'Structure model' 1 4 2024-02-14 
# 
_pdbx_audit_revision_details.ordinal             1 
_pdbx_audit_revision_details.revision_ordinal    1 
_pdbx_audit_revision_details.data_content_type   'Structure model' 
_pdbx_audit_revision_details.provider            repository 
_pdbx_audit_revision_details.type                'Initial release' 
_pdbx_audit_revision_details.description         ? 
_pdbx_audit_revision_details.details             ? 
# 
loop_
_pdbx_audit_revision_group.ordinal 
_pdbx_audit_revision_group.revision_ordinal 
_pdbx_audit_revision_group.data_content_type 
_pdbx_audit_revision_group.group 
1 2 'Structure model' 'Version format compliance' 
2 3 'Structure model' 'Version format compliance' 
3 4 'Structure model' 'Refinement description'    
4 5 'Structure model' 'Data collection'           
5 5 'Structure model' 'Database references'       
6 5 'Structure model' 'Derived calculations'      
7 5 'Structure model' 'Refinement description'    
# 
loop_
_pdbx_audit_revision_category.ordinal 
_pdbx_audit_revision_category.revision_ordinal 
_pdbx_audit_revision_category.data_content_type 
_pdbx_audit_revision_category.category 
1 4 'Structure model' software           
2 5 'Structure model' chem_comp_atom     
3 5 'Structure model' chem_comp_bond     
4 5 'Structure model' database_2         
5 5 'Structure model' struct_conn        
6 5 'Structure model' struct_ncs_dom_lim 
7 5 'Structure model' struct_ref_seq_dif 
8 5 'Structure model' struct_site        
# 
loop_
_pdbx_audit_revision_item.ordinal 
_pdbx_audit_revision_item.revision_ordinal 
_pdbx_audit_revision_item.data_content_type 
_pdbx_audit_revision_item.item 
1  4 'Structure model' '_software.classification'             
2  4 'Structure model' '_software.name'                       
3  5 'Structure model' '_database_2.pdbx_DOI'                 
4  5 'Structure model' '_database_2.pdbx_database_accession'  
5  5 'Structure model' '_struct_conn.ptnr1_auth_comp_id'      
6  5 'Structure model' '_struct_conn.ptnr1_auth_seq_id'       
7  5 'Structure model' '_struct_conn.ptnr1_label_asym_id'     
8  5 'Structure model' '_struct_conn.ptnr1_label_atom_id'     
9  5 'Structure model' '_struct_conn.ptnr1_label_comp_id'     
10 5 'Structure model' '_struct_conn.ptnr1_label_seq_id'      
11 5 'Structure model' '_struct_conn.ptnr1_symmetry'          
12 5 'Structure model' '_struct_conn.ptnr2_auth_comp_id'      
13 5 'Structure model' '_struct_conn.ptnr2_auth_seq_id'       
14 5 'Structure model' '_struct_conn.ptnr2_label_asym_id'     
15 5 'Structure model' '_struct_conn.ptnr2_label_atom_id'     
16 5 'Structure model' '_struct_conn.ptnr2_label_comp_id'     
17 5 'Structure model' '_struct_conn.ptnr2_label_seq_id'      
18 5 'Structure model' '_struct_conn.ptnr2_symmetry'          
19 5 'Structure model' '_struct_ncs_dom_lim.beg_auth_comp_id' 
20 5 'Structure model' '_struct_ncs_dom_lim.end_auth_comp_id' 
21 5 'Structure model' '_struct_ref_seq_dif.details'          
22 5 'Structure model' '_struct_site.pdbx_auth_asym_id'       
23 5 'Structure model' '_struct_site.pdbx_auth_comp_id'       
24 5 'Structure model' '_struct_site.pdbx_auth_seq_id'        
# 
_pdbx_database_status.status_code                     REL 
_pdbx_database_status.entry_id                        1R94 
_pdbx_database_status.recvd_initial_deposition_date   2003-10-28 
_pdbx_database_status.deposit_site                    RCSB 
_pdbx_database_status.process_site                    RCSB 
_pdbx_database_status.SG_entry                        . 
_pdbx_database_status.pdb_format_compatible           Y 
_pdbx_database_status.status_code_mr                  ? 
_pdbx_database_status.status_code_sf                  ? 
_pdbx_database_status.status_code_cs                  ? 
_pdbx_database_status.methods_development_category    ? 
_pdbx_database_status.status_code_nmr_data            ? 
# 
_pdbx_database_related.db_name        PDB 
_pdbx_database_related.db_id          1R95 
_pdbx_database_related.details        'Crystal Structure of IscA (NATIVE)' 
_pdbx_database_related.content_type   unspecified 
# 
loop_
_audit_author.name 
_audit_author.pdbx_ordinal 
'Bilder, P.W.'   1 
'Ding, H.'       2 
'Newcomer, M.E.' 3 
# 
_citation.id                        primary 
_citation.title                     'Crystal structure of the ancient, Fe-S scaffold IscA reveals a novel protein fold.' 
_citation.journal_abbrev            Biochemistry 
_citation.journal_volume            43 
_citation.page_first                133 
_citation.page_last                 139 
_citation.year                      2004 
_citation.journal_id_ASTM           BICHAW 
_citation.country                   US 
_citation.journal_id_ISSN           0006-2960 
_citation.journal_id_CSD            0033 
_citation.book_publisher            ? 
_citation.pdbx_database_id_PubMed   14705938 
_citation.pdbx_database_id_DOI      ? 
# 
loop_
_citation_author.citation_id 
_citation_author.name 
_citation_author.ordinal 
_citation_author.identifier_ORCID 
primary 'Bilder, P.W.'   1 ? 
primary 'Ding, H.'       2 ? 
primary 'Newcomer, M.E.' 3 ? 
# 
loop_
_entity.id 
_entity.type 
_entity.src_method 
_entity.pdbx_description 
_entity.formula_weight 
_entity.pdbx_number_of_molecules 
_entity.pdbx_ec 
_entity.pdbx_mutation 
_entity.pdbx_fragment 
_entity.details 
1 polymer     man 'Protein yfhF'     12843.438 2  ? ? ? ? 
2 non-polymer syn 'MERCURY (II) ION' 200.590   2  ? ? ? ? 
3 water       nat water              18.015    85 ? ? ? ? 
# 
_entity_poly.entity_id                      1 
_entity_poly.type                           'polypeptide(L)' 
_entity_poly.nstd_linkage                   no 
_entity_poly.nstd_monomer                   no 
_entity_poly.pdbx_seq_one_letter_code       
;MSITLSDSAAARVNTFLANRGKGFGLRLGVRTSGCSGMAYVLEFVDEPTPEDIVFEDKGVKVVVDGKSLQFLDGTQLDFV
KEGLNEGFKFTNPNVKDECGCGESFKLAAALDHHHHHH
;
_entity_poly.pdbx_seq_one_letter_code_can   
;MSITLSDSAAARVNTFLANRGKGFGLRLGVRTSGCSGMAYVLEFVDEPTPEDIVFEDKGVKVVVDGKSLQFLDGTQLDFV
KEGLNEGFKFTNPNVKDECGCGESFKLAAALDHHHHHH
;
_entity_poly.pdbx_strand_id                 A,B 
_entity_poly.pdbx_target_identifier         ? 
# 
loop_
_pdbx_entity_nonpoly.entity_id 
_pdbx_entity_nonpoly.name 
_pdbx_entity_nonpoly.comp_id 
2 'MERCURY (II) ION' HG  
3 water              HOH 
# 
loop_
_entity_poly_seq.entity_id 
_entity_poly_seq.num 
_entity_poly_seq.mon_id 
_entity_poly_seq.hetero 
1 1   MET n 
1 2   SER n 
1 3   ILE n 
1 4   THR n 
1 5   LEU n 
1 6   SER n 
1 7   ASP n 
1 8   SER n 
1 9   ALA n 
1 10  ALA n 
1 11  ALA n 
1 12  ARG n 
1 13  VAL n 
1 14  ASN n 
1 15  THR n 
1 16  PHE n 
1 17  LEU n 
1 18  ALA n 
1 19  ASN n 
1 20  ARG n 
1 21  GLY n 
1 22  LYS n 
1 23  GLY n 
1 24  PHE n 
1 25  GLY n 
1 26  LEU n 
1 27  ARG n 
1 28  LEU n 
1 29  GLY n 
1 30  VAL n 
1 31  ARG n 
1 32  THR n 
1 33  SER n 
1 34  GLY n 
1 35  CYS n 
1 36  SER n 
1 37  GLY n 
1 38  MET n 
1 39  ALA n 
1 40  TYR n 
1 41  VAL n 
1 42  LEU n 
1 43  GLU n 
1 44  PHE n 
1 45  VAL n 
1 46  ASP n 
1 47  GLU n 
1 48  PRO n 
1 49  THR n 
1 50  PRO n 
1 51  GLU n 
1 52  ASP n 
1 53  ILE n 
1 54  VAL n 
1 55  PHE n 
1 56  GLU n 
1 57  ASP n 
1 58  LYS n 
1 59  GLY n 
1 60  VAL n 
1 61  LYS n 
1 62  VAL n 
1 63  VAL n 
1 64  VAL n 
1 65  ASP n 
1 66  GLY n 
1 67  LYS n 
1 68  SER n 
1 69  LEU n 
1 70  GLN n 
1 71  PHE n 
1 72  LEU n 
1 73  ASP n 
1 74  GLY n 
1 75  THR n 
1 76  GLN n 
1 77  LEU n 
1 78  ASP n 
1 79  PHE n 
1 80  VAL n 
1 81  LYS n 
1 82  GLU n 
1 83  GLY n 
1 84  LEU n 
1 85  ASN n 
1 86  GLU n 
1 87  GLY n 
1 88  PHE n 
1 89  LYS n 
1 90  PHE n 
1 91  THR n 
1 92  ASN n 
1 93  PRO n 
1 94  ASN n 
1 95  VAL n 
1 96  LYS n 
1 97  ASP n 
1 98  GLU n 
1 99  CYS n 
1 100 GLY n 
1 101 CYS n 
1 102 GLY n 
1 103 GLU n 
1 104 SER n 
1 105 PHE n 
1 106 LYS n 
1 107 LEU n 
1 108 ALA n 
1 109 ALA n 
1 110 ALA n 
1 111 LEU n 
1 112 ASP n 
1 113 HIS n 
1 114 HIS n 
1 115 HIS n 
1 116 HIS n 
1 117 HIS n 
1 118 HIS n 
# 
_entity_src_gen.entity_id                          1 
_entity_src_gen.pdbx_src_id                        1 
_entity_src_gen.pdbx_alt_source_flag               sample 
_entity_src_gen.pdbx_seq_type                      ? 
_entity_src_gen.pdbx_beg_seq_num                   ? 
_entity_src_gen.pdbx_end_seq_num                   ? 
_entity_src_gen.gene_src_common_name               ? 
_entity_src_gen.gene_src_genus                     Escherichia 
_entity_src_gen.pdbx_gene_src_gene                 'YFHF, B2528, C3053, Z3795, ECS3394, SF2575, S2747' 
_entity_src_gen.gene_src_species                   ? 
_entity_src_gen.gene_src_strain                    ? 
_entity_src_gen.gene_src_tissue                    ? 
_entity_src_gen.gene_src_tissue_fraction           ? 
_entity_src_gen.gene_src_details                   ? 
_entity_src_gen.pdbx_gene_src_fragment             ? 
_entity_src_gen.pdbx_gene_src_scientific_name      'Escherichia coli' 
_entity_src_gen.pdbx_gene_src_ncbi_taxonomy_id     562 
_entity_src_gen.pdbx_gene_src_variant              ? 
_entity_src_gen.pdbx_gene_src_cell_line            ? 
_entity_src_gen.pdbx_gene_src_atcc                 ? 
_entity_src_gen.pdbx_gene_src_organ                ? 
_entity_src_gen.pdbx_gene_src_organelle            ? 
_entity_src_gen.pdbx_gene_src_cell                 ? 
_entity_src_gen.pdbx_gene_src_cellular_location    ? 
_entity_src_gen.host_org_common_name               ? 
_entity_src_gen.pdbx_host_org_scientific_name      'Escherichia coli' 
_entity_src_gen.pdbx_host_org_ncbi_taxonomy_id     562 
_entity_src_gen.host_org_genus                     Escherichia 
_entity_src_gen.pdbx_host_org_gene                 ? 
_entity_src_gen.pdbx_host_org_organ                ? 
_entity_src_gen.host_org_species                   ? 
_entity_src_gen.pdbx_host_org_tissue               ? 
_entity_src_gen.pdbx_host_org_tissue_fraction      ? 
_entity_src_gen.pdbx_host_org_strain               ? 
_entity_src_gen.pdbx_host_org_variant              ? 
_entity_src_gen.pdbx_host_org_cell_line            ? 
_entity_src_gen.pdbx_host_org_atcc                 ? 
_entity_src_gen.pdbx_host_org_culture_collection   ? 
_entity_src_gen.pdbx_host_org_cell                 ? 
_entity_src_gen.pdbx_host_org_organelle            ? 
_entity_src_gen.pdbx_host_org_cellular_location    ? 
_entity_src_gen.pdbx_host_org_vector_type          ? 
_entity_src_gen.pdbx_host_org_vector               ? 
_entity_src_gen.host_org_details                   ? 
_entity_src_gen.expression_system_id               ? 
_entity_src_gen.plasmid_name                       ? 
_entity_src_gen.plasmid_details                    ? 
_entity_src_gen.pdbx_description                   ? 
# 
loop_
_chem_comp.id 
_chem_comp.type 
_chem_comp.mon_nstd_flag 
_chem_comp.name 
_chem_comp.pdbx_synonyms 
_chem_comp.formula 
_chem_comp.formula_weight 
ALA 'L-peptide linking' y ALANINE            ? 'C3 H7 N O2'     89.093  
ARG 'L-peptide linking' y ARGININE           ? 'C6 H15 N4 O2 1' 175.209 
ASN 'L-peptide linking' y ASPARAGINE         ? 'C4 H8 N2 O3'    132.118 
ASP 'L-peptide linking' y 'ASPARTIC ACID'    ? 'C4 H7 N O4'     133.103 
CYS 'L-peptide linking' y CYSTEINE           ? 'C3 H7 N O2 S'   121.158 
GLN 'L-peptide linking' y GLUTAMINE          ? 'C5 H10 N2 O3'   146.144 
GLU 'L-peptide linking' y 'GLUTAMIC ACID'    ? 'C5 H9 N O4'     147.129 
GLY 'peptide linking'   y GLYCINE            ? 'C2 H5 N O2'     75.067  
HG  non-polymer         . 'MERCURY (II) ION' ? 'Hg 2'           200.590 
HIS 'L-peptide linking' y HISTIDINE          ? 'C6 H10 N3 O2 1' 156.162 
HOH non-polymer         . WATER              ? 'H2 O'           18.015  
ILE 'L-peptide linking' y ISOLEUCINE         ? 'C6 H13 N O2'    131.173 
LEU 'L-peptide linking' y LEUCINE            ? 'C6 H13 N O2'    131.173 
LYS 'L-peptide linking' y LYSINE             ? 'C6 H15 N2 O2 1' 147.195 
MET 'L-peptide linking' y METHIONINE         ? 'C5 H11 N O2 S'  149.211 
PHE 'L-peptide linking' y PHENYLALANINE      ? 'C9 H11 N O2'    165.189 
PRO 'L-peptide linking' y PROLINE            ? 'C5 H9 N O2'     115.130 
SER 'L-peptide linking' y SERINE             ? 'C3 H7 N O3'     105.093 
THR 'L-peptide linking' y THREONINE          ? 'C4 H9 N O3'     119.119 
TYR 'L-peptide linking' y TYROSINE           ? 'C9 H11 N O3'    181.189 
VAL 'L-peptide linking' y VALINE             ? 'C5 H11 N O2'    117.146 
# 
loop_
_pdbx_poly_seq_scheme.asym_id 
_pdbx_poly_seq_scheme.entity_id 
_pdbx_poly_seq_scheme.seq_id 
_pdbx_poly_seq_scheme.mon_id 
_pdbx_poly_seq_scheme.ndb_seq_num 
_pdbx_poly_seq_scheme.pdb_seq_num 
_pdbx_poly_seq_scheme.auth_seq_num 
_pdbx_poly_seq_scheme.pdb_mon_id 
_pdbx_poly_seq_scheme.auth_mon_id 
_pdbx_poly_seq_scheme.pdb_strand_id 
_pdbx_poly_seq_scheme.pdb_ins_code 
_pdbx_poly_seq_scheme.hetero 
A 1 1   MET 1   1   1  MET ALA A . n 
A 1 2   SER 2   2   2  SER SER A . n 
A 1 3   ILE 3   3   3  ILE ILE A . n 
A 1 4   THR 4   4   4  THR THR A . n 
A 1 5   LEU 5   5   5  LEU LEU A . n 
A 1 6   SER 6   6   6  SER SER A . n 
A 1 7   ASP 7   7   7  ASP ASP A . n 
A 1 8   SER 8   8   8  SER SER A . n 
A 1 9   ALA 9   9   9  ALA ALA A . n 
A 1 10  ALA 10  10  10 ALA ALA A . n 
A 1 11  ALA 11  11  11 ALA ALA A . n 
A 1 12  ARG 12  12  12 ARG ARG A . n 
A 1 13  VAL 13  13  13 VAL VAL A . n 
A 1 14  ASN 14  14  14 ASN ASN A . n 
A 1 15  THR 15  15  15 THR THR A . n 
A 1 16  PHE 16  16  16 PHE PHE A . n 
A 1 17  LEU 17  17  17 LEU LEU A . n 
A 1 18  ALA 18  18  18 ALA ALA A . n 
A 1 19  ASN 19  19  19 ASN ASN A . n 
A 1 20  ARG 20  20  20 ARG ARG A . n 
A 1 21  GLY 21  21  21 GLY GLY A . n 
A 1 22  LYS 22  22  22 LYS LYS A . n 
A 1 23  GLY 23  23  23 GLY GLY A . n 
A 1 24  PHE 24  24  24 PHE PHE A . n 
A 1 25  GLY 25  25  25 GLY GLY A . n 
A 1 26  LEU 26  26  26 LEU LEU A . n 
A 1 27  ARG 27  27  27 ARG ARG A . n 
A 1 28  LEU 28  28  28 LEU LEU A . n 
A 1 29  GLY 29  29  29 GLY GLY A . n 
A 1 30  VAL 30  30  30 VAL VAL A . n 
A 1 31  ARG 31  31  31 ARG ARG A . n 
A 1 32  THR 32  32  32 THR THR A . n 
A 1 33  SER 33  33  33 SER SER A . n 
A 1 34  GLY 34  34  34 GLY GLY A . n 
A 1 35  CYS 35  35  35 CYS CYS A . n 
A 1 36  SER 36  36  36 SER SER A . n 
A 1 37  GLY 37  37  37 GLY GLY A . n 
A 1 38  MET 38  38  38 MET MET A . n 
A 1 39  ALA 39  39  39 ALA ALA A . n 
A 1 40  TYR 40  40  40 TYR TYR A . n 
A 1 41  VAL 41  41  41 VAL VAL A . n 
A 1 42  LEU 42  42  42 LEU LEU A . n 
A 1 43  GLU 43  43  43 GLU GLU A . n 
A 1 44  PHE 44  44  44 PHE PHE A . n 
A 1 45  VAL 45  45  45 VAL VAL A . n 
A 1 46  ASP 46  46  46 ASP ASP A . n 
A 1 47  GLU 47  47  47 GLU GLU A . n 
A 1 48  PRO 48  48  48 PRO PRO A . n 
A 1 49  THR 49  49  49 THR THR A . n 
A 1 50  PRO 50  50  50 PRO PRO A . n 
A 1 51  GLU 51  51  51 GLU GLU A . n 
A 1 52  ASP 52  52  52 ASP ASP A . n 
A 1 53  ILE 53  53  53 ILE ILE A . n 
A 1 54  VAL 54  54  54 VAL VAL A . n 
A 1 55  PHE 55  55  55 PHE PHE A . n 
A 1 56  GLU 56  56  56 GLU GLU A . n 
A 1 57  ASP 57  57  57 ASP ASP A . n 
A 1 58  LYS 58  58  58 LYS LYS A . n 
A 1 59  GLY 59  59  59 GLY GLY A . n 
A 1 60  VAL 60  60  60 VAL VAL A . n 
A 1 61  LYS 61  61  61 LYS LYS A . n 
A 1 62  VAL 62  62  62 VAL VAL A . n 
A 1 63  VAL 63  63  63 VAL VAL A . n 
A 1 64  VAL 64  64  64 VAL VAL A . n 
A 1 65  ASP 65  65  65 ASP ASP A . n 
A 1 66  GLY 66  66  66 GLY GLY A . n 
A 1 67  LYS 67  67  67 LYS LYS A . n 
A 1 68  SER 68  68  68 SER SER A . n 
A 1 69  LEU 69  69  69 LEU LEU A . n 
A 1 70  GLN 70  70  70 GLN GLN A . n 
A 1 71  PHE 71  71  71 PHE PHE A . n 
A 1 72  LEU 72  72  72 LEU LEU A . n 
A 1 73  ASP 73  73  73 ASP ASP A . n 
A 1 74  GLY 74  74  74 GLY GLY A . n 
A 1 75  THR 75  75  75 THR THR A . n 
A 1 76  GLN 76  76  76 GLN GLN A . n 
A 1 77  LEU 77  77  77 LEU LEU A . n 
A 1 78  ASP 78  78  78 ASP ASP A . n 
A 1 79  PHE 79  79  79 PHE PHE A . n 
A 1 80  VAL 80  80  80 VAL VAL A . n 
A 1 81  LYS 81  81  81 LYS LYS A . n 
A 1 82  GLU 82  82  82 GLU GLU A . n 
A 1 83  GLY 83  83  83 GLY GLY A . n 
A 1 84  LEU 84  84  84 LEU LEU A . n 
A 1 85  ASN 85  85  85 ASN ASN A . n 
A 1 86  GLU 86  86  86 GLU GLU A . n 
A 1 87  GLY 87  87  87 GLY GLY A . n 
A 1 88  PHE 88  88  88 PHE PHE A . n 
A 1 89  LYS 89  89  89 LYS LYS A . n 
A 1 90  PHE 90  90  90 PHE PHE A . n 
A 1 91  THR 91  91  91 THR THR A . n 
A 1 92  ASN 92  92  92 ASN ASN A . n 
A 1 93  PRO 93  93  93 PRO PRO A . n 
A 1 94  ASN 94  94  94 ASN ASN A . n 
A 1 95  VAL 95  95  95 VAL VAL A . n 
A 1 96  LYS 96  96  96 LYS LYS A . n 
A 1 97  ASP 97  97  97 ASP ASP A . n 
A 1 98  GLU 98  98  ?  ?   ?   A . n 
A 1 99  CYS 99  99  ?  ?   ?   A . n 
A 1 100 GLY 100 100 ?  ?   ?   A . n 
A 1 101 CYS 101 101 ?  ?   ?   A . n 
A 1 102 GLY 102 102 ?  ?   ?   A . n 
A 1 103 GLU 103 103 ?  ?   ?   A . n 
A 1 104 SER 104 104 ?  ?   ?   A . n 
A 1 105 PHE 105 105 ?  ?   ?   A . n 
A 1 106 LYS 106 106 ?  ?   ?   A . n 
A 1 107 LEU 107 107 ?  ?   ?   A . n 
A 1 108 ALA 108 108 ?  ?   ?   A . n 
A 1 109 ALA 109 109 ?  ?   ?   A . n 
A 1 110 ALA 110 110 ?  ?   ?   A . n 
A 1 111 LEU 111 111 ?  ?   ?   A . n 
A 1 112 ASP 112 112 ?  ?   ?   A . n 
A 1 113 HIS 113 113 ?  ?   ?   A . n 
A 1 114 HIS 114 114 ?  ?   ?   A . n 
A 1 115 HIS 115 115 ?  ?   ?   A . n 
A 1 116 HIS 116 116 ?  ?   ?   A . n 
A 1 117 HIS 117 117 ?  ?   ?   A . n 
A 1 118 HIS 118 118 ?  ?   ?   A . n 
B 1 1   MET 1   1   1  MET ALA B . n 
B 1 2   SER 2   2   2  SER SER B . n 
B 1 3   ILE 3   3   3  ILE ILE B . n 
B 1 4   THR 4   4   4  THR THR B . n 
B 1 5   LEU 5   5   5  LEU LEU B . n 
B 1 6   SER 6   6   6  SER SER B . n 
B 1 7   ASP 7   7   7  ASP ASP B . n 
B 1 8   SER 8   8   8  SER SER B . n 
B 1 9   ALA 9   9   9  ALA ALA B . n 
B 1 10  ALA 10  10  10 ALA ALA B . n 
B 1 11  ALA 11  11  11 ALA ALA B . n 
B 1 12  ARG 12  12  12 ARG ARG B . n 
B 1 13  VAL 13  13  13 VAL VAL B . n 
B 1 14  ASN 14  14  14 ASN ASN B . n 
B 1 15  THR 15  15  15 THR THR B . n 
B 1 16  PHE 16  16  16 PHE PHE B . n 
B 1 17  LEU 17  17  17 LEU LEU B . n 
B 1 18  ALA 18  18  18 ALA ALA B . n 
B 1 19  ASN 19  19  19 ASN ASN B . n 
B 1 20  ARG 20  20  20 ARG ARG B . n 
B 1 21  GLY 21  21  21 GLY GLY B . n 
B 1 22  LYS 22  22  22 LYS LYS B . n 
B 1 23  GLY 23  23  23 GLY GLY B . n 
B 1 24  PHE 24  24  24 PHE PHE B . n 
B 1 25  GLY 25  25  25 GLY GLY B . n 
B 1 26  LEU 26  26  26 LEU LEU B . n 
B 1 27  ARG 27  27  27 ARG ARG B . n 
B 1 28  LEU 28  28  28 LEU LEU B . n 
B 1 29  GLY 29  29  29 GLY GLY B . n 
B 1 30  VAL 30  30  30 VAL VAL B . n 
B 1 31  ARG 31  31  31 ARG ARG B . n 
B 1 32  THR 32  32  32 THR THR B . n 
B 1 33  SER 33  33  33 SER SER B . n 
B 1 34  GLY 34  34  34 GLY GLY B . n 
B 1 35  CYS 35  35  35 CYS CYS B . n 
B 1 36  SER 36  36  36 SER SER B . n 
B 1 37  GLY 37  37  37 GLY GLY B . n 
B 1 38  MET 38  38  38 MET MET B . n 
B 1 39  ALA 39  39  39 ALA ALA B . n 
B 1 40  TYR 40  40  40 TYR TYR B . n 
B 1 41  VAL 41  41  41 VAL VAL B . n 
B 1 42  LEU 42  42  42 LEU LEU B . n 
B 1 43  GLU 43  43  43 GLU GLU B . n 
B 1 44  PHE 44  44  44 PHE PHE B . n 
B 1 45  VAL 45  45  45 VAL VAL B . n 
B 1 46  ASP 46  46  46 ASP ASP B . n 
B 1 47  GLU 47  47  47 GLU GLU B . n 
B 1 48  PRO 48  48  48 PRO PRO B . n 
B 1 49  THR 49  49  49 THR THR B . n 
B 1 50  PRO 50  50  50 PRO PRO B . n 
B 1 51  GLU 51  51  51 GLU GLU B . n 
B 1 52  ASP 52  52  52 ASP ASP B . n 
B 1 53  ILE 53  53  53 ILE ILE B . n 
B 1 54  VAL 54  54  54 VAL VAL B . n 
B 1 55  PHE 55  55  55 PHE PHE B . n 
B 1 56  GLU 56  56  56 GLU GLU B . n 
B 1 57  ASP 57  57  57 ASP ASP B . n 
B 1 58  LYS 58  58  58 LYS LYS B . n 
B 1 59  GLY 59  59  59 GLY GLY B . n 
B 1 60  VAL 60  60  60 VAL VAL B . n 
B 1 61  LYS 61  61  61 LYS LYS B . n 
B 1 62  VAL 62  62  62 VAL VAL B . n 
B 1 63  VAL 63  63  63 VAL VAL B . n 
B 1 64  VAL 64  64  64 VAL VAL B . n 
B 1 65  ASP 65  65  65 ASP ASP B . n 
B 1 66  GLY 66  66  66 GLY GLY B . n 
B 1 67  LYS 67  67  67 LYS LYS B . n 
B 1 68  SER 68  68  68 SER SER B . n 
B 1 69  LEU 69  69  69 LEU LEU B . n 
B 1 70  GLN 70  70  70 GLN GLN B . n 
B 1 71  PHE 71  71  71 PHE PHE B . n 
B 1 72  LEU 72  72  72 LEU LEU B . n 
B 1 73  ASP 73  73  73 ASP ASP B . n 
B 1 74  GLY 74  74  74 GLY GLY B . n 
B 1 75  THR 75  75  75 THR THR B . n 
B 1 76  GLN 76  76  76 GLN GLN B . n 
B 1 77  LEU 77  77  77 LEU LEU B . n 
B 1 78  ASP 78  78  78 ASP ASP B . n 
B 1 79  PHE 79  79  79 PHE PHE B . n 
B 1 80  VAL 80  80  80 VAL VAL B . n 
B 1 81  LYS 81  81  81 LYS LYS B . n 
B 1 82  GLU 82  82  82 GLU GLU B . n 
B 1 83  GLY 83  83  83 GLY GLY B . n 
B 1 84  LEU 84  84  84 LEU LEU B . n 
B 1 85  ASN 85  85  85 ASN ASN B . n 
B 1 86  GLU 86  86  86 GLU GLU B . n 
B 1 87  GLY 87  87  87 GLY GLY B . n 
B 1 88  PHE 88  88  88 PHE PHE B . n 
B 1 89  LYS 89  89  89 LYS LYS B . n 
B 1 90  PHE 90  90  90 PHE PHE B . n 
B 1 91  THR 91  91  91 THR THR B . n 
B 1 92  ASN 92  92  92 ASN ASN B . n 
B 1 93  PRO 93  93  93 PRO PRO B . n 
B 1 94  ASN 94  94  94 ASN ASN B . n 
B 1 95  VAL 95  95  95 VAL VAL B . n 
B 1 96  LYS 96  96  96 LYS LYS B . n 
B 1 97  ASP 97  97  97 ASP ASP B . n 
B 1 98  GLU 98  98  ?  ?   ?   B . n 
B 1 99  CYS 99  99  ?  ?   ?   B . n 
B 1 100 GLY 100 100 ?  ?   ?   B . n 
B 1 101 CYS 101 101 ?  ?   ?   B . n 
B 1 102 GLY 102 102 ?  ?   ?   B . n 
B 1 103 GLU 103 103 ?  ?   ?   B . n 
B 1 104 SER 104 104 ?  ?   ?   B . n 
B 1 105 PHE 105 105 ?  ?   ?   B . n 
B 1 106 LYS 106 106 ?  ?   ?   B . n 
B 1 107 LEU 107 107 ?  ?   ?   B . n 
B 1 108 ALA 108 108 ?  ?   ?   B . n 
B 1 109 ALA 109 109 ?  ?   ?   B . n 
B 1 110 ALA 110 110 ?  ?   ?   B . n 
B 1 111 LEU 111 111 ?  ?   ?   B . n 
B 1 112 ASP 112 112 ?  ?   ?   B . n 
B 1 113 HIS 113 113 ?  ?   ?   B . n 
B 1 114 HIS 114 114 ?  ?   ?   B . n 
B 1 115 HIS 115 115 ?  ?   ?   B . n 
B 1 116 HIS 116 116 ?  ?   ?   B . n 
B 1 117 HIS 117 117 ?  ?   ?   B . n 
B 1 118 HIS 118 118 ?  ?   ?   B . n 
# 
loop_
_pdbx_nonpoly_scheme.asym_id 
_pdbx_nonpoly_scheme.entity_id 
_pdbx_nonpoly_scheme.mon_id 
_pdbx_nonpoly_scheme.ndb_seq_num 
_pdbx_nonpoly_scheme.pdb_seq_num 
_pdbx_nonpoly_scheme.auth_seq_num 
_pdbx_nonpoly_scheme.pdb_mon_id 
_pdbx_nonpoly_scheme.auth_mon_id 
_pdbx_nonpoly_scheme.pdb_strand_id 
_pdbx_nonpoly_scheme.pdb_ins_code 
C 2 HG  1  119 1  HG  HG  A . 
D 2 HG  1  119 1  HG  HG  B . 
E 3 HOH 1  120 1  HOH HOH A . 
E 3 HOH 2  121 2  HOH HOH A . 
E 3 HOH 3  122 3  HOH HOH A . 
E 3 HOH 4  123 7  HOH HOH A . 
E 3 HOH 5  124 8  HOH HOH A . 
E 3 HOH 6  125 10 HOH HOH A . 
E 3 HOH 7  126 13 HOH HOH A . 
E 3 HOH 8  127 16 HOH HOH A . 
E 3 HOH 9  128 18 HOH HOH A . 
E 3 HOH 10 129 19 HOH HOH A . 
E 3 HOH 11 130 21 HOH HOH A . 
E 3 HOH 12 131 24 HOH HOH A . 
E 3 HOH 13 132 25 HOH HOH A . 
E 3 HOH 14 133 26 HOH HOH A . 
E 3 HOH 15 134 29 HOH HOH A . 
E 3 HOH 16 135 30 HOH HOH A . 
E 3 HOH 17 136 31 HOH HOH A . 
E 3 HOH 18 137 33 HOH HOH A . 
E 3 HOH 19 138 34 HOH HOH A . 
E 3 HOH 20 139 36 HOH HOH A . 
E 3 HOH 21 140 37 HOH HOH A . 
E 3 HOH 22 141 39 HOH HOH A . 
E 3 HOH 23 142 40 HOH HOH A . 
E 3 HOH 24 143 44 HOH HOH A . 
E 3 HOH 25 144 45 HOH HOH A . 
E 3 HOH 26 145 48 HOH HOH A . 
E 3 HOH 27 146 49 HOH HOH A . 
E 3 HOH 28 147 51 HOH HOH A . 
E 3 HOH 29 148 52 HOH HOH A . 
E 3 HOH 30 149 53 HOH HOH A . 
E 3 HOH 31 150 55 HOH HOH A . 
E 3 HOH 32 151 58 HOH HOH A . 
E 3 HOH 33 152 59 HOH HOH A . 
E 3 HOH 34 153 60 HOH HOH A . 
E 3 HOH 35 154 65 HOH HOH A . 
E 3 HOH 36 155 69 HOH HOH A . 
E 3 HOH 37 156 70 HOH HOH A . 
E 3 HOH 38 157 71 HOH HOH A . 
E 3 HOH 39 158 74 HOH HOH A . 
E 3 HOH 40 159 75 HOH HOH A . 
E 3 HOH 41 160 76 HOH HOH A . 
E 3 HOH 42 161 79 HOH HOH A . 
E 3 HOH 43 162 80 HOH HOH A . 
F 3 HOH 1  120 4  HOH HOH B . 
F 3 HOH 2  121 5  HOH HOH B . 
F 3 HOH 3  122 6  HOH HOH B . 
F 3 HOH 4  123 9  HOH HOH B . 
F 3 HOH 5  124 11 HOH HOH B . 
F 3 HOH 6  125 12 HOH HOH B . 
F 3 HOH 7  126 14 HOH HOH B . 
F 3 HOH 8  127 15 HOH HOH B . 
F 3 HOH 9  128 17 HOH HOH B . 
F 3 HOH 10 129 20 HOH HOH B . 
F 3 HOH 11 130 22 HOH HOH B . 
F 3 HOH 12 131 23 HOH HOH B . 
F 3 HOH 13 132 27 HOH HOH B . 
F 3 HOH 14 133 28 HOH HOH B . 
F 3 HOH 15 134 32 HOH HOH B . 
F 3 HOH 16 135 35 HOH HOH B . 
F 3 HOH 17 136 38 HOH HOH B . 
F 3 HOH 18 137 41 HOH HOH B . 
F 3 HOH 19 138 42 HOH HOH B . 
F 3 HOH 20 139 43 HOH HOH B . 
F 3 HOH 21 140 46 HOH HOH B . 
F 3 HOH 22 141 47 HOH HOH B . 
F 3 HOH 23 142 50 HOH HOH B . 
F 3 HOH 24 143 54 HOH HOH B . 
F 3 HOH 25 144 56 HOH HOH B . 
F 3 HOH 26 145 57 HOH HOH B . 
F 3 HOH 27 146 61 HOH HOH B . 
F 3 HOH 28 147 62 HOH HOH B . 
F 3 HOH 29 148 63 HOH HOH B . 
F 3 HOH 30 149 64 HOH HOH B . 
F 3 HOH 31 150 66 HOH HOH B . 
F 3 HOH 32 151 67 HOH HOH B . 
F 3 HOH 33 152 68 HOH HOH B . 
F 3 HOH 34 153 72 HOH HOH B . 
F 3 HOH 35 154 73 HOH HOH B . 
F 3 HOH 36 155 77 HOH HOH B . 
F 3 HOH 37 156 78 HOH HOH B . 
F 3 HOH 38 157 81 HOH HOH B . 
F 3 HOH 39 158 82 HOH HOH B . 
F 3 HOH 40 159 83 HOH HOH B . 
F 3 HOH 41 160 84 HOH HOH B . 
F 3 HOH 42 161 85 HOH HOH B . 
# 
loop_
_pdbx_unobs_or_zero_occ_atoms.id 
_pdbx_unobs_or_zero_occ_atoms.PDB_model_num 
_pdbx_unobs_or_zero_occ_atoms.polymer_flag 
_pdbx_unobs_or_zero_occ_atoms.occupancy_flag 
_pdbx_unobs_or_zero_occ_atoms.auth_asym_id 
_pdbx_unobs_or_zero_occ_atoms.auth_comp_id 
_pdbx_unobs_or_zero_occ_atoms.auth_seq_id 
_pdbx_unobs_or_zero_occ_atoms.PDB_ins_code 
_pdbx_unobs_or_zero_occ_atoms.auth_atom_id 
_pdbx_unobs_or_zero_occ_atoms.label_alt_id 
_pdbx_unobs_or_zero_occ_atoms.label_asym_id 
_pdbx_unobs_or_zero_occ_atoms.label_comp_id 
_pdbx_unobs_or_zero_occ_atoms.label_seq_id 
_pdbx_unobs_or_zero_occ_atoms.label_atom_id 
1 1 Y 1 A MET 1 ? CG ? A MET 1 CG 
2 1 Y 1 A MET 1 ? SD ? A MET 1 SD 
3 1 Y 1 A MET 1 ? CE ? A MET 1 CE 
4 1 Y 1 B MET 1 ? CG ? B MET 1 CG 
5 1 Y 1 B MET 1 ? SD ? B MET 1 SD 
6 1 Y 1 B MET 1 ? CE ? B MET 1 CE 
# 
loop_
_software.name 
_software.classification 
_software.version 
_software.citation_id 
_software.pdbx_ordinal 
REFMAC    refinement        5.1.24 ? 1 
MAR345    'data collection' .      ? 2 
SCALEPACK 'data scaling'    .      ? 3 
CNS       phasing           .      ? 4 
# 
_cell.entry_id           1R94 
_cell.length_a           55.337 
_cell.length_b           55.337 
_cell.length_c           159.835 
_cell.angle_alpha        90.00 
_cell.angle_beta         90.00 
_cell.angle_gamma        120.00 
_cell.Z_PDB              12 
_cell.pdbx_unique_axis   ? 
# 
_symmetry.entry_id                         1R94 
_symmetry.space_group_name_H-M             'P 62' 
_symmetry.pdbx_full_space_group_name_H-M   ? 
_symmetry.cell_setting                     ? 
_symmetry.Int_Tables_number                171 
# 
_exptl.entry_id          1R94 
_exptl.method            'X-RAY DIFFRACTION' 
_exptl.crystals_number   1 
# 
_exptl_crystal.id                    1 
_exptl_crystal.density_meas          ? 
_exptl_crystal.density_Matthews      2.75 
_exptl_crystal.density_percent_sol   55.27 
_exptl_crystal.description           ? 
# 
_exptl_crystal_grow.crystal_id      1 
_exptl_crystal_grow.method          ? 
_exptl_crystal_grow.temp            298 
_exptl_crystal_grow.temp_details    ? 
_exptl_crystal_grow.pH              8.00 
_exptl_crystal_grow.pdbx_details    
'dibasic ammonium phosphate, imidazole, pH 8.0, VAPOR DIFFUSION, HANGING DROP, temperature 298K, pH 8.00' 
_exptl_crystal_grow.pdbx_pH_range   . 
# 
_diffrn.id                     1 
_diffrn.ambient_temp           100.0 
_diffrn.ambient_temp_details   ? 
_diffrn.crystal_id             1 
# 
_diffrn_detector.diffrn_id              1 
_diffrn_detector.detector               'IMAGE PLATE' 
_diffrn_detector.type                   MARRESEARCH 
_diffrn_detector.pdbx_collection_date   ? 
_diffrn_detector.details                ? 
# 
_diffrn_radiation.diffrn_id                        1 
_diffrn_radiation.wavelength_id                    1 
_diffrn_radiation.pdbx_monochromatic_or_laue_m_l   M 
_diffrn_radiation.monochromator                    'OSMIC MIRRORS' 
_diffrn_radiation.pdbx_diffrn_protocol             'SINGLE WAVELENGTH' 
_diffrn_radiation.pdbx_scattering_type             x-ray 
# 
_diffrn_radiation_wavelength.id           1 
_diffrn_radiation_wavelength.wavelength   1.5418 
_diffrn_radiation_wavelength.wt           1.0 
# 
_diffrn_source.diffrn_id                   1 
_diffrn_source.source                      'ROTATING ANODE' 
_diffrn_source.type                        'ENRAF-NONIUS FR591' 
_diffrn_source.pdbx_synchrotron_site       ? 
_diffrn_source.pdbx_synchrotron_beamline   ? 
_diffrn_source.pdbx_wavelength             1.5418 
_diffrn_source.pdbx_wavelength_list        ? 
# 
_reflns.entry_id                     1R94 
_reflns.observed_criterion_sigma_I   -3.000 
_reflns.observed_criterion_sigma_F   ? 
_reflns.d_resolution_low             500.000 
_reflns.d_resolution_high            2.300 
_reflns.number_obs                   12243 
_reflns.number_all                   ? 
_reflns.percent_possible_obs         99.4 
_reflns.pdbx_Rmerge_I_obs            ? 
_reflns.pdbx_Rsym_value              0.063 
_reflns.pdbx_netI_over_sigmaI        38.0 
_reflns.B_iso_Wilson_estimate        44.2 
_reflns.pdbx_redundancy              5.6 
_reflns.R_free_details               ? 
_reflns.limit_h_max                  ? 
_reflns.limit_h_min                  ? 
_reflns.limit_k_max                  ? 
_reflns.limit_k_min                  ? 
_reflns.limit_l_max                  ? 
_reflns.limit_l_min                  ? 
_reflns.observed_criterion_F_max     ? 
_reflns.observed_criterion_F_min     ? 
_reflns.pdbx_diffrn_id               1 
_reflns.pdbx_ordinal                 1 
# 
_reflns_shell.d_res_high             2.30 
_reflns_shell.d_res_low              2.40 
_reflns_shell.percent_possible_all   99.1 
_reflns_shell.Rmerge_I_obs           ? 
_reflns_shell.pdbx_Rsym_value        0.457 
_reflns_shell.meanI_over_sigI_obs    5.5 
_reflns_shell.pdbx_redundancy        5.3 
_reflns_shell.percent_possible_obs   ? 
_reflns_shell.number_unique_all      ? 
_reflns_shell.pdbx_diffrn_id         ? 
_reflns_shell.pdbx_ordinal           1 
# 
_refine.entry_id                                 1R94 
_refine.ls_number_reflns_obs                     11110 
_refine.ls_number_reflns_all                     ? 
_refine.pdbx_ls_sigma_I                          ? 
_refine.pdbx_ls_sigma_F                          0.000 
_refine.pdbx_data_cutoff_high_absF               ? 
_refine.pdbx_data_cutoff_low_absF                ? 
_refine.pdbx_data_cutoff_high_rms_absF           ? 
_refine.ls_d_res_low                             27.22 
_refine.ls_d_res_high                            2.30 
_refine.ls_percent_reflns_obs                    95.2 
_refine.ls_R_factor_obs                          0.231 
_refine.ls_R_factor_all                          ? 
_refine.ls_R_factor_R_work                       0.229 
_refine.ls_R_factor_R_free                       0.263 
_refine.ls_R_factor_R_free_error                 ? 
_refine.ls_R_factor_R_free_error_details         ? 
_refine.ls_percent_reflns_R_free                 5.000 
_refine.ls_number_reflns_R_free                  580 
_refine.ls_number_parameters                     ? 
_refine.ls_number_restraints                     ? 
_refine.occupancy_min                            ? 
_refine.occupancy_max                            ? 
_refine.correlation_coeff_Fo_to_Fc               0.925 
_refine.correlation_coeff_Fo_to_Fc_free          0.908 
_refine.B_iso_mean                               43.78 
_refine.aniso_B[1][1]                            -0.11000 
_refine.aniso_B[2][2]                            -0.11000 
_refine.aniso_B[3][3]                            0.17000 
_refine.aniso_B[1][2]                            -0.06000 
_refine.aniso_B[1][3]                            0.00000 
_refine.aniso_B[2][3]                            0.00000 
_refine.solvent_model_details                    'BABINET MODEL WITH MASK' 
_refine.solvent_model_param_ksol                 ? 
_refine.solvent_model_param_bsol                 ? 
_refine.pdbx_solvent_vdw_probe_radii             1.40 
_refine.pdbx_solvent_ion_probe_radii             0.80 
_refine.pdbx_solvent_shrinkage_radii             0.80 
_refine.pdbx_ls_cross_valid_method               THROUGHOUT 
_refine.details                                  ? 
_refine.pdbx_starting_model                      ? 
_refine.pdbx_method_to_determine_struct          SIR 
_refine.pdbx_isotropic_thermal_model             ? 
_refine.pdbx_stereochemistry_target_values       'MAXIMUM LIKELIHOOD' 
_refine.pdbx_stereochem_target_val_spec_case     ? 
_refine.pdbx_R_Free_selection_details            RANDOM 
_refine.pdbx_overall_ESU_R                       0.308 
_refine.pdbx_overall_ESU_R_Free                  0.234 
_refine.overall_SU_ML                            0.172 
_refine.overall_SU_B                             7.381 
_refine.ls_redundancy_reflns_obs                 ? 
_refine.B_iso_min                                ? 
_refine.B_iso_max                                ? 
_refine.overall_SU_R_Cruickshank_DPI             ? 
_refine.overall_SU_R_free                        ? 
_refine.pdbx_refine_id                           'X-RAY DIFFRACTION' 
_refine.pdbx_diffrn_id                           1 
_refine.pdbx_TLS_residual_ADP_flag               ? 
_refine.pdbx_overall_phase_error                 ? 
_refine.pdbx_overall_SU_R_free_Cruickshank_DPI   ? 
_refine.pdbx_overall_SU_R_Blow_DPI               ? 
_refine.pdbx_overall_SU_R_free_Blow_DPI          ? 
# 
_refine_hist.pdbx_refine_id                   'X-RAY DIFFRACTION' 
_refine_hist.cycle_id                         LAST 
_refine_hist.pdbx_number_atoms_protein        1470 
_refine_hist.pdbx_number_atoms_nucleic_acid   0 
_refine_hist.pdbx_number_atoms_ligand         2 
_refine_hist.number_atoms_solvent             85 
_refine_hist.number_atoms_total               1557 
_refine_hist.d_res_high                       2.30 
_refine_hist.d_res_low                        27.22 
# 
loop_
_refine_ls_restr.type 
_refine_ls_restr.dev_ideal 
_refine_ls_restr.dev_ideal_target 
_refine_ls_restr.weight 
_refine_ls_restr.number 
_refine_ls_restr.pdbx_refine_id 
_refine_ls_restr.pdbx_restraint_function 
r_bond_refined_d         0.014 0.022 ? 1492 'X-RAY DIFFRACTION' ? 
r_bond_other_d           ?     ?     ? ?    'X-RAY DIFFRACTION' ? 
r_angle_refined_deg      1.514 1.968 ? 2010 'X-RAY DIFFRACTION' ? 
r_angle_other_deg        ?     ?     ? ?    'X-RAY DIFFRACTION' ? 
r_dihedral_angle_1_deg   7.515 5.000 ? 192  'X-RAY DIFFRACTION' ? 
r_dihedral_angle_2_deg   ?     ?     ? ?    'X-RAY DIFFRACTION' ? 
r_dihedral_angle_3_deg   ?     ?     ? ?    'X-RAY DIFFRACTION' ? 
r_dihedral_angle_4_deg   ?     ?     ? ?    'X-RAY DIFFRACTION' ? 
r_chiral_restr           0.091 0.200 ? 228  'X-RAY DIFFRACTION' ? 
r_gen_planes_refined     0.006 0.020 ? 1128 'X-RAY DIFFRACTION' ? 
r_gen_planes_other       ?     ?     ? ?    'X-RAY DIFFRACTION' ? 
r_nbd_refined            0.219 0.200 ? 556  'X-RAY DIFFRACTION' ? 
r_nbd_other              ?     ?     ? ?    'X-RAY DIFFRACTION' ? 
r_nbtor_refined          ?     ?     ? ?    'X-RAY DIFFRACTION' ? 
r_nbtor_other            ?     ?     ? ?    'X-RAY DIFFRACTION' ? 
r_xyhbond_nbd_refined    0.198 0.200 ? 82   'X-RAY DIFFRACTION' ? 
r_xyhbond_nbd_other      ?     ?     ? ?    'X-RAY DIFFRACTION' ? 
r_metal_ion_refined      ?     ?     ? ?    'X-RAY DIFFRACTION' ? 
r_metal_ion_other        ?     ?     ? ?    'X-RAY DIFFRACTION' ? 
r_symmetry_vdw_refined   0.180 0.200 ? 79   'X-RAY DIFFRACTION' ? 
r_symmetry_vdw_other     ?     ?     ? ?    'X-RAY DIFFRACTION' ? 
r_symmetry_hbond_refined 0.249 0.200 ? 14   'X-RAY DIFFRACTION' ? 
r_symmetry_hbond_other   ?     ?     ? ?    'X-RAY DIFFRACTION' ? 
r_mcbond_it              0.919 1.500 ? 952  'X-RAY DIFFRACTION' ? 
r_mcbond_other           ?     ?     ? ?    'X-RAY DIFFRACTION' ? 
r_mcangle_it             1.756 2.000 ? 1524 'X-RAY DIFFRACTION' ? 
r_scbond_it              2.306 3.000 ? 540  'X-RAY DIFFRACTION' ? 
r_scangle_it             4.010 4.500 ? 486  'X-RAY DIFFRACTION' ? 
r_rigid_bond_restr       ?     ?     ? ?    'X-RAY DIFFRACTION' ? 
r_sphericity_free        ?     ?     ? ?    'X-RAY DIFFRACTION' ? 
r_sphericity_bonded      ?     ?     ? ?    'X-RAY DIFFRACTION' ? 
# 
loop_
_refine_ls_restr_ncs.dom_id 
_refine_ls_restr_ncs.pdbx_type 
_refine_ls_restr_ncs.pdbx_auth_asym_id 
_refine_ls_restr_ncs.pdbx_number 
_refine_ls_restr_ncs.rms_dev_position 
_refine_ls_restr_ncs.weight_position 
_refine_ls_restr_ncs.pdbx_ens_id 
_refine_ls_restr_ncs.pdbx_refine_id 
_refine_ls_restr_ncs.pdbx_ordinal 
_refine_ls_restr_ncs.ncs_model_details 
_refine_ls_restr_ncs.rms_dev_B_iso 
_refine_ls_restr_ncs.weight_B_iso 
_refine_ls_restr_ncs.pdbx_asym_id 
_refine_ls_restr_ncs.pdbx_rms 
_refine_ls_restr_ncs.pdbx_weight 
1 'tight positional' A 736 0.02 0.05 1 'X-RAY DIFFRACTION' 1 ? ? ? ? ? ? 
2 'tight thermal'    A 736 0.06 0.50 1 'X-RAY DIFFRACTION' 2 ? ? ? ? ? ? 
# 
_refine_ls_shell.pdbx_total_number_of_bins_used   20 
_refine_ls_shell.d_res_high                       2.30 
_refine_ls_shell.d_res_low                        2.36 
_refine_ls_shell.number_reflns_R_work             696 
_refine_ls_shell.R_factor_R_work                  0.304 
_refine_ls_shell.percent_reflns_obs               ? 
_refine_ls_shell.R_factor_R_free                  0.391 
_refine_ls_shell.R_factor_R_free_error            ? 
_refine_ls_shell.percent_reflns_R_free            ? 
_refine_ls_shell.number_reflns_R_free             32 
_refine_ls_shell.redundancy_reflns_obs            ? 
_refine_ls_shell.number_reflns_all                ? 
_refine_ls_shell.number_reflns_obs                ? 
_refine_ls_shell.pdbx_refine_id                   'X-RAY DIFFRACTION' 
_refine_ls_shell.R_factor_all                     ? 
# 
loop_
_struct_ncs_dom.pdbx_ens_id 
_struct_ncs_dom.id 
_struct_ncs_dom.details 
1 1 A 
1 2 A 
# 
loop_
_struct_ncs_dom_lim.pdbx_ens_id 
_struct_ncs_dom_lim.dom_id 
_struct_ncs_dom_lim.pdbx_component_id 
_struct_ncs_dom_lim.beg_label_asym_id 
_struct_ncs_dom_lim.beg_label_comp_id 
_struct_ncs_dom_lim.beg_label_seq_id 
_struct_ncs_dom_lim.beg_label_alt_id 
_struct_ncs_dom_lim.end_label_asym_id 
_struct_ncs_dom_lim.end_label_comp_id 
_struct_ncs_dom_lim.end_label_seq_id 
_struct_ncs_dom_lim.end_label_alt_id 
_struct_ncs_dom_lim.beg_auth_asym_id 
_struct_ncs_dom_lim.beg_auth_comp_id 
_struct_ncs_dom_lim.beg_auth_seq_id 
_struct_ncs_dom_lim.end_auth_asym_id 
_struct_ncs_dom_lim.end_auth_comp_id 
_struct_ncs_dom_lim.end_auth_seq_id 
_struct_ncs_dom_lim.pdbx_refine_code 
_struct_ncs_dom_lim.selection_details 
1 1 1 A MET 1 . A ASP 97 . A MET 1 A ASP 97 1 ? 
1 2 1 B MET 1 . B ASP 97 . B MET 1 B ASP 97 1 ? 
# 
_struct_ncs_ens.id            1 
_struct_ncs_ens.details       ? 
_struct_ncs_ens.point_group   ? 
# 
_struct.entry_id                  1R94 
_struct.title                     'Crystal Structure of IscA (MERCURY DERIVATIVE)' 
_struct.pdbx_model_details        ? 
_struct.pdbx_CASP_flag            ? 
_struct.pdbx_model_type_details   ? 
# 
_struct_keywords.entry_id        1R94 
_struct_keywords.pdbx_keywords   'METAL TRANSPORT' 
_struct_keywords.text            'TETRAMERIC, BETA BARREL, IRON-SULFUR CLUSTER PROTEIN, PSEUDO-SYMMETRIC MOTIFS, METAL TRANSPORT' 
# 
loop_
_struct_asym.id 
_struct_asym.pdbx_blank_PDB_chainid_flag 
_struct_asym.pdbx_modified 
_struct_asym.entity_id 
_struct_asym.details 
A N N 1 ? 
B N N 1 ? 
C N N 2 ? 
D N N 2 ? 
E N N 3 ? 
F N N 3 ? 
# 
_struct_ref.id                         1 
_struct_ref.db_name                    UNP 
_struct_ref.db_code                    YFHF_ECOLI 
_struct_ref.pdbx_db_accession          P0AAC8 
_struct_ref.entity_id                  1 
_struct_ref.pdbx_seq_one_letter_code   
;MSITLSDSAAARVNTFLANRGKGFGLRLGVRTSGCSGMAYVLEFVDEPTPEDIVFEDKGVKVVVDGKSLQFLDGTQLDFV
KEGLNEGFKFTNPNVKDECGCGESF
;
_struct_ref.pdbx_align_begin           1 
_struct_ref.pdbx_db_isoform            ? 
# 
loop_
_struct_ref_seq.align_id 
_struct_ref_seq.ref_id 
_struct_ref_seq.pdbx_PDB_id_code 
_struct_ref_seq.pdbx_strand_id 
_struct_ref_seq.seq_align_beg 
_struct_ref_seq.pdbx_seq_align_beg_ins_code 
_struct_ref_seq.seq_align_end 
_struct_ref_seq.pdbx_seq_align_end_ins_code 
_struct_ref_seq.pdbx_db_accession 
_struct_ref_seq.db_align_beg 
_struct_ref_seq.pdbx_db_align_beg_ins_code 
_struct_ref_seq.db_align_end 
_struct_ref_seq.pdbx_db_align_end_ins_code 
_struct_ref_seq.pdbx_auth_seq_align_beg 
_struct_ref_seq.pdbx_auth_seq_align_end 
1 1 1R94 A 1 ? 105 ? P0AAC8 1 ? 105 ? 1 105 
2 1 1R94 B 1 ? 105 ? P0AAC8 1 ? 105 ? 1 105 
# 
loop_
_struct_ref_seq_dif.align_id 
_struct_ref_seq_dif.pdbx_pdb_id_code 
_struct_ref_seq_dif.mon_id 
_struct_ref_seq_dif.pdbx_pdb_strand_id 
_struct_ref_seq_dif.seq_num 
_struct_ref_seq_dif.pdbx_pdb_ins_code 
_struct_ref_seq_dif.pdbx_seq_db_name 
_struct_ref_seq_dif.pdbx_seq_db_accession_code 
_struct_ref_seq_dif.db_mon_id 
_struct_ref_seq_dif.pdbx_seq_db_seq_num 
_struct_ref_seq_dif.details 
_struct_ref_seq_dif.pdbx_auth_seq_num 
_struct_ref_seq_dif.pdbx_ordinal 
1 1R94 LYS A 106 ? UNP P0AAC8 ? ? 'cloning artifact' 106 1  
1 1R94 LEU A 107 ? UNP P0AAC8 ? ? 'cloning artifact' 107 2  
1 1R94 ALA A 108 ? UNP P0AAC8 ? ? 'cloning artifact' 108 3  
1 1R94 ALA A 109 ? UNP P0AAC8 ? ? 'cloning artifact' 109 4  
1 1R94 ALA A 110 ? UNP P0AAC8 ? ? 'cloning artifact' 110 5  
1 1R94 LEU A 111 ? UNP P0AAC8 ? ? 'cloning artifact' 111 6  
1 1R94 ASP A 112 ? UNP P0AAC8 ? ? 'cloning artifact' 112 7  
1 1R94 HIS A 113 ? UNP P0AAC8 ? ? 'expression tag'   113 8  
1 1R94 HIS A 114 ? UNP P0AAC8 ? ? 'expression tag'   114 9  
1 1R94 HIS A 115 ? UNP P0AAC8 ? ? 'expression tag'   115 10 
1 1R94 HIS A 116 ? UNP P0AAC8 ? ? 'expression tag'   116 11 
1 1R94 HIS A 117 ? UNP P0AAC8 ? ? 'expression tag'   117 12 
1 1R94 HIS A 118 ? UNP P0AAC8 ? ? 'expression tag'   118 13 
2 1R94 LYS B 106 ? UNP P0AAC8 ? ? 'cloning artifact' 106 14 
2 1R94 LEU B 107 ? UNP P0AAC8 ? ? 'cloning artifact' 107 15 
2 1R94 ALA B 108 ? UNP P0AAC8 ? ? 'cloning artifact' 108 16 
2 1R94 ALA B 109 ? UNP P0AAC8 ? ? 'cloning artifact' 109 17 
2 1R94 ALA B 110 ? UNP P0AAC8 ? ? 'cloning artifact' 110 18 
2 1R94 LEU B 111 ? UNP P0AAC8 ? ? 'cloning artifact' 111 19 
2 1R94 ASP B 112 ? UNP P0AAC8 ? ? 'cloning artifact' 112 20 
2 1R94 HIS B 113 ? UNP P0AAC8 ? ? 'expression tag'   113 21 
2 1R94 HIS B 114 ? UNP P0AAC8 ? ? 'expression tag'   114 22 
2 1R94 HIS B 115 ? UNP P0AAC8 ? ? 'expression tag'   115 23 
2 1R94 HIS B 116 ? UNP P0AAC8 ? ? 'expression tag'   116 24 
2 1R94 HIS B 117 ? UNP P0AAC8 ? ? 'expression tag'   117 25 
2 1R94 HIS B 118 ? UNP P0AAC8 ? ? 'expression tag'   118 26 
# 
_pdbx_struct_assembly.id                   1 
_pdbx_struct_assembly.details              author_defined_assembly 
_pdbx_struct_assembly.method_details       ? 
_pdbx_struct_assembly.oligomeric_details   tetrameric 
_pdbx_struct_assembly.oligomeric_count     4 
# 
_pdbx_struct_assembly_gen.assembly_id       1 
_pdbx_struct_assembly_gen.oper_expression   1,2 
_pdbx_struct_assembly_gen.asym_id_list      A,B,C,D,E,F 
# 
loop_
_pdbx_struct_oper_list.id 
_pdbx_struct_oper_list.type 
_pdbx_struct_oper_list.name 
_pdbx_struct_oper_list.symmetry_operation 
_pdbx_struct_oper_list.matrix[1][1] 
_pdbx_struct_oper_list.matrix[1][2] 
_pdbx_struct_oper_list.matrix[1][3] 
_pdbx_struct_oper_list.vector[1] 
_pdbx_struct_oper_list.matrix[2][1] 
_pdbx_struct_oper_list.matrix[2][2] 
_pdbx_struct_oper_list.matrix[2][3] 
_pdbx_struct_oper_list.vector[2] 
_pdbx_struct_oper_list.matrix[3][1] 
_pdbx_struct_oper_list.matrix[3][2] 
_pdbx_struct_oper_list.matrix[3][3] 
_pdbx_struct_oper_list.vector[3] 
1 'identity operation'         1_555 x,y,z       1.0000000000  0.0000000000  0.0000000000  0.0000000000  0.0000000000  1.0000000000  0.0000000000 0.0000000000   0.0000000000  0.0000000000 1.0000000000  0.0000000000  
2 'crystal symmetry operation' 4_775 -x+2,-y+2,z -0.3321738754 -0.6082004274 -0.7209388022 -1.5600147232 -0.6082004274 -0.4461016927 0.6565710318 -20.0357151680 -0.7209388022 0.6565710318 -0.2217244318 15.4575005648 
# 
_struct_biol.id                    1 
_struct_biol.details               
;The biological assembly comprises two possible tetramers (A,B). tetramer A is generated from either monomer in asymmetric unit using the following symmetry operators: -x,-y, z and -y,x-y,z+2/3 and y,-x+y,z+2/3. Tetramer B is generated from the dimer in the asymmetric unit and the symmetry operator -x,-y,z.
;
_struct_biol.pdbx_parent_biol_id   ? 
# 
loop_
_struct_conf.conf_type_id 
_struct_conf.id 
_struct_conf.pdbx_PDB_helix_id 
_struct_conf.beg_label_comp_id 
_struct_conf.beg_label_asym_id 
_struct_conf.beg_label_seq_id 
_struct_conf.pdbx_beg_PDB_ins_code 
_struct_conf.end_label_comp_id 
_struct_conf.end_label_asym_id 
_struct_conf.end_label_seq_id 
_struct_conf.pdbx_end_PDB_ins_code 
_struct_conf.beg_auth_comp_id 
_struct_conf.beg_auth_asym_id 
_struct_conf.beg_auth_seq_id 
_struct_conf.end_auth_comp_id 
_struct_conf.end_auth_asym_id 
_struct_conf.end_auth_seq_id 
_struct_conf.pdbx_PDB_helix_class 
_struct_conf.details 
_struct_conf.pdbx_PDB_helix_length 
HELX_P HELX_P1 1 SER A 6  ? GLY A 21 ? SER A 6  GLY A 21 1 ? 16 
HELX_P HELX_P2 2 SER A 68 ? ASP A 73 ? SER A 68 ASP A 73 1 ? 6  
HELX_P HELX_P3 3 SER B 6  ? GLY B 21 ? SER B 6  GLY B 21 1 ? 16 
HELX_P HELX_P4 4 SER B 68 ? ASP B 73 ? SER B 68 ASP B 73 1 ? 6  
# 
_struct_conf_type.id          HELX_P 
_struct_conf_type.criteria    ? 
_struct_conf_type.reference   ? 
# 
loop_
_struct_conn.id 
_struct_conn.conn_type_id 
_struct_conn.pdbx_leaving_atom_flag 
_struct_conn.pdbx_PDB_id 
_struct_conn.ptnr1_label_asym_id 
_struct_conn.ptnr1_label_comp_id 
_struct_conn.ptnr1_label_seq_id 
_struct_conn.ptnr1_label_atom_id 
_struct_conn.pdbx_ptnr1_label_alt_id 
_struct_conn.pdbx_ptnr1_PDB_ins_code 
_struct_conn.pdbx_ptnr1_standard_comp_id 
_struct_conn.ptnr1_symmetry 
_struct_conn.ptnr2_label_asym_id 
_struct_conn.ptnr2_label_comp_id 
_struct_conn.ptnr2_label_seq_id 
_struct_conn.ptnr2_label_atom_id 
_struct_conn.pdbx_ptnr2_label_alt_id 
_struct_conn.pdbx_ptnr2_PDB_ins_code 
_struct_conn.ptnr1_auth_asym_id 
_struct_conn.ptnr1_auth_comp_id 
_struct_conn.ptnr1_auth_seq_id 
_struct_conn.ptnr2_auth_asym_id 
_struct_conn.ptnr2_auth_comp_id 
_struct_conn.ptnr2_auth_seq_id 
_struct_conn.ptnr2_symmetry 
_struct_conn.pdbx_ptnr3_label_atom_id 
_struct_conn.pdbx_ptnr3_label_seq_id 
_struct_conn.pdbx_ptnr3_label_comp_id 
_struct_conn.pdbx_ptnr3_label_asym_id 
_struct_conn.pdbx_ptnr3_label_alt_id 
_struct_conn.pdbx_ptnr3_PDB_ins_code 
_struct_conn.details 
_struct_conn.pdbx_dist_value 
_struct_conn.pdbx_value_order 
_struct_conn.pdbx_role 
metalc1 metalc ? ? A CYS 35 SG ? ? ? 4_775 C HG . HG ? ? A CYS 35 A HG 119 1_555 ? ? ? ? ? ? ? 2.808 ? ? 
metalc2 metalc ? ? B CYS 35 SG ? ? ? 4_775 D HG . HG ? ? B CYS 35 B HG 119 1_555 ? ? ? ? ? ? ? 2.773 ? ? 
# 
_struct_conn_type.id          metalc 
_struct_conn_type.criteria    ? 
_struct_conn_type.reference   ? 
# 
loop_
_struct_sheet.id 
_struct_sheet.type 
_struct_sheet.number_strands 
_struct_sheet.details 
A ? 3 ? 
B ? 4 ? 
C ? 3 ? 
D ? 4 ? 
# 
loop_
_struct_sheet_order.sheet_id 
_struct_sheet_order.range_id_1 
_struct_sheet_order.range_id_2 
_struct_sheet_order.offset 
_struct_sheet_order.sense 
A 1 2 ? parallel      
A 2 3 ? anti-parallel 
B 1 2 ? anti-parallel 
B 2 3 ? parallel      
B 3 4 ? anti-parallel 
C 1 2 ? parallel      
C 2 3 ? anti-parallel 
D 1 2 ? anti-parallel 
D 2 3 ? parallel      
D 3 4 ? anti-parallel 
# 
loop_
_struct_sheet_range.sheet_id 
_struct_sheet_range.id 
_struct_sheet_range.beg_label_comp_id 
_struct_sheet_range.beg_label_asym_id 
_struct_sheet_range.beg_label_seq_id 
_struct_sheet_range.pdbx_beg_PDB_ins_code 
_struct_sheet_range.end_label_comp_id 
_struct_sheet_range.end_label_asym_id 
_struct_sheet_range.end_label_seq_id 
_struct_sheet_range.pdbx_end_PDB_ins_code 
_struct_sheet_range.beg_auth_comp_id 
_struct_sheet_range.beg_auth_asym_id 
_struct_sheet_range.beg_auth_seq_id 
_struct_sheet_range.end_auth_comp_id 
_struct_sheet_range.end_auth_asym_id 
_struct_sheet_range.end_auth_seq_id 
A 1 THR A 4  ? LEU A 5  ? THR A 4  LEU A 5  
A 2 GLN A 76 ? GLU A 82 ? GLN A 76 GLU A 82 
A 3 ASN A 85 ? THR A 91 ? ASN A 85 THR A 91 
B 1 MET A 38 ? VAL A 45 ? MET A 38 VAL A 45 
B 2 GLY A 25 ? THR A 32 ? GLY A 25 THR A 32 
B 3 VAL A 60 ? ASP A 65 ? VAL A 60 ASP A 65 
B 4 ASP A 52 ? ASP A 57 ? ASP A 52 ASP A 57 
C 1 THR B 4  ? LEU B 5  ? THR B 4  LEU B 5  
C 2 GLN B 76 ? GLU B 82 ? GLN B 76 GLU B 82 
C 3 ASN B 85 ? THR B 91 ? ASN B 85 THR B 91 
D 1 MET B 38 ? VAL B 45 ? MET B 38 VAL B 45 
D 2 GLY B 25 ? THR B 32 ? GLY B 25 THR B 32 
D 3 VAL B 60 ? ASP B 65 ? VAL B 60 ASP B 65 
D 4 ASP B 52 ? ASP B 57 ? ASP B 52 ASP B 57 
# 
loop_
_pdbx_struct_sheet_hbond.sheet_id 
_pdbx_struct_sheet_hbond.range_id_1 
_pdbx_struct_sheet_hbond.range_id_2 
_pdbx_struct_sheet_hbond.range_1_label_atom_id 
_pdbx_struct_sheet_hbond.range_1_label_comp_id 
_pdbx_struct_sheet_hbond.range_1_label_asym_id 
_pdbx_struct_sheet_hbond.range_1_label_seq_id 
_pdbx_struct_sheet_hbond.range_1_PDB_ins_code 
_pdbx_struct_sheet_hbond.range_1_auth_atom_id 
_pdbx_struct_sheet_hbond.range_1_auth_comp_id 
_pdbx_struct_sheet_hbond.range_1_auth_asym_id 
_pdbx_struct_sheet_hbond.range_1_auth_seq_id 
_pdbx_struct_sheet_hbond.range_2_label_atom_id 
_pdbx_struct_sheet_hbond.range_2_label_comp_id 
_pdbx_struct_sheet_hbond.range_2_label_asym_id 
_pdbx_struct_sheet_hbond.range_2_label_seq_id 
_pdbx_struct_sheet_hbond.range_2_PDB_ins_code 
_pdbx_struct_sheet_hbond.range_2_auth_atom_id 
_pdbx_struct_sheet_hbond.range_2_auth_comp_id 
_pdbx_struct_sheet_hbond.range_2_auth_asym_id 
_pdbx_struct_sheet_hbond.range_2_auth_seq_id 
A 1 2 N THR A 4  ? N THR A 4  O LEU A 77 ? O LEU A 77 
A 2 3 N GLU A 82 ? N GLU A 82 O ASN A 85 ? O ASN A 85 
B 1 2 O ALA A 39 ? O ALA A 39 N ARG A 31 ? N ARG A 31 
B 2 3 N LEU A 26 ? N LEU A 26 O VAL A 63 ? O VAL A 63 
B 3 4 O VAL A 64 ? O VAL A 64 N ILE A 53 ? N ILE A 53 
C 1 2 N THR B 4  ? N THR B 4  O LEU B 77 ? O LEU B 77 
C 2 3 N GLU B 82 ? N GLU B 82 O ASN B 85 ? O ASN B 85 
D 1 2 O ALA B 39 ? O ALA B 39 N ARG B 31 ? N ARG B 31 
D 2 3 N LEU B 26 ? N LEU B 26 O VAL B 63 ? O VAL B 63 
D 3 4 O VAL B 64 ? O VAL B 64 N ILE B 53 ? N ILE B 53 
# 
loop_
_struct_site.id 
_struct_site.pdbx_evidence_code 
_struct_site.pdbx_auth_asym_id 
_struct_site.pdbx_auth_comp_id 
_struct_site.pdbx_auth_seq_id 
_struct_site.pdbx_auth_ins_code 
_struct_site.pdbx_num_residues 
_struct_site.details 
AC1 Software A HG 119 ? 2 'BINDING SITE FOR RESIDUE HG A 119' 
AC2 Software B HG 119 ? 1 'BINDING SITE FOR RESIDUE HG B 119' 
# 
loop_
_struct_site_gen.id 
_struct_site_gen.site_id 
_struct_site_gen.pdbx_num_res 
_struct_site_gen.label_comp_id 
_struct_site_gen.label_asym_id 
_struct_site_gen.label_seq_id 
_struct_site_gen.pdbx_auth_ins_code 
_struct_site_gen.auth_comp_id 
_struct_site_gen.auth_asym_id 
_struct_site_gen.auth_seq_id 
_struct_site_gen.label_atom_id 
_struct_site_gen.label_alt_id 
_struct_site_gen.symmetry 
_struct_site_gen.details 
1 AC1 2 CYS A 35 ? CYS A 35 . ? 4_775 ? 
2 AC1 2 GLU A 82 ? GLU A 82 . ? 1_555 ? 
3 AC2 1 CYS B 35 ? CYS B 35 . ? 4_775 ? 
# 
_pdbx_validate_symm_contact.id                1 
_pdbx_validate_symm_contact.PDB_model_num     1 
_pdbx_validate_symm_contact.auth_atom_id_1    O 
_pdbx_validate_symm_contact.auth_asym_id_1    B 
_pdbx_validate_symm_contact.auth_comp_id_1    HOH 
_pdbx_validate_symm_contact.auth_seq_id_1     129 
_pdbx_validate_symm_contact.PDB_ins_code_1    ? 
_pdbx_validate_symm_contact.label_alt_id_1    ? 
_pdbx_validate_symm_contact.site_symmetry_1   1_555 
_pdbx_validate_symm_contact.auth_atom_id_2    O 
_pdbx_validate_symm_contact.auth_asym_id_2    B 
_pdbx_validate_symm_contact.auth_comp_id_2    HOH 
_pdbx_validate_symm_contact.auth_seq_id_2     151 
_pdbx_validate_symm_contact.PDB_ins_code_2    ? 
_pdbx_validate_symm_contact.label_alt_id_2    ? 
_pdbx_validate_symm_contact.site_symmetry_2   4_665 
_pdbx_validate_symm_contact.dist              2.08 
# 
loop_
_pdbx_validate_rmsd_angle.id 
_pdbx_validate_rmsd_angle.PDB_model_num 
_pdbx_validate_rmsd_angle.auth_atom_id_1 
_pdbx_validate_rmsd_angle.auth_asym_id_1 
_pdbx_validate_rmsd_angle.auth_comp_id_1 
_pdbx_validate_rmsd_angle.auth_seq_id_1 
_pdbx_validate_rmsd_angle.PDB_ins_code_1 
_pdbx_validate_rmsd_angle.label_alt_id_1 
_pdbx_validate_rmsd_angle.auth_atom_id_2 
_pdbx_validate_rmsd_angle.auth_asym_id_2 
_pdbx_validate_rmsd_angle.auth_comp_id_2 
_pdbx_validate_rmsd_angle.auth_seq_id_2 
_pdbx_validate_rmsd_angle.PDB_ins_code_2 
_pdbx_validate_rmsd_angle.label_alt_id_2 
_pdbx_validate_rmsd_angle.auth_atom_id_3 
_pdbx_validate_rmsd_angle.auth_asym_id_3 
_pdbx_validate_rmsd_angle.auth_comp_id_3 
_pdbx_validate_rmsd_angle.auth_seq_id_3 
_pdbx_validate_rmsd_angle.PDB_ins_code_3 
_pdbx_validate_rmsd_angle.label_alt_id_3 
_pdbx_validate_rmsd_angle.angle_value 
_pdbx_validate_rmsd_angle.angle_target_value 
_pdbx_validate_rmsd_angle.angle_deviation 
_pdbx_validate_rmsd_angle.angle_standard_deviation 
_pdbx_validate_rmsd_angle.linker_flag 
1 1 CB A ASP 57 ? ? CG A ASP 57 ? ? OD2 A ASP 57 ? ? 125.17 118.30 6.87 0.90 N 
2 1 CB A ASP 65 ? ? CG A ASP 65 ? ? OD2 A ASP 65 ? ? 123.70 118.30 5.40 0.90 N 
3 1 CB B ASP 57 ? ? CG B ASP 57 ? ? OD2 B ASP 57 ? ? 124.82 118.30 6.52 0.90 N 
# 
loop_
_pdbx_validate_torsion.id 
_pdbx_validate_torsion.PDB_model_num 
_pdbx_validate_torsion.auth_comp_id 
_pdbx_validate_torsion.auth_asym_id 
_pdbx_validate_torsion.auth_seq_id 
_pdbx_validate_torsion.PDB_ins_code 
_pdbx_validate_torsion.label_alt_id 
_pdbx_validate_torsion.phi 
_pdbx_validate_torsion.psi 
1 1 SER A 2  ? ? -65.37 46.40 
2 1 SER B 2  ? ? -68.63 47.04 
3 1 ASN B 94 ? ? -78.65 21.20 
# 
loop_
_pdbx_unobs_or_zero_occ_residues.id 
_pdbx_unobs_or_zero_occ_residues.PDB_model_num 
_pdbx_unobs_or_zero_occ_residues.polymer_flag 
_pdbx_unobs_or_zero_occ_residues.occupancy_flag 
_pdbx_unobs_or_zero_occ_residues.auth_asym_id 
_pdbx_unobs_or_zero_occ_residues.auth_comp_id 
_pdbx_unobs_or_zero_occ_residues.auth_seq_id 
_pdbx_unobs_or_zero_occ_residues.PDB_ins_code 
_pdbx_unobs_or_zero_occ_residues.label_asym_id 
_pdbx_unobs_or_zero_occ_residues.label_comp_id 
_pdbx_unobs_or_zero_occ_residues.label_seq_id 
1  1 Y 1 A GLU 98  ? A GLU 98  
2  1 Y 1 A CYS 99  ? A CYS 99  
3  1 Y 1 A GLY 100 ? A GLY 100 
4  1 Y 1 A CYS 101 ? A CYS 101 
5  1 Y 1 A GLY 102 ? A GLY 102 
6  1 Y 1 A GLU 103 ? A GLU 103 
7  1 Y 1 A SER 104 ? A SER 104 
8  1 Y 1 A PHE 105 ? A PHE 105 
9  1 Y 1 A LYS 106 ? A LYS 106 
10 1 Y 1 A LEU 107 ? A LEU 107 
11 1 Y 1 A ALA 108 ? A ALA 108 
12 1 Y 1 A ALA 109 ? A ALA 109 
13 1 Y 1 A ALA 110 ? A ALA 110 
14 1 Y 1 A LEU 111 ? A LEU 111 
15 1 Y 1 A ASP 112 ? A ASP 112 
16 1 Y 1 A HIS 113 ? A HIS 113 
17 1 Y 1 A HIS 114 ? A HIS 114 
18 1 Y 1 A HIS 115 ? A HIS 115 
19 1 Y 1 A HIS 116 ? A HIS 116 
20 1 Y 1 A HIS 117 ? A HIS 117 
21 1 Y 1 A HIS 118 ? A HIS 118 
22 1 Y 1 B GLU 98  ? B GLU 98  
23 1 Y 1 B CYS 99  ? B CYS 99  
24 1 Y 1 B GLY 100 ? B GLY 100 
25 1 Y 1 B CYS 101 ? B CYS 101 
26 1 Y 1 B GLY 102 ? B GLY 102 
27 1 Y 1 B GLU 103 ? B GLU 103 
28 1 Y 1 B SER 104 ? B SER 104 
29 1 Y 1 B PHE 105 ? B PHE 105 
30 1 Y 1 B LYS 106 ? B LYS 106 
31 1 Y 1 B LEU 107 ? B LEU 107 
32 1 Y 1 B ALA 108 ? B ALA 108 
33 1 Y 1 B ALA 109 ? B ALA 109 
34 1 Y 1 B ALA 110 ? B ALA 110 
35 1 Y 1 B LEU 111 ? B LEU 111 
36 1 Y 1 B ASP 112 ? B ASP 112 
37 1 Y 1 B HIS 113 ? B HIS 113 
38 1 Y 1 B HIS 114 ? B HIS 114 
39 1 Y 1 B HIS 115 ? B HIS 115 
40 1 Y 1 B HIS 116 ? B HIS 116 
41 1 Y 1 B HIS 117 ? B HIS 117 
42 1 Y 1 B HIS 118 ? B HIS 118 
# 
loop_
_chem_comp_atom.comp_id 
_chem_comp_atom.atom_id 
_chem_comp_atom.type_symbol 
_chem_comp_atom.pdbx_aromatic_flag 
_chem_comp_atom.pdbx_stereo_config 
_chem_comp_atom.pdbx_ordinal 
ALA N    N  N N 1   
ALA CA   C  N S 2   
ALA C    C  N N 3   
ALA O    O  N N 4   
ALA CB   C  N N 5   
ALA OXT  O  N N 6   
ALA H    H  N N 7   
ALA H2   H  N N 8   
ALA HA   H  N N 9   
ALA HB1  H  N N 10  
ALA HB2  H  N N 11  
ALA HB3  H  N N 12  
ALA HXT  H  N N 13  
ARG N    N  N N 14  
ARG CA   C  N S 15  
ARG C    C  N N 16  
ARG O    O  N N 17  
ARG CB   C  N N 18  
ARG CG   C  N N 19  
ARG CD   C  N N 20  
ARG NE   N  N N 21  
ARG CZ   C  N N 22  
ARG NH1  N  N N 23  
ARG NH2  N  N N 24  
ARG OXT  O  N N 25  
ARG H    H  N N 26  
ARG H2   H  N N 27  
ARG HA   H  N N 28  
ARG HB2  H  N N 29  
ARG HB3  H  N N 30  
ARG HG2  H  N N 31  
ARG HG3  H  N N 32  
ARG HD2  H  N N 33  
ARG HD3  H  N N 34  
ARG HE   H  N N 35  
ARG HH11 H  N N 36  
ARG HH12 H  N N 37  
ARG HH21 H  N N 38  
ARG HH22 H  N N 39  
ARG HXT  H  N N 40  
ASN N    N  N N 41  
ASN CA   C  N S 42  
ASN C    C  N N 43  
ASN O    O  N N 44  
ASN CB   C  N N 45  
ASN CG   C  N N 46  
ASN OD1  O  N N 47  
ASN ND2  N  N N 48  
ASN OXT  O  N N 49  
ASN H    H  N N 50  
ASN H2   H  N N 51  
ASN HA   H  N N 52  
ASN HB2  H  N N 53  
ASN HB3  H  N N 54  
ASN HD21 H  N N 55  
ASN HD22 H  N N 56  
ASN HXT  H  N N 57  
ASP N    N  N N 58  
ASP CA   C  N S 59  
ASP C    C  N N 60  
ASP O    O  N N 61  
ASP CB   C  N N 62  
ASP CG   C  N N 63  
ASP OD1  O  N N 64  
ASP OD2  O  N N 65  
ASP OXT  O  N N 66  
ASP H    H  N N 67  
ASP H2   H  N N 68  
ASP HA   H  N N 69  
ASP HB2  H  N N 70  
ASP HB3  H  N N 71  
ASP HD2  H  N N 72  
ASP HXT  H  N N 73  
CYS N    N  N N 74  
CYS CA   C  N R 75  
CYS C    C  N N 76  
CYS O    O  N N 77  
CYS CB   C  N N 78  
CYS SG   S  N N 79  
CYS OXT  O  N N 80  
CYS H    H  N N 81  
CYS H2   H  N N 82  
CYS HA   H  N N 83  
CYS HB2  H  N N 84  
CYS HB3  H  N N 85  
CYS HG   H  N N 86  
CYS HXT  H  N N 87  
GLN N    N  N N 88  
GLN CA   C  N S 89  
GLN C    C  N N 90  
GLN O    O  N N 91  
GLN CB   C  N N 92  
GLN CG   C  N N 93  
GLN CD   C  N N 94  
GLN OE1  O  N N 95  
GLN NE2  N  N N 96  
GLN OXT  O  N N 97  
GLN H    H  N N 98  
GLN H2   H  N N 99  
GLN HA   H  N N 100 
GLN HB2  H  N N 101 
GLN HB3  H  N N 102 
GLN HG2  H  N N 103 
GLN HG3  H  N N 104 
GLN HE21 H  N N 105 
GLN HE22 H  N N 106 
GLN HXT  H  N N 107 
GLU N    N  N N 108 
GLU CA   C  N S 109 
GLU C    C  N N 110 
GLU O    O  N N 111 
GLU CB   C  N N 112 
GLU CG   C  N N 113 
GLU CD   C  N N 114 
GLU OE1  O  N N 115 
GLU OE2  O  N N 116 
GLU OXT  O  N N 117 
GLU H    H  N N 118 
GLU H2   H  N N 119 
GLU HA   H  N N 120 
GLU HB2  H  N N 121 
GLU HB3  H  N N 122 
GLU HG2  H  N N 123 
GLU HG3  H  N N 124 
GLU HE2  H  N N 125 
GLU HXT  H  N N 126 
GLY N    N  N N 127 
GLY CA   C  N N 128 
GLY C    C  N N 129 
GLY O    O  N N 130 
GLY OXT  O  N N 131 
GLY H    H  N N 132 
GLY H2   H  N N 133 
GLY HA2  H  N N 134 
GLY HA3  H  N N 135 
GLY HXT  H  N N 136 
HG  HG   HG N N 137 
HIS N    N  N N 138 
HIS CA   C  N S 139 
HIS C    C  N N 140 
HIS O    O  N N 141 
HIS CB   C  N N 142 
HIS CG   C  Y N 143 
HIS ND1  N  Y N 144 
HIS CD2  C  Y N 145 
HIS CE1  C  Y N 146 
HIS NE2  N  Y N 147 
HIS OXT  O  N N 148 
HIS H    H  N N 149 
HIS H2   H  N N 150 
HIS HA   H  N N 151 
HIS HB2  H  N N 152 
HIS HB3  H  N N 153 
HIS HD1  H  N N 154 
HIS HD2  H  N N 155 
HIS HE1  H  N N 156 
HIS HE2  H  N N 157 
HIS HXT  H  N N 158 
HOH O    O  N N 159 
HOH H1   H  N N 160 
HOH H2   H  N N 161 
ILE N    N  N N 162 
ILE CA   C  N S 163 
ILE C    C  N N 164 
ILE O    O  N N 165 
ILE CB   C  N S 166 
ILE CG1  C  N N 167 
ILE CG2  C  N N 168 
ILE CD1  C  N N 169 
ILE OXT  O  N N 170 
ILE H    H  N N 171 
ILE H2   H  N N 172 
ILE HA   H  N N 173 
ILE HB   H  N N 174 
ILE HG12 H  N N 175 
ILE HG13 H  N N 176 
ILE HG21 H  N N 177 
ILE HG22 H  N N 178 
ILE HG23 H  N N 179 
ILE HD11 H  N N 180 
ILE HD12 H  N N 181 
ILE HD13 H  N N 182 
ILE HXT  H  N N 183 
LEU N    N  N N 184 
LEU CA   C  N S 185 
LEU C    C  N N 186 
LEU O    O  N N 187 
LEU CB   C  N N 188 
LEU CG   C  N N 189 
LEU CD1  C  N N 190 
LEU CD2  C  N N 191 
LEU OXT  O  N N 192 
LEU H    H  N N 193 
LEU H2   H  N N 194 
LEU HA   H  N N 195 
LEU HB2  H  N N 196 
LEU HB3  H  N N 197 
LEU HG   H  N N 198 
LEU HD11 H  N N 199 
LEU HD12 H  N N 200 
LEU HD13 H  N N 201 
LEU HD21 H  N N 202 
LEU HD22 H  N N 203 
LEU HD23 H  N N 204 
LEU HXT  H  N N 205 
LYS N    N  N N 206 
LYS CA   C  N S 207 
LYS C    C  N N 208 
LYS O    O  N N 209 
LYS CB   C  N N 210 
LYS CG   C  N N 211 
LYS CD   C  N N 212 
LYS CE   C  N N 213 
LYS NZ   N  N N 214 
LYS OXT  O  N N 215 
LYS H    H  N N 216 
LYS H2   H  N N 217 
LYS HA   H  N N 218 
LYS HB2  H  N N 219 
LYS HB3  H  N N 220 
LYS HG2  H  N N 221 
LYS HG3  H  N N 222 
LYS HD2  H  N N 223 
LYS HD3  H  N N 224 
LYS HE2  H  N N 225 
LYS HE3  H  N N 226 
LYS HZ1  H  N N 227 
LYS HZ2  H  N N 228 
LYS HZ3  H  N N 229 
LYS HXT  H  N N 230 
MET N    N  N N 231 
MET CA   C  N S 232 
MET C    C  N N 233 
MET O    O  N N 234 
MET CB   C  N N 235 
MET CG   C  N N 236 
MET SD   S  N N 237 
MET CE   C  N N 238 
MET OXT  O  N N 239 
MET H    H  N N 240 
MET H2   H  N N 241 
MET HA   H  N N 242 
MET HB2  H  N N 243 
MET HB3  H  N N 244 
MET HG2  H  N N 245 
MET HG3  H  N N 246 
MET HE1  H  N N 247 
MET HE2  H  N N 248 
MET HE3  H  N N 249 
MET HXT  H  N N 250 
PHE N    N  N N 251 
PHE CA   C  N S 252 
PHE C    C  N N 253 
PHE O    O  N N 254 
PHE CB   C  N N 255 
PHE CG   C  Y N 256 
PHE CD1  C  Y N 257 
PHE CD2  C  Y N 258 
PHE CE1  C  Y N 259 
PHE CE2  C  Y N 260 
PHE CZ   C  Y N 261 
PHE OXT  O  N N 262 
PHE H    H  N N 263 
PHE H2   H  N N 264 
PHE HA   H  N N 265 
PHE HB2  H  N N 266 
PHE HB3  H  N N 267 
PHE HD1  H  N N 268 
PHE HD2  H  N N 269 
PHE HE1  H  N N 270 
PHE HE2  H  N N 271 
PHE HZ   H  N N 272 
PHE HXT  H  N N 273 
PRO N    N  N N 274 
PRO CA   C  N S 275 
PRO C    C  N N 276 
PRO O    O  N N 277 
PRO CB   C  N N 278 
PRO CG   C  N N 279 
PRO CD   C  N N 280 
PRO OXT  O  N N 281 
PRO H    H  N N 282 
PRO HA   H  N N 283 
PRO HB2  H  N N 284 
PRO HB3  H  N N 285 
PRO HG2  H  N N 286 
PRO HG3  H  N N 287 
PRO HD2  H  N N 288 
PRO HD3  H  N N 289 
PRO HXT  H  N N 290 
SER N    N  N N 291 
SER CA   C  N S 292 
SER C    C  N N 293 
SER O    O  N N 294 
SER CB   C  N N 295 
SER OG   O  N N 296 
SER OXT  O  N N 297 
SER H    H  N N 298 
SER H2   H  N N 299 
SER HA   H  N N 300 
SER HB2  H  N N 301 
SER HB3  H  N N 302 
SER HG   H  N N 303 
SER HXT  H  N N 304 
THR N    N  N N 305 
THR CA   C  N S 306 
THR C    C  N N 307 
THR O    O  N N 308 
THR CB   C  N R 309 
THR OG1  O  N N 310 
THR CG2  C  N N 311 
THR OXT  O  N N 312 
THR H    H  N N 313 
THR H2   H  N N 314 
THR HA   H  N N 315 
THR HB   H  N N 316 
THR HG1  H  N N 317 
THR HG21 H  N N 318 
THR HG22 H  N N 319 
THR HG23 H  N N 320 
THR HXT  H  N N 321 
TYR N    N  N N 322 
TYR CA   C  N S 323 
TYR C    C  N N 324 
TYR O    O  N N 325 
TYR CB   C  N N 326 
TYR CG   C  Y N 327 
TYR CD1  C  Y N 328 
TYR CD2  C  Y N 329 
TYR CE1  C  Y N 330 
TYR CE2  C  Y N 331 
TYR CZ   C  Y N 332 
TYR OH   O  N N 333 
TYR OXT  O  N N 334 
TYR H    H  N N 335 
TYR H2   H  N N 336 
TYR HA   H  N N 337 
TYR HB2  H  N N 338 
TYR HB3  H  N N 339 
TYR HD1  H  N N 340 
TYR HD2  H  N N 341 
TYR HE1  H  N N 342 
TYR HE2  H  N N 343 
TYR HH   H  N N 344 
TYR HXT  H  N N 345 
VAL N    N  N N 346 
VAL CA   C  N S 347 
VAL C    C  N N 348 
VAL O    O  N N 349 
VAL CB   C  N N 350 
VAL CG1  C  N N 351 
VAL CG2  C  N N 352 
VAL OXT  O  N N 353 
VAL H    H  N N 354 
VAL H2   H  N N 355 
VAL HA   H  N N 356 
VAL HB   H  N N 357 
VAL HG11 H  N N 358 
VAL HG12 H  N N 359 
VAL HG13 H  N N 360 
VAL HG21 H  N N 361 
VAL HG22 H  N N 362 
VAL HG23 H  N N 363 
VAL HXT  H  N N 364 
# 
loop_
_chem_comp_bond.comp_id 
_chem_comp_bond.atom_id_1 
_chem_comp_bond.atom_id_2 
_chem_comp_bond.value_order 
_chem_comp_bond.pdbx_aromatic_flag 
_chem_comp_bond.pdbx_stereo_config 
_chem_comp_bond.pdbx_ordinal 
ALA N   CA   sing N N 1   
ALA N   H    sing N N 2   
ALA N   H2   sing N N 3   
ALA CA  C    sing N N 4   
ALA CA  CB   sing N N 5   
ALA CA  HA   sing N N 6   
ALA C   O    doub N N 7   
ALA C   OXT  sing N N 8   
ALA CB  HB1  sing N N 9   
ALA CB  HB2  sing N N 10  
ALA CB  HB3  sing N N 11  
ALA OXT HXT  sing N N 12  
ARG N   CA   sing N N 13  
ARG N   H    sing N N 14  
ARG N   H2   sing N N 15  
ARG CA  C    sing N N 16  
ARG CA  CB   sing N N 17  
ARG CA  HA   sing N N 18  
ARG C   O    doub N N 19  
ARG C   OXT  sing N N 20  
ARG CB  CG   sing N N 21  
ARG CB  HB2  sing N N 22  
ARG CB  HB3  sing N N 23  
ARG CG  CD   sing N N 24  
ARG CG  HG2  sing N N 25  
ARG CG  HG3  sing N N 26  
ARG CD  NE   sing N N 27  
ARG CD  HD2  sing N N 28  
ARG CD  HD3  sing N N 29  
ARG NE  CZ   sing N N 30  
ARG NE  HE   sing N N 31  
ARG CZ  NH1  sing N N 32  
ARG CZ  NH2  doub N N 33  
ARG NH1 HH11 sing N N 34  
ARG NH1 HH12 sing N N 35  
ARG NH2 HH21 sing N N 36  
ARG NH2 HH22 sing N N 37  
ARG OXT HXT  sing N N 38  
ASN N   CA   sing N N 39  
ASN N   H    sing N N 40  
ASN N   H2   sing N N 41  
ASN CA  C    sing N N 42  
ASN CA  CB   sing N N 43  
ASN CA  HA   sing N N 44  
ASN C   O    doub N N 45  
ASN C   OXT  sing N N 46  
ASN CB  CG   sing N N 47  
ASN CB  HB2  sing N N 48  
ASN CB  HB3  sing N N 49  
ASN CG  OD1  doub N N 50  
ASN CG  ND2  sing N N 51  
ASN ND2 HD21 sing N N 52  
ASN ND2 HD22 sing N N 53  
ASN OXT HXT  sing N N 54  
ASP N   CA   sing N N 55  
ASP N   H    sing N N 56  
ASP N   H2   sing N N 57  
ASP CA  C    sing N N 58  
ASP CA  CB   sing N N 59  
ASP CA  HA   sing N N 60  
ASP C   O    doub N N 61  
ASP C   OXT  sing N N 62  
ASP CB  CG   sing N N 63  
ASP CB  HB2  sing N N 64  
ASP CB  HB3  sing N N 65  
ASP CG  OD1  doub N N 66  
ASP CG  OD2  sing N N 67  
ASP OD2 HD2  sing N N 68  
ASP OXT HXT  sing N N 69  
CYS N   CA   sing N N 70  
CYS N   H    sing N N 71  
CYS N   H2   sing N N 72  
CYS CA  C    sing N N 73  
CYS CA  CB   sing N N 74  
CYS CA  HA   sing N N 75  
CYS C   O    doub N N 76  
CYS C   OXT  sing N N 77  
CYS CB  SG   sing N N 78  
CYS CB  HB2  sing N N 79  
CYS CB  HB3  sing N N 80  
CYS SG  HG   sing N N 81  
CYS OXT HXT  sing N N 82  
GLN N   CA   sing N N 83  
GLN N   H    sing N N 84  
GLN N   H2   sing N N 85  
GLN CA  C    sing N N 86  
GLN CA  CB   sing N N 87  
GLN CA  HA   sing N N 88  
GLN C   O    doub N N 89  
GLN C   OXT  sing N N 90  
GLN CB  CG   sing N N 91  
GLN CB  HB2  sing N N 92  
GLN CB  HB3  sing N N 93  
GLN CG  CD   sing N N 94  
GLN CG  HG2  sing N N 95  
GLN CG  HG3  sing N N 96  
GLN CD  OE1  doub N N 97  
GLN CD  NE2  sing N N 98  
GLN NE2 HE21 sing N N 99  
GLN NE2 HE22 sing N N 100 
GLN OXT HXT  sing N N 101 
GLU N   CA   sing N N 102 
GLU N   H    sing N N 103 
GLU N   H2   sing N N 104 
GLU CA  C    sing N N 105 
GLU CA  CB   sing N N 106 
GLU CA  HA   sing N N 107 
GLU C   O    doub N N 108 
GLU C   OXT  sing N N 109 
GLU CB  CG   sing N N 110 
GLU CB  HB2  sing N N 111 
GLU CB  HB3  sing N N 112 
GLU CG  CD   sing N N 113 
GLU CG  HG2  sing N N 114 
GLU CG  HG3  sing N N 115 
GLU CD  OE1  doub N N 116 
GLU CD  OE2  sing N N 117 
GLU OE2 HE2  sing N N 118 
GLU OXT HXT  sing N N 119 
GLY N   CA   sing N N 120 
GLY N   H    sing N N 121 
GLY N   H2   sing N N 122 
GLY CA  C    sing N N 123 
GLY CA  HA2  sing N N 124 
GLY CA  HA3  sing N N 125 
GLY C   O    doub N N 126 
GLY C   OXT  sing N N 127 
GLY OXT HXT  sing N N 128 
HIS N   CA   sing N N 129 
HIS N   H    sing N N 130 
HIS N   H2   sing N N 131 
HIS CA  C    sing N N 132 
HIS CA  CB   sing N N 133 
HIS CA  HA   sing N N 134 
HIS C   O    doub N N 135 
HIS C   OXT  sing N N 136 
HIS CB  CG   sing N N 137 
HIS CB  HB2  sing N N 138 
HIS CB  HB3  sing N N 139 
HIS CG  ND1  sing Y N 140 
HIS CG  CD2  doub Y N 141 
HIS ND1 CE1  doub Y N 142 
HIS ND1 HD1  sing N N 143 
HIS CD2 NE2  sing Y N 144 
HIS CD2 HD2  sing N N 145 
HIS CE1 NE2  sing Y N 146 
HIS CE1 HE1  sing N N 147 
HIS NE2 HE2  sing N N 148 
HIS OXT HXT  sing N N 149 
HOH O   H1   sing N N 150 
HOH O   H2   sing N N 151 
ILE N   CA   sing N N 152 
ILE N   H    sing N N 153 
ILE N   H2   sing N N 154 
ILE CA  C    sing N N 155 
ILE CA  CB   sing N N 156 
ILE CA  HA   sing N N 157 
ILE C   O    doub N N 158 
ILE C   OXT  sing N N 159 
ILE CB  CG1  sing N N 160 
ILE CB  CG2  sing N N 161 
ILE CB  HB   sing N N 162 
ILE CG1 CD1  sing N N 163 
ILE CG1 HG12 sing N N 164 
ILE CG1 HG13 sing N N 165 
ILE CG2 HG21 sing N N 166 
ILE CG2 HG22 sing N N 167 
ILE CG2 HG23 sing N N 168 
ILE CD1 HD11 sing N N 169 
ILE CD1 HD12 sing N N 170 
ILE CD1 HD13 sing N N 171 
ILE OXT HXT  sing N N 172 
LEU N   CA   sing N N 173 
LEU N   H    sing N N 174 
LEU N   H2   sing N N 175 
LEU CA  C    sing N N 176 
LEU CA  CB   sing N N 177 
LEU CA  HA   sing N N 178 
LEU C   O    doub N N 179 
LEU C   OXT  sing N N 180 
LEU CB  CG   sing N N 181 
LEU CB  HB2  sing N N 182 
LEU CB  HB3  sing N N 183 
LEU CG  CD1  sing N N 184 
LEU CG  CD2  sing N N 185 
LEU CG  HG   sing N N 186 
LEU CD1 HD11 sing N N 187 
LEU CD1 HD12 sing N N 188 
LEU CD1 HD13 sing N N 189 
LEU CD2 HD21 sing N N 190 
LEU CD2 HD22 sing N N 191 
LEU CD2 HD23 sing N N 192 
LEU OXT HXT  sing N N 193 
LYS N   CA   sing N N 194 
LYS N   H    sing N N 195 
LYS N   H2   sing N N 196 
LYS CA  C    sing N N 197 
LYS CA  CB   sing N N 198 
LYS CA  HA   sing N N 199 
LYS C   O    doub N N 200 
LYS C   OXT  sing N N 201 
LYS CB  CG   sing N N 202 
LYS CB  HB2  sing N N 203 
LYS CB  HB3  sing N N 204 
LYS CG  CD   sing N N 205 
LYS CG  HG2  sing N N 206 
LYS CG  HG3  sing N N 207 
LYS CD  CE   sing N N 208 
LYS CD  HD2  sing N N 209 
LYS CD  HD3  sing N N 210 
LYS CE  NZ   sing N N 211 
LYS CE  HE2  sing N N 212 
LYS CE  HE3  sing N N 213 
LYS NZ  HZ1  sing N N 214 
LYS NZ  HZ2  sing N N 215 
LYS NZ  HZ3  sing N N 216 
LYS OXT HXT  sing N N 217 
MET N   CA   sing N N 218 
MET N   H    sing N N 219 
MET N   H2   sing N N 220 
MET CA  C    sing N N 221 
MET CA  CB   sing N N 222 
MET CA  HA   sing N N 223 
MET C   O    doub N N 224 
MET C   OXT  sing N N 225 
MET CB  CG   sing N N 226 
MET CB  HB2  sing N N 227 
MET CB  HB3  sing N N 228 
MET CG  SD   sing N N 229 
MET CG  HG2  sing N N 230 
MET CG  HG3  sing N N 231 
MET SD  CE   sing N N 232 
MET CE  HE1  sing N N 233 
MET CE  HE2  sing N N 234 
MET CE  HE3  sing N N 235 
MET OXT HXT  sing N N 236 
PHE N   CA   sing N N 237 
PHE N   H    sing N N 238 
PHE N   H2   sing N N 239 
PHE CA  C    sing N N 240 
PHE CA  CB   sing N N 241 
PHE CA  HA   sing N N 242 
PHE C   O    doub N N 243 
PHE C   OXT  sing N N 244 
PHE CB  CG   sing N N 245 
PHE CB  HB2  sing N N 246 
PHE CB  HB3  sing N N 247 
PHE CG  CD1  doub Y N 248 
PHE CG  CD2  sing Y N 249 
PHE CD1 CE1  sing Y N 250 
PHE CD1 HD1  sing N N 251 
PHE CD2 CE2  doub Y N 252 
PHE CD2 HD2  sing N N 253 
PHE CE1 CZ   doub Y N 254 
PHE CE1 HE1  sing N N 255 
PHE CE2 CZ   sing Y N 256 
PHE CE2 HE2  sing N N 257 
PHE CZ  HZ   sing N N 258 
PHE OXT HXT  sing N N 259 
PRO N   CA   sing N N 260 
PRO N   CD   sing N N 261 
PRO N   H    sing N N 262 
PRO CA  C    sing N N 263 
PRO CA  CB   sing N N 264 
PRO CA  HA   sing N N 265 
PRO C   O    doub N N 266 
PRO C   OXT  sing N N 267 
PRO CB  CG   sing N N 268 
PRO CB  HB2  sing N N 269 
PRO CB  HB3  sing N N 270 
PRO CG  CD   sing N N 271 
PRO CG  HG2  sing N N 272 
PRO CG  HG3  sing N N 273 
PRO CD  HD2  sing N N 274 
PRO CD  HD3  sing N N 275 
PRO OXT HXT  sing N N 276 
SER N   CA   sing N N 277 
SER N   H    sing N N 278 
SER N   H2   sing N N 279 
SER CA  C    sing N N 280 
SER CA  CB   sing N N 281 
SER CA  HA   sing N N 282 
SER C   O    doub N N 283 
SER C   OXT  sing N N 284 
SER CB  OG   sing N N 285 
SER CB  HB2  sing N N 286 
SER CB  HB3  sing N N 287 
SER OG  HG   sing N N 288 
SER OXT HXT  sing N N 289 
THR N   CA   sing N N 290 
THR N   H    sing N N 291 
THR N   H2   sing N N 292 
THR CA  C    sing N N 293 
THR CA  CB   sing N N 294 
THR CA  HA   sing N N 295 
THR C   O    doub N N 296 
THR C   OXT  sing N N 297 
THR CB  OG1  sing N N 298 
THR CB  CG2  sing N N 299 
THR CB  HB   sing N N 300 
THR OG1 HG1  sing N N 301 
THR CG2 HG21 sing N N 302 
THR CG2 HG22 sing N N 303 
THR CG2 HG23 sing N N 304 
THR OXT HXT  sing N N 305 
TYR N   CA   sing N N 306 
TYR N   H    sing N N 307 
TYR N   H2   sing N N 308 
TYR CA  C    sing N N 309 
TYR CA  CB   sing N N 310 
TYR CA  HA   sing N N 311 
TYR C   O    doub N N 312 
TYR C   OXT  sing N N 313 
TYR CB  CG   sing N N 314 
TYR CB  HB2  sing N N 315 
TYR CB  HB3  sing N N 316 
TYR CG  CD1  doub Y N 317 
TYR CG  CD2  sing Y N 318 
TYR CD1 CE1  sing Y N 319 
TYR CD1 HD1  sing N N 320 
TYR CD2 CE2  doub Y N 321 
TYR CD2 HD2  sing N N 322 
TYR CE1 CZ   doub Y N 323 
TYR CE1 HE1  sing N N 324 
TYR CE2 CZ   sing Y N 325 
TYR CE2 HE2  sing N N 326 
TYR CZ  OH   sing N N 327 
TYR OH  HH   sing N N 328 
TYR OXT HXT  sing N N 329 
VAL N   CA   sing N N 330 
VAL N   H    sing N N 331 
VAL N   H2   sing N N 332 
VAL CA  C    sing N N 333 
VAL CA  CB   sing N N 334 
VAL CA  HA   sing N N 335 
VAL C   O    doub N N 336 
VAL C   OXT  sing N N 337 
VAL CB  CG1  sing N N 338 
VAL CB  CG2  sing N N 339 
VAL CB  HB   sing N N 340 
VAL CG1 HG11 sing N N 341 
VAL CG1 HG12 sing N N 342 
VAL CG1 HG13 sing N N 343 
VAL CG2 HG21 sing N N 344 
VAL CG2 HG22 sing N N 345 
VAL CG2 HG23 sing N N 346 
VAL OXT HXT  sing N N 347 
# 
_atom_sites.entry_id                    1R94 
_atom_sites.fract_transf_matrix[1][1]   -0.00129138 
_atom_sites.fract_transf_matrix[1][2]   -0.01649270 
_atom_sites.fract_transf_matrix[1][3]   0.01271738 
_atom_sites.fract_transf_matrix[2][1]   0.01406073 
_atom_sites.fract_transf_matrix[2][2]   -0.00257963 
_atom_sites.fract_transf_matrix[2][3]   0.01520109 
_atom_sites.fract_transf_matrix[3][1]   -0.00361504 
_atom_sites.fract_transf_matrix[3][2]   0.00329228 
_atom_sites.fract_transf_matrix[3][3]   0.00390255 
_atom_sites.fract_transf_vector[1]      0.735462 
_atom_sites.fract_transf_vector[2]      0.867654 
_atom_sites.fract_transf_vector[3]      0.168620 
# 
loop_
_atom_type.symbol 
C  
HG 
N  
O  
S  
# 
loop_
_atom_site.group_PDB 
_atom_site.id 
_atom_site.type_symbol 
_atom_site.label_atom_id 
_atom_site.label_alt_id 
_atom_site.label_comp_id 
_atom_site.label_asym_id 
_atom_site.label_entity_id 
_atom_site.label_seq_id 
_atom_site.pdbx_PDB_ins_code 
_atom_site.Cartn_x 
_atom_site.Cartn_y 
_atom_site.Cartn_z 
_atom_site.occupancy 
_atom_site.B_iso_or_equiv 
_atom_site.pdbx_formal_charge 
_atom_site.auth_seq_id 
_atom_site.auth_comp_id 
_atom_site.auth_asym_id 
_atom_site.auth_atom_id 
_atom_site.pdbx_PDB_model_num 
ATOM   1    N  N   . MET A 1 1  ? 4.767   -1.410  1.851   1.00 47.55 ? 1   MET A N   1 
ATOM   2    C  CA  . MET A 1 1  ? 4.842   -1.482  3.330   1.00 47.13 ? 1   MET A CA  1 
ATOM   3    C  C   . MET A 1 1  ? 6.320   -1.429  3.681   1.00 47.00 ? 1   MET A C   1 
ATOM   4    O  O   . MET A 1 1  ? 7.080   -0.809  2.930   1.00 47.08 ? 1   MET A O   1 
ATOM   5    C  CB  . MET A 1 1  ? 4.190   -2.744  3.842   1.00 47.53 ? 1   MET A CB  1 
ATOM   6    N  N   . SER A 1 2  ? 6.701   -2.040  4.821   1.00 46.12 ? 2   SER A N   1 
ATOM   7    C  CA  . SER A 1 2  ? 8.088   -2.229  5.260   1.00 44.04 ? 2   SER A CA  1 
ATOM   8    C  C   . SER A 1 2  ? 8.779   -3.162  4.276   1.00 42.31 ? 2   SER A C   1 
ATOM   9    O  O   . SER A 1 2  ? 9.445   -4.118  4.648   1.00 41.62 ? 2   SER A O   1 
ATOM   10   C  CB  . SER A 1 2  ? 8.129   -2.857  6.657   1.00 44.83 ? 2   SER A CB  1 
ATOM   11   O  OG  . SER A 1 2  ? 7.477   -4.125  6.643   1.00 44.32 ? 2   SER A OG  1 
ATOM   12   N  N   . ILE A 1 3  ? 8.569   -2.867  3.011   1.00 40.45 ? 3   ILE A N   1 
ATOM   13   C  CA  . ILE A 1 3  ? 9.444   -3.304  1.961   1.00 39.24 ? 3   ILE A CA  1 
ATOM   14   C  C   . ILE A 1 3  ? 10.422  -2.145  1.693   1.00 38.73 ? 3   ILE A C   1 
ATOM   15   O  O   . ILE A 1 3  ? 9.998   -0.983  1.570   1.00 38.42 ? 3   ILE A O   1 
ATOM   16   C  CB  . ILE A 1 3  ? 8.619   -3.681  0.747   1.00 38.92 ? 3   ILE A CB  1 
ATOM   17   C  CG1 . ILE A 1 3  ? 7.813   -4.953  1.087   1.00 38.36 ? 3   ILE A CG1 1 
ATOM   18   C  CG2 . ILE A 1 3  ? 9.535   -3.852  -0.475  1.00 38.02 ? 3   ILE A CG2 1 
ATOM   19   C  CD1 . ILE A 1 3  ? 6.534   -5.080  0.381   1.00 37.68 ? 3   ILE A CD1 1 
ATOM   20   N  N   . THR A 1 4  ? 11.716  -2.476  1.671   1.00 36.82 ? 4   THR A N   1 
ATOM   21   C  CA  . THR A 1 4  ? 12.775  -1.510  1.478   1.00 35.80 ? 4   THR A CA  1 
ATOM   22   C  C   . THR A 1 4  ? 13.698  -1.937  0.350   1.00 35.45 ? 4   THR A C   1 
ATOM   23   O  O   . THR A 1 4  ? 13.688  -3.095  -0.095  1.00 35.07 ? 4   THR A O   1 
ATOM   24   C  CB  . THR A 1 4  ? 13.655  -1.365  2.733   1.00 35.74 ? 4   THR A CB  1 
ATOM   25   O  OG1 . THR A 1 4  ? 14.048  -2.664  3.159   1.00 35.76 ? 4   THR A OG1 1 
ATOM   26   C  CG2 . THR A 1 4  ? 12.897  -0.769  3.945   1.00 34.92 ? 4   THR A CG2 1 
ATOM   27   N  N   . LEU A 1 5  ? 14.529  -0.973  -0.053  1.00 34.30 ? 5   LEU A N   1 
ATOM   28   C  CA  . LEU A 1 5  ? 15.489  -1.092  -1.123  1.00 33.00 ? 5   LEU A CA  1 
ATOM   29   C  C   . LEU A 1 5  ? 16.814  -0.652  -0.560  1.00 32.46 ? 5   LEU A C   1 
ATOM   30   O  O   . LEU A 1 5  ? 16.880  0.323   0.187   1.00 32.68 ? 5   LEU A O   1 
ATOM   31   C  CB  . LEU A 1 5  ? 15.092  -0.169  -2.268  1.00 32.70 ? 5   LEU A CB  1 
ATOM   32   C  CG  . LEU A 1 5  ? 14.341  -0.793  -3.441  1.00 33.40 ? 5   LEU A CG  1 
ATOM   33   C  CD1 . LEU A 1 5  ? 12.996  -1.393  -3.023  1.00 35.65 ? 5   LEU A CD1 1 
ATOM   34   C  CD2 . LEU A 1 5  ? 14.130  0.202   -4.554  1.00 31.76 ? 5   LEU A CD2 1 
ATOM   35   N  N   . SER A 1 6  ? 17.871  -1.390  -0.879  1.00 31.01 ? 6   SER A N   1 
ATOM   36   C  CA  . SER A 1 6  ? 19.220  -0.930  -0.594  1.00 30.18 ? 6   SER A CA  1 
ATOM   37   C  C   . SER A 1 6  ? 19.537  0.229   -1.553  1.00 29.69 ? 6   SER A C   1 
ATOM   38   O  O   . SER A 1 6  ? 18.852  0.415   -2.570  1.00 29.04 ? 6   SER A O   1 
ATOM   39   C  CB  . SER A 1 6  ? 20.235  -2.058  -0.856  1.00 29.66 ? 6   SER A CB  1 
ATOM   40   O  OG  . SER A 1 6  ? 20.248  -2.347  -2.251  1.00 29.23 ? 6   SER A OG  1 
ATOM   41   N  N   . ASP A 1 7  ? 20.607  0.957   -1.244  1.00 29.37 ? 7   ASP A N   1 
ATOM   42   C  CA  . ASP A 1 7  ? 21.118  2.006   -2.113  1.00 29.07 ? 7   ASP A CA  1 
ATOM   43   C  C   . ASP A 1 7  ? 21.415  1.496   -3.501  1.00 28.77 ? 7   ASP A C   1 
ATOM   44   O  O   . ASP A 1 7  ? 21.001  2.111   -4.479  1.00 29.29 ? 7   ASP A O   1 
ATOM   45   C  CB  . ASP A 1 7  ? 22.393  2.598   -1.517  1.00 29.21 ? 7   ASP A CB  1 
ATOM   46   C  CG  . ASP A 1 7  ? 22.145  3.388   -0.237  1.00 29.73 ? 7   ASP A CG  1 
ATOM   47   O  OD1 . ASP A 1 7  ? 20.997  3.780   0.064   1.00 28.33 ? 7   ASP A OD1 1 
ATOM   48   O  OD2 . ASP A 1 7  ? 23.077  3.646   0.559   1.00 34.91 ? 7   ASP A OD2 1 
ATOM   49   N  N   . SER A 1 8  ? 22.114  0.362   -3.606  1.00 28.32 ? 8   SER A N   1 
ATOM   50   C  CA  . SER A 1 8  ? 22.428  -0.184  -4.926  1.00 28.75 ? 8   SER A CA  1 
ATOM   51   C  C   . SER A 1 8  ? 21.201  -0.628  -5.740  1.00 28.07 ? 8   SER A C   1 
ATOM   52   O  O   . SER A 1 8  ? 21.167  -0.447  -6.982  1.00 28.17 ? 8   SER A O   1 
ATOM   53   C  CB  . SER A 1 8  ? 23.486  -1.304  -4.831  1.00 29.36 ? 8   SER A CB  1 
ATOM   54   O  OG  . SER A 1 8  ? 22.995  -2.313  -3.982  1.00 32.46 ? 8   SER A OG  1 
ATOM   55   N  N   . ALA A 1 9  ? 20.189  -1.182  -5.064  1.00 27.12 ? 9   ALA A N   1 
ATOM   56   C  CA  . ALA A 1 9  ? 18.965  -1.562  -5.774  1.00 26.52 ? 9   ALA A CA  1 
ATOM   57   C  C   . ALA A 1 9  ? 18.236  -0.331  -6.282  1.00 25.83 ? 9   ALA A C   1 
ATOM   58   O  O   . ALA A 1 9  ? 17.728  -0.316  -7.422  1.00 25.06 ? 9   ALA A O   1 
ATOM   59   C  CB  . ALA A 1 9  ? 18.039  -2.411  -4.887  1.00 26.75 ? 9   ALA A CB  1 
ATOM   60   N  N   . ALA A 1 10 ? 18.161  0.701   -5.434  1.00 25.24 ? 10  ALA A N   1 
ATOM   61   C  CA  . ALA A 1 10 ? 17.412  1.905   -5.831  1.00 25.05 ? 10  ALA A CA  1 
ATOM   62   C  C   . ALA A 1 10 ? 18.152  2.590   -6.979  1.00 24.71 ? 10  ALA A C   1 
ATOM   63   O  O   . ALA A 1 10 ? 17.537  2.968   -7.966  1.00 24.15 ? 10  ALA A O   1 
ATOM   64   C  CB  . ALA A 1 10 ? 17.210  2.837   -4.649  1.00 24.81 ? 10  ALA A CB  1 
ATOM   65   N  N   . ALA A 1 11 ? 19.479  2.695   -6.877  1.00 25.09 ? 11  ALA A N   1 
ATOM   66   C  CA  . ALA A 1 11 ? 20.285  3.215   -8.000  1.00 25.88 ? 11  ALA A CA  1 
ATOM   67   C  C   . ALA A 1 11 ? 20.013  2.451   -9.306  1.00 26.16 ? 11  ALA A C   1 
ATOM   68   O  O   . ALA A 1 11 ? 19.813  3.052   -10.397 1.00 25.59 ? 11  ALA A O   1 
ATOM   69   C  CB  . ALA A 1 11 ? 21.802  3.188   -7.657  1.00 25.12 ? 11  ALA A CB  1 
ATOM   70   N  N   . ARG A 1 12 ? 20.025  1.121   -9.194  1.00 27.08 ? 12  ARG A N   1 
ATOM   71   C  CA  . ARG A 1 12 ? 19.801  0.230   -10.342 1.00 27.04 ? 12  ARG A CA  1 
ATOM   72   C  C   . ARG A 1 12 ? 18.430  0.418   -10.913 1.00 26.94 ? 12  ARG A C   1 
ATOM   73   O  O   . ARG A 1 12 ? 18.280  0.551   -12.134 1.00 28.48 ? 12  ARG A O   1 
ATOM   74   C  CB  . ARG A 1 12 ? 20.003  -1.235  -9.939  1.00 27.62 ? 12  ARG A CB  1 
ATOM   75   C  CG  . ARG A 1 12 ? 20.113  -2.189  -11.127 1.00 31.48 ? 12  ARG A CG  1 
ATOM   76   C  CD  . ARG A 1 12 ? 21.325  -1.917  -12.043 1.00 35.56 ? 12  ARG A CD  1 
ATOM   77   N  NE  . ARG A 1 12 ? 21.539  -3.035  -12.962 1.00 41.57 ? 12  ARG A NE  1 
ATOM   78   C  CZ  . ARG A 1 12 ? 21.850  -2.922  -14.241 1.00 41.84 ? 12  ARG A CZ  1 
ATOM   79   N  NH1 . ARG A 1 12 ? 21.998  -1.728  -14.811 1.00 45.02 ? 12  ARG A NH1 1 
ATOM   80   N  NH2 . ARG A 1 12 ? 22.002  -4.012  -14.954 1.00 43.02 ? 12  ARG A NH2 1 
ATOM   81   N  N   . VAL A 1 13 ? 17.416  0.484   -10.054 1.00 26.15 ? 13  VAL A N   1 
ATOM   82   C  CA  . VAL A 1 13 ? 16.080  0.676   -10.566 1.00 26.02 ? 13  VAL A CA  1 
ATOM   83   C  C   . VAL A 1 13 ? 16.000  2.019   -11.236 1.00 27.22 ? 13  VAL A C   1 
ATOM   84   O  O   . VAL A 1 13 ? 15.440  2.131   -12.364 1.00 27.49 ? 13  VAL A O   1 
ATOM   85   C  CB  . VAL A 1 13 ? 14.980  0.580   -9.465  1.00 26.74 ? 13  VAL A CB  1 
ATOM   86   C  CG1 . VAL A 1 13 ? 13.588  0.965   -10.047 1.00 23.78 ? 13  VAL A CG1 1 
ATOM   87   C  CG2 . VAL A 1 13 ? 14.977  -0.842  -8.838  1.00 25.66 ? 13  VAL A CG2 1 
ATOM   88   N  N   . ASN A 1 14 ? 16.518  3.054   -10.552 1.00 27.11 ? 14  ASN A N   1 
ATOM   89   C  CA  . ASN A 1 14 ? 16.462  4.420   -11.120 1.00 27.20 ? 14  ASN A CA  1 
ATOM   90   C  C   . ASN A 1 14 ? 17.233  4.537   -12.443 1.00 26.61 ? 14  ASN A C   1 
ATOM   91   O  O   . ASN A 1 14 ? 16.817  5.236   -13.336 1.00 26.40 ? 14  ASN A O   1 
ATOM   92   C  CB  . ASN A 1 14 ? 16.945  5.466   -10.117 1.00 26.48 ? 14  ASN A CB  1 
ATOM   93   C  CG  . ASN A 1 14 ? 15.888  5.809   -9.078  1.00 28.66 ? 14  ASN A CG  1 
ATOM   94   O  OD1 . ASN A 1 14 ? 14.682  5.748   -9.348  1.00 30.46 ? 14  ASN A OD1 1 
ATOM   95   N  ND2 . ASN A 1 14 ? 16.335  6.174   -7.881  1.00 28.27 ? 14  ASN A ND2 1 
ATOM   96   N  N   . THR A 1 15 ? 18.350  3.841   -12.547 1.00 27.25 ? 15  THR A N   1 
ATOM   97   C  CA  . THR A 1 15 ? 19.065  3.711   -13.810 1.00 28.66 ? 15  THR A CA  1 
ATOM   98   C  C   . THR A 1 15 ? 18.186  3.108   -14.910 1.00 30.24 ? 15  THR A C   1 
ATOM   99   O  O   . THR A 1 15 ? 18.028  3.726   -15.978 1.00 29.92 ? 15  THR A O   1 
ATOM   100  C  CB  . THR A 1 15 ? 20.327  2.875   -13.602 1.00 28.58 ? 15  THR A CB  1 
ATOM   101  O  OG1 . THR A 1 15 ? 21.173  3.535   -12.651 1.00 28.43 ? 15  THR A OG1 1 
ATOM   102  C  CG2 . THR A 1 15 ? 21.179  2.801   -14.892 1.00 28.58 ? 15  THR A CG2 1 
ATOM   103  N  N   . PHE A 1 16 ? 17.593  1.927   -14.663 1.00 31.79 ? 16  PHE A N   1 
ATOM   104  C  CA  . PHE A 1 16 ? 16.649  1.377   -15.646 1.00 33.26 ? 16  PHE A CA  1 
ATOM   105  C  C   . PHE A 1 16 ? 15.556  2.380   -16.002 1.00 33.57 ? 16  PHE A C   1 
ATOM   106  O  O   . PHE A 1 16 ? 15.187  2.494   -17.148 1.00 34.71 ? 16  PHE A O   1 
ATOM   107  C  CB  . PHE A 1 16 ? 15.980  0.107   -15.121 1.00 34.16 ? 16  PHE A CB  1 
ATOM   108  C  CG  . PHE A 1 16 ? 16.749  -1.154  -15.387 1.00 36.42 ? 16  PHE A CG  1 
ATOM   109  C  CD1 . PHE A 1 16 ? 17.466  -1.760  -14.382 1.00 38.04 ? 16  PHE A CD1 1 
ATOM   110  C  CD2 . PHE A 1 16 ? 16.685  -1.782  -16.625 1.00 38.44 ? 16  PHE A CD2 1 
ATOM   111  C  CE1 . PHE A 1 16 ? 18.168  -2.951  -14.613 1.00 40.60 ? 16  PHE A CE1 1 
ATOM   112  C  CE2 . PHE A 1 16 ? 17.393  -2.970  -16.866 1.00 40.00 ? 16  PHE A CE2 1 
ATOM   113  C  CZ  . PHE A 1 16 ? 18.143  -3.549  -15.859 1.00 39.17 ? 16  PHE A CZ  1 
ATOM   114  N  N   . LEU A 1 17 ? 15.012  3.096   -15.026 1.00 33.89 ? 17  LEU A N   1 
ATOM   115  C  CA  . LEU A 1 17 ? 13.913  4.022   -15.311 1.00 34.75 ? 17  LEU A CA  1 
ATOM   116  C  C   . LEU A 1 17 ? 14.356  5.240   -16.126 1.00 36.01 ? 17  LEU A C   1 
ATOM   117  O  O   . LEU A 1 17 ? 13.591  5.766   -16.966 1.00 35.80 ? 17  LEU A O   1 
ATOM   118  C  CB  . LEU A 1 17 ? 13.231  4.484   -14.020 1.00 34.09 ? 17  LEU A CB  1 
ATOM   119  C  CG  . LEU A 1 17 ? 12.404  3.443   -13.229 1.00 36.11 ? 17  LEU A CG  1 
ATOM   120  C  CD1 . LEU A 1 17 ? 12.079  3.991   -11.844 1.00 33.76 ? 17  LEU A CD1 1 
ATOM   121  C  CD2 . LEU A 1 17 ? 11.118  2.936   -13.964 1.00 32.71 ? 17  LEU A CD2 1 
ATOM   122  N  N   . ALA A 1 18 ? 15.579  5.706   -15.867 1.00 37.15 ? 18  ALA A N   1 
ATOM   123  C  CA  . ALA A 1 18 ? 16.124  6.845   -16.594 1.00 38.71 ? 18  ALA A CA  1 
ATOM   124  C  C   . ALA A 1 18 ? 16.441  6.478   -18.047 1.00 39.71 ? 18  ALA A C   1 
ATOM   125  O  O   . ALA A 1 18 ? 16.087  7.227   -18.945 1.00 39.92 ? 18  ALA A O   1 
ATOM   126  C  CB  . ALA A 1 18 ? 17.330  7.427   -15.882 1.00 37.72 ? 18  ALA A CB  1 
ATOM   127  N  N   . ASN A 1 19 ? 17.056  5.313   -18.268 1.00 41.94 ? 19  ASN A N   1 
ATOM   128  C  CA  . ASN A 1 19 ? 17.364  4.807   -19.622 1.00 44.24 ? 19  ASN A CA  1 
ATOM   129  C  C   . ASN A 1 19 ? 16.119  4.468   -20.406 1.00 45.86 ? 19  ASN A C   1 
ATOM   130  O  O   . ASN A 1 19 ? 16.103  4.637   -21.632 1.00 46.10 ? 19  ASN A O   1 
ATOM   131  C  CB  . ASN A 1 19 ? 18.279  3.567   -19.589 1.00 43.97 ? 19  ASN A CB  1 
ATOM   132  C  CG  . ASN A 1 19 ? 19.690  3.888   -19.070 1.00 46.05 ? 19  ASN A CG  1 
ATOM   133  O  OD1 . ASN A 1 19 ? 20.032  5.061   -18.862 1.00 50.17 ? 19  ASN A OD1 1 
ATOM   134  N  ND2 . ASN A 1 19 ? 20.501  2.854   -18.836 1.00 44.93 ? 19  ASN A ND2 1 
ATOM   135  N  N   . ARG A 1 20 ? 15.089  3.971   -19.704 1.00 47.22 ? 20  ARG A N   1 
ATOM   136  C  CA  . ARG A 1 20 ? 13.809  3.662   -20.332 1.00 48.38 ? 20  ARG A CA  1 
ATOM   137  C  C   . ARG A 1 20 ? 13.170  4.966   -20.751 1.00 49.22 ? 20  ARG A C   1 
ATOM   138  O  O   . ARG A 1 20 ? 12.431  5.021   -21.716 1.00 49.87 ? 20  ARG A O   1 
ATOM   139  C  CB  . ARG A 1 20 ? 12.875  2.876   -19.399 1.00 48.33 ? 20  ARG A CB  1 
ATOM   140  C  CG  . ARG A 1 20 ? 11.899  1.974   -20.154 1.00 48.66 ? 20  ARG A CG  1 
ATOM   141  C  CD  . ARG A 1 20 ? 11.168  0.903   -19.305 1.00 50.29 ? 20  ARG A CD  1 
ATOM   142  N  NE  . ARG A 1 20 ? 10.068  1.484   -18.527 1.00 51.49 ? 20  ARG A NE  1 
ATOM   143  C  CZ  . ARG A 1 20 ? 8.765   1.358   -18.798 1.00 50.80 ? 20  ARG A CZ  1 
ATOM   144  N  NH1 . ARG A 1 20 ? 8.360   0.636   -19.819 1.00 50.20 ? 20  ARG A NH1 1 
ATOM   145  N  NH2 . ARG A 1 20 ? 7.860   1.944   -18.020 1.00 50.83 ? 20  ARG A NH2 1 
ATOM   146  N  N   . GLY A 1 21 ? 13.463  6.027   -20.017 1.00 50.29 ? 21  GLY A N   1 
ATOM   147  C  CA  . GLY A 1 21 ? 12.947  7.337   -20.358 1.00 51.28 ? 21  GLY A CA  1 
ATOM   148  C  C   . GLY A 1 21 ? 11.537  7.584   -19.878 1.00 51.86 ? 21  GLY A C   1 
ATOM   149  O  O   . GLY A 1 21 ? 11.036  8.721   -19.953 1.00 52.69 ? 21  GLY A O   1 
ATOM   150  N  N   . LYS A 1 22 ? 10.878  6.537   -19.392 1.00 51.94 ? 22  LYS A N   1 
ATOM   151  C  CA  . LYS A 1 22 ? 9.556   6.710   -18.787 1.00 52.02 ? 22  LYS A CA  1 
ATOM   152  C  C   . LYS A 1 22 ? 9.295   5.668   -17.707 1.00 51.39 ? 22  LYS A C   1 
ATOM   153  O  O   . LYS A 1 22 ? 10.020  4.661   -17.611 1.00 51.25 ? 22  LYS A O   1 
ATOM   154  C  CB  . LYS A 1 22 ? 8.440   6.682   -19.855 1.00 52.16 ? 22  LYS A CB  1 
ATOM   155  C  CG  . LYS A 1 22 ? 8.400   5.410   -20.685 1.00 54.00 ? 22  LYS A CG  1 
ATOM   156  C  CD  . LYS A 1 22 ? 7.089   5.315   -21.438 1.00 58.46 ? 22  LYS A CD  1 
ATOM   157  C  CE  . LYS A 1 22 ? 7.017   4.055   -22.288 1.00 61.76 ? 22  LYS A CE  1 
ATOM   158  N  NZ  . LYS A 1 22 ? 5.681   3.375   -22.122 1.00 64.79 ? 22  LYS A NZ  1 
ATOM   159  N  N   . GLY A 1 23 ? 8.269   5.929   -16.892 1.00 50.50 ? 23  GLY A N   1 
ATOM   160  C  CA  . GLY A 1 23 ? 7.692   4.891   -16.063 1.00 49.13 ? 23  GLY A CA  1 
ATOM   161  C  C   . GLY A 1 23 ? 7.418   5.340   -14.664 1.00 48.16 ? 23  GLY A C   1 
ATOM   162  O  O   . GLY A 1 23 ? 8.115   6.214   -14.123 1.00 48.86 ? 23  GLY A O   1 
ATOM   163  N  N   . PHE A 1 24 ? 6.399   4.742   -14.065 1.00 46.79 ? 24  PHE A N   1 
ATOM   164  C  CA  . PHE A 1 24 ? 6.018   5.117   -12.711 1.00 45.35 ? 24  PHE A CA  1 
ATOM   165  C  C   . PHE A 1 24 ? 7.040   4.581   -11.709 1.00 44.02 ? 24  PHE A C   1 
ATOM   166  O  O   . PHE A 1 24 ? 7.471   5.301   -10.802 1.00 44.45 ? 24  PHE A O   1 
ATOM   167  C  CB  . PHE A 1 24 ? 4.605   4.612   -12.399 1.00 45.81 ? 24  PHE A CB  1 
ATOM   168  C  CG  . PHE A 1 24 ? 4.069   5.084   -11.081 1.00 46.63 ? 24  PHE A CG  1 
ATOM   169  C  CD1 . PHE A 1 24 ? 3.650   6.419   -10.914 1.00 46.60 ? 24  PHE A CD1 1 
ATOM   170  C  CD2 . PHE A 1 24 ? 3.983   4.191   -9.989  1.00 46.43 ? 24  PHE A CD2 1 
ATOM   171  C  CE1 . PHE A 1 24 ? 3.148   6.874   -9.670  1.00 47.81 ? 24  PHE A CE1 1 
ATOM   172  C  CE2 . PHE A 1 24 ? 3.483   4.627   -8.731  1.00 46.92 ? 24  PHE A CE2 1 
ATOM   173  C  CZ  . PHE A 1 24 ? 3.060   5.974   -8.568  1.00 47.57 ? 24  PHE A CZ  1 
ATOM   174  N  N   . GLY A 1 25 ? 7.438   3.326   -11.874 1.00 42.07 ? 25  GLY A N   1 
ATOM   175  C  CA  . GLY A 1 25 ? 8.362   2.710   -10.932 1.00 39.96 ? 25  GLY A CA  1 
ATOM   176  C  C   . GLY A 1 25 ? 8.394   1.193   -11.027 1.00 38.47 ? 25  GLY A C   1 
ATOM   177  O  O   . GLY A 1 25 ? 8.389   0.600   -12.112 1.00 38.42 ? 25  GLY A O   1 
ATOM   178  N  N   . LEU A 1 26 ? 8.392   0.567   -9.867  1.00 36.76 ? 26  LEU A N   1 
ATOM   179  C  CA  . LEU A 1 26 ? 8.789   -0.808  -9.759  1.00 35.34 ? 26  LEU A CA  1 
ATOM   180  C  C   . LEU A 1 26 ? 7.655   -1.684  -9.223  1.00 35.16 ? 26  LEU A C   1 
ATOM   181  O  O   . LEU A 1 26 ? 7.104   -1.390  -8.159  1.00 34.36 ? 26  LEU A O   1 
ATOM   182  C  CB  . LEU A 1 26 ? 10.014  -0.874  -8.843  1.00 34.45 ? 26  LEU A CB  1 
ATOM   183  C  CG  . LEU A 1 26 ? 10.518  -2.298  -8.642  1.00 34.31 ? 26  LEU A CG  1 
ATOM   184  C  CD1 . LEU A 1 26 ? 11.044  -2.824  -9.970  1.00 30.63 ? 26  LEU A CD1 1 
ATOM   185  C  CD2 . LEU A 1 26 ? 11.558  -2.377  -7.515  1.00 33.08 ? 26  LEU A CD2 1 
ATOM   186  N  N   . ARG A 1 27 ? 7.314   -2.745  -9.967  1.00 34.91 ? 27  ARG A N   1 
ATOM   187  C  CA  . ARG A 1 27 ? 6.431   -3.807  -9.464  1.00 34.64 ? 27  ARG A CA  1 
ATOM   188  C  C   . ARG A 1 27 ? 7.219   -4.948  -8.850  1.00 35.14 ? 27  ARG A C   1 
ATOM   189  O  O   . ARG A 1 27 ? 8.118   -5.520  -9.494  1.00 34.78 ? 27  ARG A O   1 
ATOM   190  C  CB  . ARG A 1 27 ? 5.505   -4.371  -10.559 1.00 34.30 ? 27  ARG A CB  1 
ATOM   191  C  CG  . ARG A 1 27 ? 4.599   -5.508  -10.060 1.00 32.92 ? 27  ARG A CG  1 
ATOM   192  C  CD  . ARG A 1 27 ? 3.541   -5.978  -11.048 1.00 33.21 ? 27  ARG A CD  1 
ATOM   193  N  NE  . ARG A 1 27 ? 2.676   -4.865  -11.415 1.00 33.89 ? 27  ARG A NE  1 
ATOM   194  C  CZ  . ARG A 1 27 ? 1.602   -4.493  -10.732 1.00 33.72 ? 27  ARG A CZ  1 
ATOM   195  N  NH1 . ARG A 1 27 ? 1.223   -5.161  -9.640  1.00 31.04 ? 27  ARG A NH1 1 
ATOM   196  N  NH2 . ARG A 1 27 ? 0.928   -3.423  -11.127 1.00 33.14 ? 27  ARG A NH2 1 
ATOM   197  N  N   . LEU A 1 28 ? 6.890   -5.263  -7.600  1.00 36.11 ? 28  LEU A N   1 
ATOM   198  C  CA  . LEU A 1 28 ? 7.290   -6.526  -6.965  1.00 37.19 ? 28  LEU A CA  1 
ATOM   199  C  C   . LEU A 1 28 ? 6.103   -7.467  -7.015  1.00 37.95 ? 28  LEU A C   1 
ATOM   200  O  O   . LEU A 1 28 ? 5.007   -7.122  -6.595  1.00 37.71 ? 28  LEU A O   1 
ATOM   201  C  CB  . LEU A 1 28 ? 7.686   -6.329  -5.518  1.00 37.32 ? 28  LEU A CB  1 
ATOM   202  C  CG  . LEU A 1 28 ? 9.130   -6.131  -5.097  1.00 39.19 ? 28  LEU A CG  1 
ATOM   203  C  CD1 . LEU A 1 28 ? 9.881   -5.270  -6.071  1.00 39.59 ? 28  LEU A CD1 1 
ATOM   204  C  CD2 . LEU A 1 28 ? 9.120   -5.479  -3.743  1.00 38.11 ? 28  LEU A CD2 1 
ATOM   205  N  N   . GLY A 1 29 ? 6.336   -8.654  -7.556  1.00 39.73 ? 29  GLY A N   1 
ATOM   206  C  CA  . GLY A 1 29 ? 5.332   -9.693  -7.684  1.00 41.53 ? 29  GLY A CA  1 
ATOM   207  C  C   . GLY A 1 29 ? 5.858   -11.044 -7.208  1.00 43.29 ? 29  GLY A C   1 
ATOM   208  O  O   . GLY A 1 29 ? 7.011   -11.207 -6.788  1.00 42.49 ? 29  GLY A O   1 
ATOM   209  N  N   . VAL A 1 30 ? 4.992   -12.038 -7.306  1.00 44.89 ? 30  VAL A N   1 
ATOM   210  C  CA  . VAL A 1 30 ? 5.283   -13.358 -6.781  1.00 46.44 ? 30  VAL A CA  1 
ATOM   211  C  C   . VAL A 1 30 ? 4.624   -14.338 -7.751  1.00 47.62 ? 30  VAL A C   1 
ATOM   212  O  O   . VAL A 1 30 ? 3.661   -13.982 -8.429  1.00 48.29 ? 30  VAL A O   1 
ATOM   213  C  CB  . VAL A 1 30 ? 4.744   -13.439 -5.336  1.00 46.43 ? 30  VAL A CB  1 
ATOM   214  C  CG1 . VAL A 1 30 ? 3.852   -14.612 -5.150  1.00 47.69 ? 30  VAL A CG1 1 
ATOM   215  C  CG2 . VAL A 1 30 ? 5.860   -13.400 -4.333  1.00 44.84 ? 30  VAL A CG2 1 
ATOM   216  N  N   . ARG A 1 31 ? 5.182   -15.534 -7.881  1.00 49.04 ? 31  ARG A N   1 
ATOM   217  C  CA  . ARG A 1 31 ? 4.603   -16.575 -8.729  1.00 51.04 ? 31  ARG A CA  1 
ATOM   218  C  C   . ARG A 1 31 ? 5.090   -17.947 -8.255  1.00 51.85 ? 31  ARG A C   1 
ATOM   219  O  O   . ARG A 1 31 ? 6.126   -18.059 -7.589  1.00 51.59 ? 31  ARG A O   1 
ATOM   220  C  CB  . ARG A 1 31 ? 4.932   -16.361 -10.226 1.00 51.13 ? 31  ARG A CB  1 
ATOM   221  C  CG  . ARG A 1 31 ? 6.428   -16.455 -10.571 1.00 53.71 ? 31  ARG A CG  1 
ATOM   222  C  CD  . ARG A 1 31 ? 6.783   -16.515 -12.079 1.00 58.77 ? 31  ARG A CD  1 
ATOM   223  N  NE  . ARG A 1 31 ? 7.445   -17.795 -12.378 1.00 64.09 ? 31  ARG A NE  1 
ATOM   224  C  CZ  . ARG A 1 31 ? 8.771   -17.998 -12.436 1.00 65.65 ? 31  ARG A CZ  1 
ATOM   225  N  NH1 . ARG A 1 31 ? 9.635   -16.996 -12.258 1.00 65.97 ? 31  ARG A NH1 1 
ATOM   226  N  NH2 . ARG A 1 31 ? 9.227   -19.220 -12.690 1.00 66.37 ? 31  ARG A NH2 1 
ATOM   227  N  N   . THR A 1 32 ? 4.346   -18.989 -8.600  1.00 52.81 ? 32  THR A N   1 
ATOM   228  C  CA  . THR A 1 32 ? 4.786   -20.340 -8.269  1.00 54.19 ? 32  THR A CA  1 
ATOM   229  C  C   . THR A 1 32 ? 6.005   -20.704 -9.096  1.00 54.69 ? 32  THR A C   1 
ATOM   230  O  O   . THR A 1 32 ? 6.138   -20.298 -10.262 1.00 55.20 ? 32  THR A O   1 
ATOM   231  C  CB  . THR A 1 32 ? 3.684   -21.381 -8.552  1.00 54.20 ? 32  THR A CB  1 
ATOM   232  O  OG1 . THR A 1 32 ? 3.420   -21.392 -9.961  1.00 55.32 ? 32  THR A OG1 1 
ATOM   233  C  CG2 . THR A 1 32 ? 2.344   -20.983 -7.913  1.00 53.33 ? 32  THR A CG2 1 
ATOM   234  N  N   . SER A 1 33 ? 6.893   -21.465 -8.474  1.00 54.99 ? 33  SER A N   1 
ATOM   235  C  CA  . SER A 1 33 ? 7.960   -22.143 -9.170  1.00 55.63 ? 33  SER A CA  1 
ATOM   236  C  C   . SER A 1 33 ? 7.886   -23.591 -8.654  1.00 56.17 ? 33  SER A C   1 
ATOM   237  O  O   . SER A 1 33 ? 8.484   -23.934 -7.621  1.00 56.15 ? 33  SER A O   1 
ATOM   238  C  CB  . SER A 1 33 ? 9.314   -21.463 -8.886  1.00 55.77 ? 33  SER A CB  1 
ATOM   239  O  OG  . SER A 1 33 ? 10.412  -22.375 -8.892  1.00 56.54 ? 33  SER A OG  1 
ATOM   240  N  N   . GLY A 1 34 ? 7.095   -24.414 -9.356  1.00 56.21 ? 34  GLY A N   1 
ATOM   241  C  CA  . GLY A 1 34 ? 7.010   -25.842 -9.075  1.00 55.93 ? 34  GLY A CA  1 
ATOM   242  C  C   . GLY A 1 34 ? 5.859   -26.202 -8.152  1.00 56.17 ? 34  GLY A C   1 
ATOM   243  O  O   . GLY A 1 34 ? 4.822   -25.512 -8.100  1.00 56.44 ? 34  GLY A O   1 
ATOM   244  N  N   . CYS A 1 35 ? 6.034   -27.276 -7.395  1.00 55.36 ? 35  CYS A N   1 
ATOM   245  C  CA  . CYS A 1 35 ? 4.947   -27.719 -6.528  1.00 54.98 ? 35  CYS A CA  1 
ATOM   246  C  C   . CYS A 1 35 ? 5.082   -27.281 -5.080  1.00 53.65 ? 35  CYS A C   1 
ATOM   247  O  O   . CYS A 1 35 ? 4.092   -27.177 -4.359  1.00 53.05 ? 35  CYS A O   1 
ATOM   248  C  CB  . CYS A 1 35 ? 4.738   -29.222 -6.659  1.00 54.89 ? 35  CYS A CB  1 
ATOM   249  S  SG  . CYS A 1 35 ? 3.586   -29.522 -8.024  1.00 58.89 ? 35  CYS A SG  1 
ATOM   250  N  N   . SER A 1 36 ? 6.311   -27.002 -4.673  1.00 52.66 ? 36  SER A N   1 
ATOM   251  C  CA  . SER A 1 36 ? 6.549   -26.501 -3.337  1.00 51.97 ? 36  SER A CA  1 
ATOM   252  C  C   . SER A 1 36 ? 7.484   -25.285 -3.341  1.00 51.12 ? 36  SER A C   1 
ATOM   253  O  O   . SER A 1 36 ? 8.386   -25.181 -2.499  1.00 51.24 ? 36  SER A O   1 
ATOM   254  C  CB  . SER A 1 36 ? 7.077   -27.635 -2.459  1.00 52.07 ? 36  SER A CB  1 
ATOM   255  O  OG  . SER A 1 36 ? 8.233   -28.196 -3.047  1.00 52.25 ? 36  SER A OG  1 
ATOM   256  N  N   . GLY A 1 37 ? 7.256   -24.355 -4.273  1.00 50.11 ? 37  GLY A N   1 
ATOM   257  C  CA  . GLY A 1 37 ? 8.143   -23.207 -4.441  1.00 48.57 ? 37  GLY A CA  1 
ATOM   258  C  C   . GLY A 1 37 ? 7.521   -21.903 -4.934  1.00 47.59 ? 37  GLY A C   1 
ATOM   259  O  O   . GLY A 1 37 ? 6.470   -21.898 -5.547  1.00 47.11 ? 37  GLY A O   1 
ATOM   260  N  N   . MET A 1 38 ? 8.205   -20.790 -4.666  1.00 47.24 ? 38  MET A N   1 
ATOM   261  C  CA  . MET A 1 38 ? 7.753   -19.465 -5.069  1.00 47.20 ? 38  MET A CA  1 
ATOM   262  C  C   . MET A 1 38 ? 8.875   -18.703 -5.780  1.00 46.15 ? 38  MET A C   1 
ATOM   263  O  O   . MET A 1 38 ? 10.046  -18.822 -5.427  1.00 46.67 ? 38  MET A O   1 
ATOM   264  C  CB  . MET A 1 38 ? 7.259   -18.696 -3.841  1.00 47.55 ? 38  MET A CB  1 
ATOM   265  C  CG  . MET A 1 38 ? 6.399   -17.458 -4.169  1.00 52.13 ? 38  MET A CG  1 
ATOM   266  S  SD  . MET A 1 38 ? 4.828   -17.280 -3.176  1.00 62.20 ? 38  MET A SD  1 
ATOM   267  C  CE  . MET A 1 38 ? 4.090   -18.967 -3.343  1.00 59.22 ? 38  MET A CE  1 
ATOM   268  N  N   . ALA A 1 39 ? 8.535   -17.934 -6.801  1.00 44.95 ? 39  ALA A N   1 
ATOM   269  C  CA  . ALA A 1 39 ? 9.526   -17.047 -7.404  1.00 44.08 ? 39  ALA A CA  1 
ATOM   270  C  C   . ALA A 1 39 ? 9.105   -15.582 -7.319  1.00 43.31 ? 39  ALA A C   1 
ATOM   271  O  O   . ALA A 1 39 ? 7.979   -15.241 -7.639  1.00 42.20 ? 39  ALA A O   1 
ATOM   272  C  CB  . ALA A 1 39 ? 9.818   -17.447 -8.844  1.00 43.53 ? 39  ALA A CB  1 
ATOM   273  N  N   . TYR A 1 40 ? 10.039  -14.743 -6.878  1.00 43.71 ? 40  TYR A N   1 
ATOM   274  C  CA  . TYR A 1 40 ? 9.895   -13.292 -6.857  1.00 44.70 ? 40  TYR A CA  1 
ATOM   275  C  C   . TYR A 1 40 ? 9.986   -12.754 -8.259  1.00 44.38 ? 40  TYR A C   1 
ATOM   276  O  O   . TYR A 1 40 ? 10.719  -13.287 -9.069  1.00 45.19 ? 40  TYR A O   1 
ATOM   277  C  CB  . TYR A 1 40 ? 11.030  -12.696 -6.071  1.00 45.44 ? 40  TYR A CB  1 
ATOM   278  C  CG  . TYR A 1 40 ? 10.967  -12.908 -4.581  1.00 47.97 ? 40  TYR A CG  1 
ATOM   279  C  CD1 . TYR A 1 40 ? 11.713  -13.914 -3.951  1.00 49.45 ? 40  TYR A CD1 1 
ATOM   280  C  CD2 . TYR A 1 40 ? 10.201  -12.064 -3.781  1.00 52.66 ? 40  TYR A CD2 1 
ATOM   281  C  CE1 . TYR A 1 40 ? 11.675  -14.094 -2.547  1.00 50.22 ? 40  TYR A CE1 1 
ATOM   282  C  CE2 . TYR A 1 40 ? 10.164  -12.222 -2.372  1.00 54.05 ? 40  TYR A CE2 1 
ATOM   283  C  CZ  . TYR A 1 40 ? 10.903  -13.242 -1.771  1.00 53.32 ? 40  TYR A CZ  1 
ATOM   284  O  OH  . TYR A 1 40 ? 10.842  -13.348 -0.389  1.00 56.24 ? 40  TYR A OH  1 
ATOM   285  N  N   . VAL A 1 41 ? 9.226   -11.707 -8.550  1.00 44.14 ? 41  VAL A N   1 
ATOM   286  C  CA  . VAL A 1 41 ? 9.173   -11.089 -9.873  1.00 43.30 ? 41  VAL A CA  1 
ATOM   287  C  C   . VAL A 1 41 ? 9.395   -9.564  -9.778  1.00 42.30 ? 41  VAL A C   1 
ATOM   288  O  O   . VAL A 1 41 ? 8.833   -8.902  -8.879  1.00 40.71 ? 41  VAL A O   1 
ATOM   289  C  CB  . VAL A 1 41 ? 7.803   -11.342 -10.510 1.00 43.91 ? 41  VAL A CB  1 
ATOM   290  C  CG1 . VAL A 1 41 ? 7.704   -10.707 -11.922 1.00 45.72 ? 41  VAL A CG1 1 
ATOM   291  C  CG2 . VAL A 1 41 ? 7.517   -12.845 -10.593 1.00 45.77 ? 41  VAL A CG2 1 
ATOM   292  N  N   . LEU A 1 42 ? 10.218  -9.033  -10.692 1.00 41.62 ? 42  LEU A N   1 
ATOM   293  C  CA  . LEU A 1 42 ? 10.417  -7.573  -10.900 1.00 41.88 ? 42  LEU A CA  1 
ATOM   294  C  C   . LEU A 1 42 ? 9.973   -7.128  -12.270 1.00 41.59 ? 42  LEU A C   1 
ATOM   295  O  O   . LEU A 1 42 ? 10.369  -7.712  -13.256 1.00 41.71 ? 42  LEU A O   1 
ATOM   296  C  CB  . LEU A 1 42 ? 11.875  -7.158  -10.763 1.00 41.28 ? 42  LEU A CB  1 
ATOM   297  C  CG  . LEU A 1 42 ? 12.466  -7.341  -9.389  1.00 42.53 ? 42  LEU A CG  1 
ATOM   298  C  CD1 . LEU A 1 42 ? 13.856  -6.829  -9.387  1.00 40.98 ? 42  LEU A CD1 1 
ATOM   299  C  CD2 . LEU A 1 42 ? 11.615  -6.597  -8.366  1.00 44.62 ? 42  LEU A CD2 1 
ATOM   300  N  N   . GLU A 1 43 ? 9.182   -6.066  -12.321 1.00 41.98 ? 43  GLU A N   1 
ATOM   301  C  CA  . GLU A 1 43 ? 8.655   -5.542  -13.555 1.00 42.49 ? 43  GLU A CA  1 
ATOM   302  C  C   . GLU A 1 43 ? 8.627   -4.026  -13.439 1.00 42.50 ? 43  GLU A C   1 
ATOM   303  O  O   . GLU A 1 43 ? 8.616   -3.482  -12.318 1.00 41.70 ? 43  GLU A O   1 
ATOM   304  C  CB  . GLU A 1 43 ? 7.209   -5.987  -13.720 1.00 42.92 ? 43  GLU A CB  1 
ATOM   305  C  CG  . GLU A 1 43 ? 6.943   -7.445  -14.011 1.00 45.79 ? 43  GLU A CG  1 
ATOM   306  C  CD  . GLU A 1 43 ? 5.562   -7.603  -14.602 1.00 49.63 ? 43  GLU A CD  1 
ATOM   307  O  OE1 . GLU A 1 43 ? 5.388   -7.321  -15.803 1.00 54.73 ? 43  GLU A OE1 1 
ATOM   308  O  OE2 . GLU A 1 43 ? 4.635   -7.966  -13.872 1.00 50.76 ? 43  GLU A OE2 1 
ATOM   309  N  N   . PHE A 1 44 ? 8.570   -3.349  -14.589 1.00 42.15 ? 44  PHE A N   1 
ATOM   310  C  CA  . PHE A 1 44 ? 8.287   -1.921  -14.621 1.00 42.85 ? 44  PHE A CA  1 
ATOM   311  C  C   . PHE A 1 44 ? 6.792   -1.717  -14.504 1.00 43.21 ? 44  PHE A C   1 
ATOM   312  O  O   . PHE A 1 44 ? 6.024   -2.512  -15.021 1.00 43.49 ? 44  PHE A O   1 
ATOM   313  C  CB  . PHE A 1 44 ? 8.732   -1.278  -15.946 1.00 42.60 ? 44  PHE A CB  1 
ATOM   314  C  CG  . PHE A 1 44 ? 10.201  -1.363  -16.210 1.00 43.43 ? 44  PHE A CG  1 
ATOM   315  C  CD1 . PHE A 1 44 ? 10.681  -2.154  -17.261 1.00 43.80 ? 44  PHE A CD1 1 
ATOM   316  C  CD2 . PHE A 1 44 ? 11.112  -0.638  -15.427 1.00 44.26 ? 44  PHE A CD2 1 
ATOM   317  C  CE1 . PHE A 1 44 ? 12.060  -2.232  -17.540 1.00 44.99 ? 44  PHE A CE1 1 
ATOM   318  C  CE2 . PHE A 1 44 ? 12.488  -0.687  -15.689 1.00 45.64 ? 44  PHE A CE2 1 
ATOM   319  C  CZ  . PHE A 1 44 ? 12.971  -1.491  -16.759 1.00 47.32 ? 44  PHE A CZ  1 
ATOM   320  N  N   . VAL A 1 45 ? 6.389   -0.626  -13.867 1.00 44.05 ? 45  VAL A N   1 
ATOM   321  C  CA  . VAL A 1 45 ? 4.995   -0.206  -13.848 1.00 45.45 ? 45  VAL A CA  1 
ATOM   322  C  C   . VAL A 1 45 ? 4.855   1.134   -14.535 1.00 46.32 ? 45  VAL A C   1 
ATOM   323  O  O   . VAL A 1 45 ? 5.643   2.037   -14.275 1.00 46.64 ? 45  VAL A O   1 
ATOM   324  C  CB  . VAL A 1 45 ? 4.481   0.019   -12.398 1.00 45.09 ? 45  VAL A CB  1 
ATOM   325  C  CG1 . VAL A 1 45 ? 2.972   0.249   -12.389 1.00 43.52 ? 45  VAL A CG1 1 
ATOM   326  C  CG2 . VAL A 1 45 ? 4.839   -1.136  -11.537 1.00 45.73 ? 45  VAL A CG2 1 
ATOM   327  N  N   . ASP A 1 46 ? 3.833   1.278   -15.378 1.00 47.96 ? 46  ASP A N   1 
ATOM   328  C  CA  . ASP A 1 46 ? 3.489   2.589   -15.929 1.00 49.41 ? 46  ASP A CA  1 
ATOM   329  C  C   . ASP A 1 46 ? 2.236   3.100   -15.281 1.00 50.41 ? 46  ASP A C   1 
ATOM   330  O  O   . ASP A 1 46 ? 2.118   4.294   -15.018 1.00 51.39 ? 46  ASP A O   1 
ATOM   331  C  CB  . ASP A 1 46 ? 3.294   2.534   -17.437 1.00 49.41 ? 46  ASP A CB  1 
ATOM   332  C  CG  . ASP A 1 46 ? 4.587   2.317   -18.179 1.00 49.95 ? 46  ASP A CG  1 
ATOM   333  O  OD1 . ASP A 1 46 ? 5.553   3.053   -17.887 1.00 49.84 ? 46  ASP A OD1 1 
ATOM   334  O  OD2 . ASP A 1 46 ? 4.739   1.433   -19.054 1.00 50.33 ? 46  ASP A OD2 1 
ATOM   335  N  N   . GLU A 1 47 ? 1.289   2.207   -15.037 1.00 51.34 ? 47  GLU A N   1 
ATOM   336  C  CA  . GLU A 1 47 ? 0.066   2.595   -14.352 1.00 52.57 ? 47  GLU A CA  1 
ATOM   337  C  C   . GLU A 1 47 ? -0.296  1.540   -13.340 1.00 52.05 ? 47  GLU A C   1 
ATOM   338  O  O   . GLU A 1 47 ? -0.461  0.378   -13.695 1.00 52.42 ? 47  GLU A O   1 
ATOM   339  C  CB  . GLU A 1 47 ? -1.086  2.809   -15.336 1.00 53.13 ? 47  GLU A CB  1 
ATOM   340  C  CG  . GLU A 1 47 ? -1.205  4.242   -15.831 1.00 57.62 ? 47  GLU A CG  1 
ATOM   341  C  CD  . GLU A 1 47 ? -1.730  5.191   -14.762 1.00 62.04 ? 47  GLU A CD  1 
ATOM   342  O  OE1 . GLU A 1 47 ? -2.978  5.276   -14.612 1.00 63.43 ? 47  GLU A OE1 1 
ATOM   343  O  OE2 . GLU A 1 47 ? -0.898  5.842   -14.072 1.00 63.74 ? 47  GLU A OE2 1 
ATOM   344  N  N   . PRO A 1 48 ? -0.350  1.936   -12.073 1.00 51.84 ? 48  PRO A N   1 
ATOM   345  C  CA  . PRO A 1 48 ? -0.902  1.093   -11.010 1.00 51.52 ? 48  PRO A CA  1 
ATOM   346  C  C   . PRO A 1 48 ? -2.346  0.729   -11.316 1.00 51.08 ? 48  PRO A C   1 
ATOM   347  O  O   . PRO A 1 48 ? -3.080  1.575   -11.803 1.00 50.84 ? 48  PRO A O   1 
ATOM   348  C  CB  . PRO A 1 48 ? -0.851  2.008   -9.778  1.00 51.34 ? 48  PRO A CB  1 
ATOM   349  C  CG  . PRO A 1 48 ? 0.255   2.956   -10.053 1.00 51.74 ? 48  PRO A CG  1 
ATOM   350  C  CD  . PRO A 1 48 ? 0.180   3.210   -11.550 1.00 52.11 ? 48  PRO A CD  1 
ATOM   351  N  N   . THR A 1 49 ? -2.720  -0.520  -11.057 1.00 50.91 ? 49  THR A N   1 
ATOM   352  C  CA  . THR A 1 49 ? -4.110  -0.953  -11.092 1.00 50.68 ? 49  THR A CA  1 
ATOM   353  C  C   . THR A 1 49 ? -4.796  -0.539  -9.787  1.00 50.97 ? 49  THR A C   1 
ATOM   354  O  O   . THR A 1 49 ? -4.116  -0.249  -8.802  1.00 50.51 ? 49  THR A O   1 
ATOM   355  C  CB  . THR A 1 49 ? -4.181  -2.467  -11.239 1.00 50.51 ? 49  THR A CB  1 
ATOM   356  O  OG1 . THR A 1 49 ? -3.621  -3.085  -10.070 1.00 50.22 ? 49  THR A OG1 1 
ATOM   357  C  CG2 . THR A 1 49 ? -3.278  -2.929  -12.357 1.00 50.04 ? 49  THR A CG2 1 
ATOM   358  N  N   . PRO A 1 50 ? -6.133  -0.498  -9.786  1.00 51.31 ? 50  PRO A N   1 
ATOM   359  C  CA  . PRO A 1 50 ? -6.925  -0.295  -8.550  1.00 50.88 ? 50  PRO A CA  1 
ATOM   360  C  C   . PRO A 1 50 ? -6.758  -1.407  -7.504  1.00 50.24 ? 50  PRO A C   1 
ATOM   361  O  O   . PRO A 1 50 ? -7.142  -1.227  -6.344  1.00 50.02 ? 50  PRO A O   1 
ATOM   362  C  CB  . PRO A 1 50 ? -8.371  -0.258  -9.063  1.00 51.37 ? 50  PRO A CB  1 
ATOM   363  C  CG  . PRO A 1 50 ? -8.215  0.179   -10.551 1.00 52.22 ? 50  PRO A CG  1 
ATOM   364  C  CD  . PRO A 1 50 ? -6.991  -0.605  -10.989 1.00 51.67 ? 50  PRO A CD  1 
ATOM   365  N  N   . GLU A 1 51 ? -6.173  -2.532  -7.913  1.00 49.59 ? 51  GLU A N   1 
ATOM   366  C  CA  . GLU A 1 51 ? -5.835  -3.624  -6.999  1.00 49.15 ? 51  GLU A CA  1 
ATOM   367  C  C   . GLU A 1 51 ? -4.458  -3.438  -6.356  1.00 47.53 ? 51  GLU A C   1 
ATOM   368  O  O   . GLU A 1 51 ? -4.091  -4.179  -5.438  1.00 47.89 ? 51  GLU A O   1 
ATOM   369  C  CB  . GLU A 1 51 ? -5.884  -4.978  -7.720  1.00 49.51 ? 51  GLU A CB  1 
ATOM   370  C  CG  . GLU A 1 51 ? -7.254  -5.316  -8.279  1.00 53.17 ? 51  GLU A CG  1 
ATOM   371  C  CD  . GLU A 1 51 ? -7.551  -4.542  -9.549  1.00 57.72 ? 51  GLU A CD  1 
ATOM   372  O  OE1 . GLU A 1 51 ? -6.766  -4.655  -10.521 1.00 60.28 ? 51  GLU A OE1 1 
ATOM   373  O  OE2 . GLU A 1 51 ? -8.560  -3.797  -9.563  1.00 59.69 ? 51  GLU A OE2 1 
ATOM   374  N  N   . ASP A 1 52 ? -3.699  -2.461  -6.838  1.00 45.22 ? 52  ASP A N   1 
ATOM   375  C  CA  . ASP A 1 52 ? -2.347  -2.283  -6.360  1.00 43.45 ? 52  ASP A CA  1 
ATOM   376  C  C   . ASP A 1 52 ? -2.287  -1.421  -5.135  1.00 42.54 ? 52  ASP A C   1 
ATOM   377  O  O   . ASP A 1 52 ? -3.114  -0.530  -4.932  1.00 42.09 ? 52  ASP A O   1 
ATOM   378  C  CB  . ASP A 1 52 ? -1.460  -1.639  -7.418  1.00 43.72 ? 52  ASP A CB  1 
ATOM   379  C  CG  . ASP A 1 52 ? -1.062  -2.593  -8.518  1.00 43.24 ? 52  ASP A CG  1 
ATOM   380  O  OD1 . ASP A 1 52 ? -1.088  -3.831  -8.309  1.00 42.50 ? 52  ASP A OD1 1 
ATOM   381  O  OD2 . ASP A 1 52 ? -0.725  -2.165  -9.638  1.00 40.68 ? 52  ASP A OD2 1 
ATOM   382  N  N   . ILE A 1 53 ? -1.263  -1.708  -4.344  1.00 40.90 ? 53  ILE A N   1 
ATOM   383  C  CA  . ILE A 1 53 ? -0.821  -0.910  -3.219  1.00 40.03 ? 53  ILE A CA  1 
ATOM   384  C  C   . ILE A 1 53 ? 0.459   -0.216  -3.702  1.00 39.11 ? 53  ILE A C   1 
ATOM   385  O  O   . ILE A 1 53 ? 1.245   -0.820  -4.426  1.00 38.39 ? 53  ILE A O   1 
ATOM   386  C  CB  . ILE A 1 53 ? -0.568  -1.881  -2.047  1.00 39.81 ? 53  ILE A CB  1 
ATOM   387  C  CG1 . ILE A 1 53 ? -1.765  -1.889  -1.130  1.00 41.86 ? 53  ILE A CG1 1 
ATOM   388  C  CG2 . ILE A 1 53 ? 0.704   -1.597  -1.279  1.00 40.67 ? 53  ILE A CG2 1 
ATOM   389  C  CD1 . ILE A 1 53 ? -3.011  -2.314  -1.848  1.00 45.30 ? 53  ILE A CD1 1 
ATOM   390  N  N   . VAL A 1 54 ? 0.661   1.041   -3.319  1.00 38.15 ? 54  VAL A N   1 
ATOM   391  C  CA  . VAL A 1 54 ? 1.850   1.777   -3.739  1.00 37.88 ? 54  VAL A CA  1 
ATOM   392  C  C   . VAL A 1 54 ? 2.557   2.355   -2.541  1.00 38.02 ? 54  VAL A C   1 
ATOM   393  O  O   . VAL A 1 54 ? 1.936   2.928   -1.682  1.00 38.12 ? 54  VAL A O   1 
ATOM   394  C  CB  . VAL A 1 54 ? 1.550   2.957   -4.750  1.00 37.65 ? 54  VAL A CB  1 
ATOM   395  C  CG1 . VAL A 1 54 ? 2.837   3.600   -5.190  1.00 37.32 ? 54  VAL A CG1 1 
ATOM   396  C  CG2 . VAL A 1 54 ? 0.781   2.498   -5.966  1.00 35.89 ? 54  VAL A CG2 1 
ATOM   397  N  N   . PHE A 1 55 ? 3.870   2.218   -2.499  1.00 39.04 ? 55  PHE A N   1 
ATOM   398  C  CA  . PHE A 1 55 ? 4.662   2.886   -1.484  1.00 39.89 ? 55  PHE A CA  1 
ATOM   399  C  C   . PHE A 1 55 ? 5.980   3.418   -2.054  1.00 40.16 ? 55  PHE A C   1 
ATOM   400  O  O   . PHE A 1 55 ? 6.151   3.459   -3.265  1.00 40.05 ? 55  PHE A O   1 
ATOM   401  C  CB  . PHE A 1 55 ? 4.893   1.971   -0.296  1.00 39.82 ? 55  PHE A CB  1 
ATOM   402  C  CG  . PHE A 1 55 ? 5.531   0.681   -0.646  1.00 40.04 ? 55  PHE A CG  1 
ATOM   403  C  CD1 . PHE A 1 55 ? 6.901   0.501   -0.467  1.00 40.93 ? 55  PHE A CD1 1 
ATOM   404  C  CD2 . PHE A 1 55 ? 4.761   -0.363  -1.135  1.00 41.88 ? 55  PHE A CD2 1 
ATOM   405  C  CE1 . PHE A 1 55 ? 7.505   -0.710  -0.799  1.00 43.54 ? 55  PHE A CE1 1 
ATOM   406  C  CE2 . PHE A 1 55 ? 5.337   -1.584  -1.479  1.00 43.90 ? 55  PHE A CE2 1 
ATOM   407  C  CZ  . PHE A 1 55 ? 6.710   -1.766  -1.316  1.00 44.42 ? 55  PHE A CZ  1 
ATOM   408  N  N   . GLU A 1 56 ? 6.895   3.786   -1.156  1.00 40.76 ? 56  GLU A N   1 
ATOM   409  C  CA  . GLU A 1 56 ? 8.090   4.572   -1.465  1.00 41.36 ? 56  GLU A CA  1 
ATOM   410  C  C   . GLU A 1 56 ? 9.261   4.177   -0.560  1.00 40.13 ? 56  GLU A C   1 
ATOM   411  O  O   . GLU A 1 56 ? 9.119   4.066   0.672   1.00 40.00 ? 56  GLU A O   1 
ATOM   412  C  CB  . GLU A 1 56 ? 7.778   6.062   -1.293  1.00 42.47 ? 56  GLU A CB  1 
ATOM   413  C  CG  . GLU A 1 56 ? 8.950   7.049   -1.477  1.00 48.51 ? 56  GLU A CG  1 
ATOM   414  C  CD  . GLU A 1 56 ? 8.599   8.216   -2.410  1.00 53.99 ? 56  GLU A CD  1 
ATOM   415  O  OE1 . GLU A 1 56 ? 9.499   8.998   -2.804  1.00 55.81 ? 56  GLU A OE1 1 
ATOM   416  O  OE2 . GLU A 1 56 ? 7.407   8.353   -2.765  1.00 57.01 ? 56  GLU A OE2 1 
ATOM   417  N  N   . ASP A 1 57 ? 10.411  3.930   -1.179  1.00 38.69 ? 57  ASP A N   1 
ATOM   418  C  CA  . ASP A 1 57 ? 11.666  3.849   -0.450  1.00 37.64 ? 57  ASP A CA  1 
ATOM   419  C  C   . ASP A 1 57 ? 12.729  4.411   -1.382  1.00 37.37 ? 57  ASP A C   1 
ATOM   420  O  O   . ASP A 1 57 ? 12.783  4.049   -2.542  1.00 35.96 ? 57  ASP A O   1 
ATOM   421  C  CB  . ASP A 1 57 ? 11.991  2.415   -0.003  1.00 37.37 ? 57  ASP A CB  1 
ATOM   422  C  CG  . ASP A 1 57 ? 13.031  2.360   1.118   1.00 37.58 ? 57  ASP A CG  1 
ATOM   423  O  OD1 . ASP A 1 57 ? 12.899  3.114   2.089   1.00 39.30 ? 57  ASP A OD1 1 
ATOM   424  O  OD2 . ASP A 1 57 ? 14.023  1.607   1.141   1.00 35.88 ? 57  ASP A OD2 1 
ATOM   425  N  N   . LYS A 1 58 ? 13.540  5.334   -0.864  1.00 37.85 ? 58  LYS A N   1 
ATOM   426  C  CA  . LYS A 1 58 ? 14.631  5.944   -1.620  1.00 38.13 ? 58  LYS A CA  1 
ATOM   427  C  C   . LYS A 1 58 ? 14.191  6.607   -2.927  1.00 38.83 ? 58  LYS A C   1 
ATOM   428  O  O   . LYS A 1 58 ? 14.863  6.509   -3.955  1.00 39.39 ? 58  LYS A O   1 
ATOM   429  C  CB  . LYS A 1 58 ? 15.743  4.920   -1.820  1.00 37.50 ? 58  LYS A CB  1 
ATOM   430  C  CG  . LYS A 1 58 ? 16.445  4.713   -0.505  1.00 37.29 ? 58  LYS A CG  1 
ATOM   431  C  CD  . LYS A 1 58 ? 17.129  3.416   -0.354  1.00 38.17 ? 58  LYS A CD  1 
ATOM   432  C  CE  . LYS A 1 58 ? 17.237  3.136   1.128   1.00 40.37 ? 58  LYS A CE  1 
ATOM   433  N  NZ  . LYS A 1 58 ? 18.575  2.691   1.557   1.00 41.52 ? 58  LYS A NZ  1 
ATOM   434  N  N   . GLY A 1 59 ? 13.044  7.276   -2.875  1.00 39.44 ? 59  GLY A N   1 
ATOM   435  C  CA  . GLY A 1 59 ? 12.491  7.901   -4.063  1.00 39.96 ? 59  GLY A CA  1 
ATOM   436  C  C   . GLY A 1 59 ? 12.102  6.939   -5.176  1.00 40.20 ? 59  GLY A C   1 
ATOM   437  O  O   . GLY A 1 59 ? 11.889  7.381   -6.311  1.00 41.74 ? 59  GLY A O   1 
ATOM   438  N  N   . VAL A 1 60 ? 12.012  5.636   -4.880  1.00 38.73 ? 60  VAL A N   1 
ATOM   439  C  CA  . VAL A 1 60 ? 11.466  4.680   -5.837  1.00 36.57 ? 60  VAL A CA  1 
ATOM   440  C  C   . VAL A 1 60 ? 10.016  4.320   -5.476  1.00 36.57 ? 60  VAL A C   1 
ATOM   441  O  O   . VAL A 1 60 ? 9.727   3.958   -4.337  1.00 35.58 ? 60  VAL A O   1 
ATOM   442  C  CB  . VAL A 1 60 ? 12.337  3.399   -5.940  1.00 36.85 ? 60  VAL A CB  1 
ATOM   443  C  CG1 . VAL A 1 60 ? 11.826  2.483   -7.041  1.00 34.47 ? 60  VAL A CG1 1 
ATOM   444  C  CG2 . VAL A 1 60 ? 13.768  3.759   -6.191  1.00 34.34 ? 60  VAL A CG2 1 
ATOM   445  N  N   . LYS A 1 61 ? 9.112   4.444   -6.450  1.00 36.37 ? 61  LYS A N   1 
ATOM   446  C  CA  . LYS A 1 61 ? 7.748   3.967   -6.299  1.00 37.15 ? 61  LYS A CA  1 
ATOM   447  C  C   . LYS A 1 61 ? 7.671   2.470   -6.540  1.00 36.31 ? 61  LYS A C   1 
ATOM   448  O  O   . LYS A 1 61 ? 7.916   1.996   -7.649  1.00 36.48 ? 61  LYS A O   1 
ATOM   449  C  CB  . LYS A 1 61 ? 6.794   4.663   -7.263  1.00 37.87 ? 61  LYS A CB  1 
ATOM   450  C  CG  . LYS A 1 61 ? 6.852   6.174   -7.171  1.00 40.69 ? 61  LYS A CG  1 
ATOM   451  C  CD  . LYS A 1 61 ? 6.557   6.678   -5.778  1.00 42.26 ? 61  LYS A CD  1 
ATOM   452  C  CE  . LYS A 1 61 ? 5.823   8.014   -5.896  1.00 44.16 ? 61  LYS A CE  1 
ATOM   453  N  NZ  . LYS A 1 61 ? 5.913   8.784   -4.628  1.00 44.22 ? 61  LYS A NZ  1 
ATOM   454  N  N   . VAL A 1 62 ? 7.332   1.756   -5.474  1.00 34.93 ? 62  VAL A N   1 
ATOM   455  C  CA  . VAL A 1 62 ? 7.138   0.325   -5.507  1.00 33.78 ? 62  VAL A CA  1 
ATOM   456  C  C   . VAL A 1 62 ? 5.625   -0.015  -5.514  1.00 33.14 ? 62  VAL A C   1 
ATOM   457  O  O   . VAL A 1 62 ? 4.843   0.496   -4.714  1.00 32.34 ? 62  VAL A O   1 
ATOM   458  C  CB  . VAL A 1 62 ? 7.890   -0.345  -4.345  1.00 33.90 ? 62  VAL A CB  1 
ATOM   459  C  CG1 . VAL A 1 62 ? 7.852   -1.859  -4.495  1.00 33.54 ? 62  VAL A CG1 1 
ATOM   460  C  CG2 . VAL A 1 62 ? 9.326   0.148   -4.300  1.00 32.66 ? 62  VAL A CG2 1 
ATOM   461  N  N   . VAL A 1 63 ? 5.237   -0.858  -6.453  1.00 32.35 ? 63  VAL A N   1 
ATOM   462  C  CA  . VAL A 1 63 ? 3.865   -1.242  -6.639  1.00 32.27 ? 63  VAL A CA  1 
ATOM   463  C  C   . VAL A 1 63 ? 3.726   -2.753  -6.413  1.00 33.06 ? 63  VAL A C   1 
ATOM   464  O  O   . VAL A 1 63 ? 4.493   -3.565  -6.965  1.00 32.18 ? 63  VAL A O   1 
ATOM   465  C  CB  . VAL A 1 63 ? 3.392   -0.898  -8.049  1.00 32.38 ? 63  VAL A CB  1 
ATOM   466  C  CG1 . VAL A 1 63 ? 1.892   -1.019  -8.159  1.00 32.15 ? 63  VAL A CG1 1 
ATOM   467  C  CG2 . VAL A 1 63 ? 3.820   0.514   -8.422  1.00 32.51 ? 63  VAL A CG2 1 
ATOM   468  N  N   . VAL A 1 64 ? 2.747   -3.110  -5.585  1.00 32.80 ? 64  VAL A N   1 
ATOM   469  C  CA  . VAL A 1 64 ? 2.471   -4.496  -5.265  1.00 33.11 ? 64  VAL A CA  1 
ATOM   470  C  C   . VAL A 1 64 ? 0.984   -4.758  -5.309  1.00 33.69 ? 64  VAL A C   1 
ATOM   471  O  O   . VAL A 1 64 ? 0.210   -4.069  -4.652  1.00 33.53 ? 64  VAL A O   1 
ATOM   472  C  CB  . VAL A 1 64 ? 2.957   -4.838  -3.850  1.00 33.22 ? 64  VAL A CB  1 
ATOM   473  C  CG1 . VAL A 1 64 ? 2.713   -6.313  -3.562  1.00 33.10 ? 64  VAL A CG1 1 
ATOM   474  C  CG2 . VAL A 1 64 ? 4.430   -4.461  -3.676  1.00 31.61 ? 64  VAL A CG2 1 
ATOM   475  N  N   . ASP A 1 65 ? 0.570   -5.749  -6.077  1.00 34.81 ? 65  ASP A N   1 
ATOM   476  C  CA  . ASP A 1 65 ? -0.801  -6.234  -5.973  1.00 36.29 ? 65  ASP A CA  1 
ATOM   477  C  C   . ASP A 1 65 ? -1.149  -6.477  -4.505  1.00 36.25 ? 65  ASP A C   1 
ATOM   478  O  O   . ASP A 1 65 ? -0.349  -7.039  -3.752  1.00 34.98 ? 65  ASP A O   1 
ATOM   479  C  CB  . ASP A 1 65 ? -0.993  -7.506  -6.791  1.00 36.80 ? 65  ASP A CB  1 
ATOM   480  C  CG  . ASP A 1 65 ? -2.452  -7.798  -7.046  1.00 40.01 ? 65  ASP A CG  1 
ATOM   481  O  OD1 . ASP A 1 65 ? -3.120  -8.294  -6.110  1.00 45.07 ? 65  ASP A OD1 1 
ATOM   482  O  OD2 . ASP A 1 65 ? -3.037  -7.526  -8.117  1.00 43.04 ? 65  ASP A OD2 1 
ATOM   483  N  N   . GLY A 1 66 ? -2.321  -5.990  -4.088  1.00 37.37 ? 66  GLY A N   1 
ATOM   484  C  CA  . GLY A 1 66 ? -2.718  -6.036  -2.685  1.00 38.01 ? 66  GLY A CA  1 
ATOM   485  C  C   . GLY A 1 66 ? -2.742  -7.452  -2.116  1.00 39.05 ? 66  GLY A C   1 
ATOM   486  O  O   . GLY A 1 66 ? -2.352  -7.683  -0.976  1.00 38.46 ? 66  GLY A O   1 
ATOM   487  N  N   . LYS A 1 67 ? -3.171  -8.398  -2.942  1.00 40.34 ? 67  LYS A N   1 
ATOM   488  C  CA  . LYS A 1 67 ? -3.149  -9.814  -2.603  1.00 42.88 ? 67  LYS A CA  1 
ATOM   489  C  C   . LYS A 1 67 ? -1.753  -10.416 -2.350  1.00 43.61 ? 67  LYS A C   1 
ATOM   490  O  O   . LYS A 1 67 ? -1.635  -11.383 -1.574  1.00 44.63 ? 67  LYS A O   1 
ATOM   491  C  CB  . LYS A 1 67 ? -3.902  -10.623 -3.671  1.00 43.38 ? 67  LYS A CB  1 
ATOM   492  C  CG  . LYS A 1 67 ? -5.419  -10.582 -3.472  1.00 45.59 ? 67  LYS A CG  1 
ATOM   493  C  CD  . LYS A 1 67 ? -6.188  -11.148 -4.656  1.00 50.30 ? 67  LYS A CD  1 
ATOM   494  C  CE  . LYS A 1 67 ? -7.699  -11.018 -4.385  1.00 54.15 ? 67  LYS A CE  1 
ATOM   495  N  NZ  . LYS A 1 67 ? -8.538  -11.767 -5.382  1.00 57.36 ? 67  LYS A NZ  1 
ATOM   496  N  N   . SER A 1 68 ? -0.714  -9.852  -2.974  1.00 43.36 ? 68  SER A N   1 
ATOM   497  C  CA  . SER A 1 68 ? 0.667   -10.373 -2.855  1.00 43.78 ? 68  SER A CA  1 
ATOM   498  C  C   . SER A 1 68 ? 1.420   -9.787  -1.672  1.00 43.60 ? 68  SER A C   1 
ATOM   499  O  O   . SER A 1 68 ? 2.501   -10.232 -1.325  1.00 43.53 ? 68  SER A O   1 
ATOM   500  C  CB  . SER A 1 68 ? 1.479   -10.132 -4.152  1.00 44.04 ? 68  SER A CB  1 
ATOM   501  O  OG  . SER A 1 68 ? 0.945   -10.836 -5.273  1.00 43.26 ? 68  SER A OG  1 
ATOM   502  N  N   . LEU A 1 69 ? 0.832   -8.784  -1.056  1.00 44.13 ? 69  LEU A N   1 
ATOM   503  C  CA  . LEU A 1 69 ? 1.473   -8.068  0.023   1.00 45.26 ? 69  LEU A CA  1 
ATOM   504  C  C   . LEU A 1 69 ? 1.829   -8.913  1.240   1.00 46.10 ? 69  LEU A C   1 
ATOM   505  O  O   . LEU A 1 69 ? 2.761   -8.577  1.986   1.00 46.57 ? 69  LEU A O   1 
ATOM   506  C  CB  . LEU A 1 69 ? 0.578   -6.931  0.462   1.00 45.01 ? 69  LEU A CB  1 
ATOM   507  C  CG  . LEU A 1 69 ? 1.264   -5.998  1.439   1.00 45.08 ? 69  LEU A CG  1 
ATOM   508  C  CD1 . LEU A 1 69 ? 2.653   -5.556  0.920   1.00 45.86 ? 69  LEU A CD1 1 
ATOM   509  C  CD2 . LEU A 1 69 ? 0.373   -4.833  1.649   1.00 44.55 ? 69  LEU A CD2 1 
ATOM   510  N  N   . GLN A 1 70 ? 1.057   -9.971  1.460   1.00 46.95 ? 70  GLN A N   1 
ATOM   511  C  CA  . GLN A 1 70 ? 1.317   -10.929 2.532   1.00 48.00 ? 70  GLN A CA  1 
ATOM   512  C  C   . GLN A 1 70 ? 2.682   -11.628 2.377   1.00 47.37 ? 70  GLN A C   1 
ATOM   513  O  O   . GLN A 1 70 ? 3.470   -11.635 3.311   1.00 47.52 ? 70  GLN A O   1 
ATOM   514  C  CB  . GLN A 1 70 ? 0.162   -11.953 2.641   1.00 48.60 ? 70  GLN A CB  1 
ATOM   515  C  CG  . GLN A 1 70 ? -0.160  -12.770 1.346   1.00 50.88 ? 70  GLN A CG  1 
ATOM   516  C  CD  . GLN A 1 70 ? -0.776  -14.172 1.632   1.00 52.61 ? 70  GLN A CD  1 
ATOM   517  O  OE1 . GLN A 1 70 ? -1.935  -14.429 1.276   1.00 51.78 ? 70  GLN A OE1 1 
ATOM   518  N  NE2 . GLN A 1 70 ? 0.000   -15.060 2.272   1.00 53.78 ? 70  GLN A NE2 1 
ATOM   519  N  N   . PHE A 1 71 ? 2.949   -12.185 1.191   1.00 47.24 ? 71  PHE A N   1 
ATOM   520  C  CA  . PHE A 1 71 ? 4.230   -12.823 0.883   1.00 47.78 ? 71  PHE A CA  1 
ATOM   521  C  C   . PHE A 1 71 ? 5.432   -11.876 0.722   1.00 47.52 ? 71  PHE A C   1 
ATOM   522  O  O   . PHE A 1 71 ? 6.561   -12.360 0.652   1.00 48.88 ? 71  PHE A O   1 
ATOM   523  C  CB  . PHE A 1 71 ? 4.173   -13.704 -0.379  1.00 47.66 ? 71  PHE A CB  1 
ATOM   524  C  CG  . PHE A 1 71 ? 2.821   -14.311 -0.659  1.00 49.85 ? 71  PHE A CG  1 
ATOM   525  C  CD1 . PHE A 1 71 ? 1.919   -13.681 -1.518  1.00 49.54 ? 71  PHE A CD1 1 
ATOM   526  C  CD2 . PHE A 1 71 ? 2.456   -15.542 -0.085  1.00 50.19 ? 71  PHE A CD2 1 
ATOM   527  C  CE1 . PHE A 1 71 ? 0.656   -14.251 -1.780  1.00 51.05 ? 71  PHE A CE1 1 
ATOM   528  C  CE2 . PHE A 1 71 ? 1.193   -16.123 -0.353  1.00 49.41 ? 71  PHE A CE2 1 
ATOM   529  C  CZ  . PHE A 1 71 ? 0.293   -15.476 -1.178  1.00 50.16 ? 71  PHE A CZ  1 
ATOM   530  N  N   . LEU A 1 72 ? 5.222   -10.567 0.610   1.00 46.13 ? 72  LEU A N   1 
ATOM   531  C  CA  . LEU A 1 72 ? 6.351   -9.708  0.241   1.00 45.23 ? 72  LEU A CA  1 
ATOM   532  C  C   . LEU A 1 72 ? 6.842   -8.823  1.364   1.00 45.41 ? 72  LEU A C   1 
ATOM   533  O  O   . LEU A 1 72 ? 8.016   -8.478  1.379   1.00 45.71 ? 72  LEU A O   1 
ATOM   534  C  CB  . LEU A 1 72 ? 6.081   -8.896  -1.041  1.00 44.56 ? 72  LEU A CB  1 
ATOM   535  C  CG  . LEU A 1 72 ? 6.101   -9.687  -2.351  1.00 41.69 ? 72  LEU A CG  1 
ATOM   536  C  CD1 . LEU A 1 72 ? 5.276   -9.018  -3.417  1.00 39.93 ? 72  LEU A CD1 1 
ATOM   537  C  CD2 . LEU A 1 72 ? 7.511   -9.933  -2.863  1.00 39.59 ? 72  LEU A CD2 1 
ATOM   538  N  N   . ASP A 1 73 ? 5.960   -8.496  2.314   1.00 45.33 ? 73  ASP A N   1 
ATOM   539  C  CA  . ASP A 1 73 ? 6.315   -7.672  3.460   1.00 45.26 ? 73  ASP A CA  1 
ATOM   540  C  C   . ASP A 1 73 ? 7.515   -8.142  4.269   1.00 44.40 ? 73  ASP A C   1 
ATOM   541  O  O   . ASP A 1 73 ? 7.635   -9.314  4.587   1.00 44.82 ? 73  ASP A O   1 
ATOM   542  C  CB  . ASP A 1 73 ? 5.113   -7.441  4.372   1.00 46.38 ? 73  ASP A CB  1 
ATOM   543  C  CG  . ASP A 1 73 ? 5.054   -6.003  4.883   1.00 48.85 ? 73  ASP A CG  1 
ATOM   544  O  OD1 . ASP A 1 73 ? 3.947   -5.420  4.937   1.00 51.52 ? 73  ASP A OD1 1 
ATOM   545  O  OD2 . ASP A 1 73 ? 6.084   -5.363  5.214   1.00 51.64 ? 73  ASP A OD2 1 
ATOM   546  N  N   . GLY A 1 74 ? 8.396   -7.195  4.594   1.00 43.71 ? 74  GLY A N   1 
ATOM   547  C  CA  . GLY A 1 74 ? 9.669   -7.452  5.257   1.00 42.32 ? 74  GLY A CA  1 
ATOM   548  C  C   . GLY A 1 74 ? 10.831  -7.642  4.288   1.00 41.94 ? 74  GLY A C   1 
ATOM   549  O  O   . GLY A 1 74 ? 11.981  -7.789  4.708   1.00 41.38 ? 74  GLY A O   1 
ATOM   550  N  N   . THR A 1 75 ? 10.531  -7.666  2.989   1.00 41.68 ? 75  THR A N   1 
ATOM   551  C  CA  . THR A 1 75 ? 11.562  -7.838  1.966   1.00 41.59 ? 75  THR A CA  1 
ATOM   552  C  C   . THR A 1 75 ? 12.454  -6.607  1.852   1.00 40.96 ? 75  THR A C   1 
ATOM   553  O  O   . THR A 1 75 ? 11.965  -5.493  1.778   1.00 40.88 ? 75  THR A O   1 
ATOM   554  C  CB  . THR A 1 75 ? 10.912  -8.121  0.611   1.00 41.73 ? 75  THR A CB  1 
ATOM   555  O  OG1 . THR A 1 75 ? 10.408  -9.458  0.614   1.00 44.50 ? 75  THR A OG1 1 
ATOM   556  C  CG2 . THR A 1 75 ? 11.943  -8.158  -0.498  1.00 40.67 ? 75  THR A CG2 1 
ATOM   557  N  N   . GLN A 1 76 ? 13.760  -6.841  1.877   1.00 40.81 ? 76  GLN A N   1 
ATOM   558  C  CA  . GLN A 1 76 ? 14.756  -5.915  1.382   1.00 40.52 ? 76  GLN A CA  1 
ATOM   559  C  C   . GLN A 1 76 ? 15.184  -6.398  0.012   1.00 39.12 ? 76  GLN A C   1 
ATOM   560  O  O   . GLN A 1 76 ? 15.706  -7.512  -0.131  1.00 38.16 ? 76  GLN A O   1 
ATOM   561  C  CB  . GLN A 1 76 ? 15.983  -5.885  2.287   1.00 41.41 ? 76  GLN A CB  1 
ATOM   562  C  CG  . GLN A 1 76 ? 16.360  -4.464  2.705   1.00 46.90 ? 76  GLN A CG  1 
ATOM   563  C  CD  . GLN A 1 76 ? 17.712  -3.930  2.172   1.00 51.55 ? 76  GLN A CD  1 
ATOM   564  O  OE1 . GLN A 1 76 ? 18.538  -4.659  1.597   1.00 53.62 ? 76  GLN A OE1 1 
ATOM   565  N  NE2 . GLN A 1 76 ? 17.945  -2.649  2.415   1.00 53.16 ? 76  GLN A NE2 1 
ATOM   566  N  N   . LEU A 1 77 ? 14.907  -5.568  -0.996  1.00 37.59 ? 77  LEU A N   1 
ATOM   567  C  CA  . LEU A 1 77 ? 15.471  -5.734  -2.318  1.00 35.63 ? 77  LEU A CA  1 
ATOM   568  C  C   . LEU A 1 77 ? 16.882  -5.127  -2.358  1.00 34.98 ? 77  LEU A C   1 
ATOM   569  O  O   . LEU A 1 77 ? 17.080  -3.940  -2.096  1.00 34.96 ? 77  LEU A O   1 
ATOM   570  C  CB  . LEU A 1 77 ? 14.551  -5.111  -3.362  1.00 35.23 ? 77  LEU A CB  1 
ATOM   571  C  CG  . LEU A 1 77 ? 14.957  -5.315  -4.816  1.00 34.64 ? 77  LEU A CG  1 
ATOM   572  C  CD1 . LEU A 1 77 ? 15.093  -6.818  -5.142  1.00 35.56 ? 77  LEU A CD1 1 
ATOM   573  C  CD2 . LEU A 1 77 ? 13.976  -4.616  -5.727  1.00 29.82 ? 77  LEU A CD2 1 
ATOM   574  N  N   . ASP A 1 78 ? 17.864  -5.979  -2.636  1.00 34.14 ? 78  ASP A N   1 
ATOM   575  C  CA  . ASP A 1 78 ? 19.256  -5.566  -2.794  1.00 33.13 ? 78  ASP A CA  1 
ATOM   576  C  C   . ASP A 1 78 ? 19.681  -5.837  -4.219  1.00 32.68 ? 78  ASP A C   1 
ATOM   577  O  O   . ASP A 1 78 ? 18.953  -6.453  -4.984  1.00 31.42 ? 78  ASP A O   1 
ATOM   578  C  CB  . ASP A 1 78 ? 20.175  -6.293  -1.814  1.00 32.25 ? 78  ASP A CB  1 
ATOM   579  C  CG  . ASP A 1 78 ? 21.502  -5.556  -1.563  1.00 33.26 ? 78  ASP A CG  1 
ATOM   580  O  OD1 . ASP A 1 78 ? 21.859  -4.542  -2.234  1.00 33.01 ? 78  ASP A OD1 1 
ATOM   581  O  OD2 . ASP A 1 78 ? 22.286  -5.942  -0.691  1.00 34.26 ? 78  ASP A OD2 1 
ATOM   582  N  N   . PHE A 1 79 ? 20.841  -5.317  -4.594  1.00 33.40 ? 79  PHE A N   1 
ATOM   583  C  CA  . PHE A 1 79 ? 21.389  -5.558  -5.918  1.00 33.61 ? 79  PHE A CA  1 
ATOM   584  C  C   . PHE A 1 79 ? 22.852  -5.821  -5.694  1.00 34.88 ? 79  PHE A C   1 
ATOM   585  O  O   . PHE A 1 79 ? 23.548  -4.967  -5.159  1.00 34.97 ? 79  PHE A O   1 
ATOM   586  C  CB  . PHE A 1 79 ? 21.141  -4.369  -6.846  1.00 32.82 ? 79  PHE A CB  1 
ATOM   587  C  CG  . PHE A 1 79 ? 21.696  -4.569  -8.225  1.00 31.30 ? 79  PHE A CG  1 
ATOM   588  C  CD1 . PHE A 1 79 ? 21.004  -5.315  -9.157  1.00 28.43 ? 79  PHE A CD1 1 
ATOM   589  C  CD2 . PHE A 1 79 ? 22.926  -4.026  -8.584  1.00 30.48 ? 79  PHE A CD2 1 
ATOM   590  C  CE1 . PHE A 1 79 ? 21.518  -5.532  -10.437 1.00 28.74 ? 79  PHE A CE1 1 
ATOM   591  C  CE2 . PHE A 1 79 ? 23.438  -4.219  -9.872  1.00 31.27 ? 79  PHE A CE2 1 
ATOM   592  C  CZ  . PHE A 1 79 ? 22.726  -4.992  -10.799 1.00 29.57 ? 79  PHE A CZ  1 
ATOM   593  N  N   . VAL A 1 80 ? 23.302  -7.028  -6.033  1.00 36.08 ? 80  VAL A N   1 
ATOM   594  C  CA  . VAL A 1 80 ? 24.622  -7.484  -5.615  1.00 37.99 ? 80  VAL A CA  1 
ATOM   595  C  C   . VAL A 1 80 ? 25.424  -8.014  -6.782  1.00 39.75 ? 80  VAL A C   1 
ATOM   596  O  O   . VAL A 1 80 ? 24.869  -8.410  -7.802  1.00 39.43 ? 80  VAL A O   1 
ATOM   597  C  CB  . VAL A 1 80 ? 24.568  -8.564  -4.465  1.00 38.31 ? 80  VAL A CB  1 
ATOM   598  C  CG1 . VAL A 1 80 ? 23.805  -8.060  -3.240  1.00 37.49 ? 80  VAL A CG1 1 
ATOM   599  C  CG2 . VAL A 1 80 ? 23.943  -9.861  -4.962  1.00 38.92 ? 80  VAL A CG2 1 
ATOM   600  N  N   . LYS A 1 81 ? 26.748  -7.997  -6.623  1.00 42.64 ? 81  LYS A N   1 
ATOM   601  C  CA  . LYS A 1 81 ? 27.674  -8.582  -7.590  1.00 44.88 ? 81  LYS A CA  1 
ATOM   602  C  C   . LYS A 1 81 ? 28.420  -9.725  -6.916  1.00 45.29 ? 81  LYS A C   1 
ATOM   603  O  O   . LYS A 1 81 ? 29.101  -9.509  -5.923  1.00 45.00 ? 81  LYS A O   1 
ATOM   604  C  CB  . LYS A 1 81 ? 28.648  -7.533  -8.146  1.00 45.29 ? 81  LYS A CB  1 
ATOM   605  C  CG  . LYS A 1 81 ? 29.556  -8.104  -9.282  1.00 49.88 ? 81  LYS A CG  1 
ATOM   606  C  CD  . LYS A 1 81 ? 30.431  -7.027  -9.982  1.00 53.93 ? 81  LYS A CD  1 
ATOM   607  C  CE  . LYS A 1 81 ? 29.848  -6.608  -11.330 1.00 56.20 ? 81  LYS A CE  1 
ATOM   608  N  NZ  . LYS A 1 81 ? 30.477  -5.342  -11.911 1.00 60.05 ? 81  LYS A NZ  1 
ATOM   609  N  N   . GLU A 1 82 ? 28.228  -10.936 -7.447  1.00 46.36 ? 82  GLU A N   1 
ATOM   610  C  CA  . GLU A 1 82 ? 28.876  -12.171 -6.967  1.00 47.44 ? 82  GLU A CA  1 
ATOM   611  C  C   . GLU A 1 82 ? 29.492  -12.922 -8.145  1.00 46.88 ? 82  GLU A C   1 
ATOM   612  O  O   . GLU A 1 82 ? 28.789  -13.580 -8.926  1.00 47.20 ? 82  GLU A O   1 
ATOM   613  C  CB  . GLU A 1 82 ? 27.915  -13.111 -6.209  1.00 47.97 ? 82  GLU A CB  1 
ATOM   614  C  CG  . GLU A 1 82 ? 26.498  -12.600 -5.947  1.00 52.16 ? 82  GLU A CG  1 
ATOM   615  C  CD  . GLU A 1 82 ? 25.545  -13.700 -5.451  1.00 58.08 ? 82  GLU A CD  1 
ATOM   616  O  OE1 . GLU A 1 82 ? 25.417  -14.763 -6.135  1.00 59.13 ? 82  GLU A OE1 1 
ATOM   617  O  OE2 . GLU A 1 82 ? 24.913  -13.501 -4.373  1.00 59.07 ? 82  GLU A OE2 1 
ATOM   618  N  N   . GLY A 1 83 ? 30.808  -12.786 -8.261  1.00 46.13 ? 83  GLY A N   1 
ATOM   619  C  CA  . GLY A 1 83 ? 31.576  -13.405 -9.310  1.00 44.92 ? 83  GLY A CA  1 
ATOM   620  C  C   . GLY A 1 83 ? 31.281  -12.736 -10.624 1.00 44.07 ? 83  GLY A C   1 
ATOM   621  O  O   . GLY A 1 83 ? 31.535  -11.542 -10.802 1.00 43.73 ? 83  GLY A O   1 
ATOM   622  N  N   . LEU A 1 84 ? 30.723  -13.529 -11.533 1.00 43.40 ? 84  LEU A N   1 
ATOM   623  C  CA  . LEU A 1 84 ? 30.390  -13.088 -12.869 1.00 42.52 ? 84  LEU A CA  1 
ATOM   624  C  C   . LEU A 1 84 ? 28.957  -12.662 -12.852 1.00 42.16 ? 84  LEU A C   1 
ATOM   625  O  O   . LEU A 1 84 ? 28.464  -12.155 -13.846 1.00 42.09 ? 84  LEU A O   1 
ATOM   626  C  CB  . LEU A 1 84 ? 30.543  -14.225 -13.883 1.00 42.25 ? 84  LEU A CB  1 
ATOM   627  C  CG  . LEU A 1 84 ? 31.904  -14.568 -14.490 1.00 42.64 ? 84  LEU A CG  1 
ATOM   628  C  CD1 . LEU A 1 84 ? 32.511  -13.385 -15.204 1.00 39.18 ? 84  LEU A CD1 1 
ATOM   629  C  CD2 . LEU A 1 84 ? 32.845  -15.118 -13.419 1.00 43.62 ? 84  LEU A CD2 1 
ATOM   630  N  N   . ASN A 1 85 ? 28.267  -12.890 -11.732 1.00 41.83 ? 85  ASN A N   1 
ATOM   631  C  CA  . ASN A 1 85 ? 26.834  -12.565 -11.686 1.00 41.42 ? 85  ASN A CA  1 
ATOM   632  C  C   . ASN A 1 85 ? 26.516  -11.301 -10.922 1.00 40.00 ? 85  ASN A C   1 
ATOM   633  O  O   . ASN A 1 85 ? 27.058  -11.036 -9.845  1.00 39.69 ? 85  ASN A O   1 
ATOM   634  C  CB  . ASN A 1 85 ? 25.982  -13.739 -11.191 1.00 41.54 ? 85  ASN A CB  1 
ATOM   635  C  CG  . ASN A 1 85 ? 26.024  -14.935 -12.147 1.00 45.61 ? 85  ASN A CG  1 
ATOM   636  O  OD1 . ASN A 1 85 ? 25.229  -15.029 -13.107 1.00 47.06 ? 85  ASN A OD1 1 
ATOM   637  N  ND2 . ASN A 1 85 ? 26.970  -15.853 -11.900 1.00 47.06 ? 85  ASN A ND2 1 
ATOM   638  N  N   . GLU A 1 86 ? 25.607  -10.537 -11.488 1.00 38.61 ? 86  GLU A N   1 
ATOM   639  C  CA  . GLU A 1 86 ? 25.210  -9.289  -10.889 1.00 38.41 ? 86  GLU A CA  1 
ATOM   640  C  C   . GLU A 1 86 ? 23.708  -9.204  -10.993 1.00 36.90 ? 86  GLU A C   1 
ATOM   641  O  O   . GLU A 1 86 ? 23.160  -9.423  -12.062 1.00 37.04 ? 86  GLU A O   1 
ATOM   642  C  CB  . GLU A 1 86 ? 25.891  -8.158  -11.657 1.00 38.76 ? 86  GLU A CB  1 
ATOM   643  C  CG  . GLU A 1 86 ? 25.463  -6.783  -11.234 1.00 41.57 ? 86  GLU A CG  1 
ATOM   644  C  CD  . GLU A 1 86 ? 26.031  -5.711  -12.144 1.00 46.96 ? 86  GLU A CD  1 
ATOM   645  O  OE1 . GLU A 1 86 ? 25.506  -5.557  -13.289 1.00 48.70 ? 86  GLU A OE1 1 
ATOM   646  O  OE2 . GLU A 1 86 ? 27.009  -5.050  -11.712 1.00 46.97 ? 86  GLU A OE2 1 
ATOM   647  N  N   . GLY A 1 87 ? 23.028  -8.915  -9.889  1.00 35.61 ? 87  GLY A N   1 
ATOM   648  C  CA  . GLY A 1 87 ? 21.586  -8.946  -9.951  1.00 34.14 ? 87  GLY A CA  1 
ATOM   649  C  C   . GLY A 1 87 ? 20.869  -8.693  -8.660  1.00 33.80 ? 87  GLY A C   1 
ATOM   650  O  O   . GLY A 1 87 ? 21.496  -8.538  -7.637  1.00 32.78 ? 87  GLY A O   1 
ATOM   651  N  N   . PHE A 1 88 ? 19.540  -8.658  -8.730  1.00 33.85 ? 88  PHE A N   1 
ATOM   652  C  CA  . PHE A 1 88 ? 18.728  -8.354  -7.574  1.00 35.32 ? 88  PHE A CA  1 
ATOM   653  C  C   . PHE A 1 88 ? 18.662  -9.530  -6.637  1.00 36.36 ? 88  PHE A C   1 
ATOM   654  O  O   . PHE A 1 88 ? 18.733  -10.661 -7.061  1.00 36.93 ? 88  PHE A O   1 
ATOM   655  C  CB  . PHE A 1 88 ? 17.336  -7.908  -7.993  1.00 34.79 ? 88  PHE A CB  1 
ATOM   656  C  CG  . PHE A 1 88 ? 17.325  -6.607  -8.765  1.00 35.01 ? 88  PHE A CG  1 
ATOM   657  C  CD1 . PHE A 1 88 ? 17.275  -6.611  -10.157 1.00 30.69 ? 88  PHE A CD1 1 
ATOM   658  C  CD2 . PHE A 1 88 ? 17.356  -5.364  -8.082  1.00 34.51 ? 88  PHE A CD2 1 
ATOM   659  C  CE1 . PHE A 1 88 ? 17.255  -5.383  -10.872 1.00 31.85 ? 88  PHE A CE1 1 
ATOM   660  C  CE2 . PHE A 1 88 ? 17.321  -4.162  -8.772  1.00 33.59 ? 88  PHE A CE2 1 
ATOM   661  C  CZ  . PHE A 1 88 ? 17.274  -4.159  -10.175 1.00 31.86 ? 88  PHE A CZ  1 
ATOM   662  N  N   . LYS A 1 89 ? 18.600  -9.238  -5.350  1.00 38.03 ? 89  LYS A N   1 
ATOM   663  C  CA  . LYS A 1 89 ? 18.527  -10.241 -4.317  1.00 40.23 ? 89  LYS A CA  1 
ATOM   664  C  C   . LYS A 1 89 ? 17.488  -9.814  -3.301  1.00 41.26 ? 89  LYS A C   1 
ATOM   665  O  O   . LYS A 1 89 ? 17.543  -8.704  -2.759  1.00 41.08 ? 89  LYS A O   1 
ATOM   666  C  CB  . LYS A 1 89 ? 19.873  -10.420 -3.642  1.00 40.40 ? 89  LYS A CB  1 
ATOM   667  C  CG  . LYS A 1 89 ? 19.876  -11.506 -2.603  1.00 43.58 ? 89  LYS A CG  1 
ATOM   668  C  CD  . LYS A 1 89 ? 21.293  -11.922 -2.210  1.00 47.21 ? 89  LYS A CD  1 
ATOM   669  C  CE  . LYS A 1 89 ? 21.343  -12.399 -0.755  1.00 48.38 ? 89  LYS A CE  1 
ATOM   670  N  NZ  . LYS A 1 89 ? 22.757  -12.535 -0.299  1.00 51.16 ? 89  LYS A NZ  1 
ATOM   671  N  N   . PHE A 1 90 ? 16.527  -10.701 -3.068  1.00 42.73 ? 90  PHE A N   1 
ATOM   672  C  CA  . PHE A 1 90 ? 15.486  -10.464 -2.093  1.00 43.56 ? 90  PHE A CA  1 
ATOM   673  C  C   . PHE A 1 90 ? 15.865  -11.168 -0.823  1.00 45.26 ? 90  PHE A C   1 
ATOM   674  O  O   . PHE A 1 90 ? 16.207  -12.340 -0.808  1.00 46.15 ? 90  PHE A O   1 
ATOM   675  C  CB  . PHE A 1 90 ? 14.158  -10.992 -2.570  1.00 42.72 ? 90  PHE A CB  1 
ATOM   676  C  CG  . PHE A 1 90 ? 13.717  -10.446 -3.865  1.00 40.52 ? 90  PHE A CG  1 
ATOM   677  C  CD1 . PHE A 1 90 ? 14.445  -10.661 -5.014  1.00 40.07 ? 90  PHE A CD1 1 
ATOM   678  C  CD2 . PHE A 1 90 ? 12.538  -9.742  -3.950  1.00 41.32 ? 90  PHE A CD2 1 
ATOM   679  C  CE1 . PHE A 1 90 ? 14.000  -10.163 -6.249  1.00 39.48 ? 90  PHE A CE1 1 
ATOM   680  C  CE2 . PHE A 1 90 ? 12.090  -9.242  -5.176  1.00 40.74 ? 90  PHE A CE2 1 
ATOM   681  C  CZ  . PHE A 1 90 ? 12.827  -9.459  -6.321  1.00 38.54 ? 90  PHE A CZ  1 
ATOM   682  N  N   . THR A 1 91 ? 15.816  -10.408 0.243   1.00 47.50 ? 91  THR A N   1 
ATOM   683  C  CA  . THR A 1 91 ? 16.171  -10.852 1.554   1.00 49.36 ? 91  THR A CA  1 
ATOM   684  C  C   . THR A 1 91 ? 14.923  -10.620 2.389   1.00 50.54 ? 91  THR A C   1 
ATOM   685  O  O   . THR A 1 91 ? 14.055  -9.820  2.028   1.00 50.36 ? 91  THR A O   1 
ATOM   686  C  CB  . THR A 1 91 ? 17.401  -10.033 2.039   1.00 49.47 ? 91  THR A CB  1 
ATOM   687  O  OG1 . THR A 1 91 ? 18.496  -10.929 2.215   1.00 51.47 ? 91  THR A OG1 1 
ATOM   688  C  CG2 . THR A 1 91 ? 17.225  -9.429  3.442   1.00 49.78 ? 91  THR A CG2 1 
ATOM   689  N  N   . ASN A 1 92 ? 14.815  -11.371 3.475   1.00 52.01 ? 92  ASN A N   1 
ATOM   690  C  CA  . ASN A 1 92 ? 13.795  -11.154 4.468   1.00 53.73 ? 92  ASN A CA  1 
ATOM   691  C  C   . ASN A 1 92 ? 14.419  -11.666 5.754   1.00 55.81 ? 92  ASN A C   1 
ATOM   692  O  O   . ASN A 1 92 ? 14.965  -12.774 5.762   1.00 56.02 ? 92  ASN A O   1 
ATOM   693  C  CB  . ASN A 1 92 ? 12.509  -11.900 4.113   1.00 52.90 ? 92  ASN A CB  1 
ATOM   694  C  CG  . ASN A 1 92 ? 11.306  -11.367 4.855   1.00 51.84 ? 92  ASN A CG  1 
ATOM   695  O  OD1 . ASN A 1 92 ? 11.322  -11.242 6.082   1.00 50.20 ? 92  ASN A OD1 1 
ATOM   696  N  ND2 . ASN A 1 92 ? 10.249  -11.043 4.112   1.00 50.44 ? 92  ASN A ND2 1 
ATOM   697  N  N   . PRO A 1 93 ? 14.393  -10.860 6.819   1.00 58.00 ? 93  PRO A N   1 
ATOM   698  C  CA  . PRO A 1 93 ? 14.938  -11.292 8.118   1.00 59.72 ? 93  PRO A CA  1 
ATOM   699  C  C   . PRO A 1 93 ? 14.312  -12.625 8.544   1.00 61.43 ? 93  PRO A C   1 
ATOM   700  O  O   . PRO A 1 93 ? 15.029  -13.571 8.900   1.00 61.95 ? 93  PRO A O   1 
ATOM   701  C  CB  . PRO A 1 93 ? 14.496  -10.180 9.080   1.00 59.74 ? 93  PRO A CB  1 
ATOM   702  C  CG  . PRO A 1 93 ? 14.278  -8.977  8.210   1.00 59.19 ? 93  PRO A CG  1 
ATOM   703  C  CD  . PRO A 1 93 ? 13.846  -9.488  6.871   1.00 58.11 ? 93  PRO A CD  1 
ATOM   704  N  N   . ASN A 1 94 ? 12.988  -12.710 8.454   1.00 62.83 ? 94  ASN A N   1 
ATOM   705  C  CA  . ASN A 1 94 ? 12.262  -13.857 8.989   1.00 64.34 ? 94  ASN A CA  1 
ATOM   706  C  C   . ASN A 1 94 ? 12.252  -15.108 8.108   1.00 65.28 ? 94  ASN A C   1 
ATOM   707  O  O   . ASN A 1 94 ? 11.388  -15.960 8.255   1.00 65.30 ? 94  ASN A O   1 
ATOM   708  C  CB  . ASN A 1 94 ? 10.857  -13.424 9.412   1.00 64.28 ? 94  ASN A CB  1 
ATOM   709  C  CG  . ASN A 1 94 ? 10.878  -12.382 10.547  1.00 65.21 ? 94  ASN A CG  1 
ATOM   710  O  OD1 . ASN A 1 94 ? 9.864   -11.765 10.853  1.00 66.47 ? 94  ASN A OD1 1 
ATOM   711  N  ND2 . ASN A 1 94 ? 12.041  -12.197 11.177  1.00 66.61 ? 94  ASN A ND2 1 
ATOM   712  N  N   . VAL A 1 95 ? 13.236  -15.211 7.213   1.00 67.01 ? 95  VAL A N   1 
ATOM   713  C  CA  . VAL A 1 95 ? 13.403  -16.350 6.293   1.00 68.66 ? 95  VAL A CA  1 
ATOM   714  C  C   . VAL A 1 95 ? 14.889  -16.795 6.268   1.00 70.45 ? 95  VAL A C   1 
ATOM   715  O  O   . VAL A 1 95 ? 15.801  -15.952 6.248   1.00 70.92 ? 95  VAL A O   1 
ATOM   716  C  CB  . VAL A 1 95 ? 12.889  -16.000 4.868   1.00 68.21 ? 95  VAL A CB  1 
ATOM   717  C  CG1 . VAL A 1 95 ? 13.301  -17.046 3.854   1.00 68.77 ? 95  VAL A CG1 1 
ATOM   718  C  CG2 . VAL A 1 95 ? 11.390  -15.878 4.858   1.00 67.50 ? 95  VAL A CG2 1 
ATOM   719  N  N   . LYS A 1 96 ? 15.140  -18.102 6.288   1.00 72.23 ? 96  LYS A N   1 
ATOM   720  C  CA  . LYS A 1 96 ? 16.524  -18.593 6.382   1.00 74.02 ? 96  LYS A CA  1 
ATOM   721  C  C   . LYS A 1 96 ? 17.016  -19.337 5.142   1.00 74.70 ? 96  LYS A C   1 
ATOM   722  O  O   . LYS A 1 96 ? 16.220  -19.738 4.279   1.00 74.68 ? 96  LYS A O   1 
ATOM   723  C  CB  . LYS A 1 96 ? 16.729  -19.461 7.642   1.00 74.45 ? 96  LYS A CB  1 
ATOM   724  C  CG  . LYS A 1 96 ? 15.774  -20.674 7.791   1.00 76.12 ? 96  LYS A CG  1 
ATOM   725  C  CD  . LYS A 1 96 ? 15.362  -20.866 9.265   1.00 78.33 ? 96  LYS A CD  1 
ATOM   726  C  CE  . LYS A 1 96 ? 14.180  -21.823 9.428   1.00 78.54 ? 96  LYS A CE  1 
ATOM   727  N  NZ  . LYS A 1 96 ? 14.641  -23.239 9.555   1.00 78.48 ? 96  LYS A NZ  1 
ATOM   728  N  N   . ASP A 1 97 ? 18.338  -19.507 5.081   1.00 75.62 ? 97  ASP A N   1 
ATOM   729  C  CA  . ASP A 1 97 ? 19.006  -20.293 4.044   1.00 76.54 ? 97  ASP A CA  1 
ATOM   730  C  C   . ASP A 1 97 ? 19.241  -21.739 4.505   1.00 76.75 ? 97  ASP A C   1 
ATOM   731  O  O   . ASP A 1 97 ? 18.572  -22.669 4.042   1.00 77.09 ? 97  ASP A O   1 
ATOM   732  C  CB  . ASP A 1 97 ? 20.342  -19.641 3.653   1.00 76.69 ? 97  ASP A CB  1 
ATOM   733  C  CG  . ASP A 1 97 ? 20.159  -18.396 2.793   1.00 77.29 ? 97  ASP A CG  1 
ATOM   734  O  OD1 . ASP A 1 97 ? 19.733  -17.348 3.332   1.00 77.15 ? 97  ASP A OD1 1 
ATOM   735  O  OD2 . ASP A 1 97 ? 20.410  -18.377 1.565   1.00 77.74 ? 97  ASP A OD2 1 
ATOM   736  N  N   . MET B 1 1  ? -4.978  -1.695  0.559   1.00 47.46 ? 1   MET B N   1 
ATOM   737  C  CA  . MET B 1 1  ? -5.195  -3.123  0.213   1.00 47.17 ? 1   MET B CA  1 
ATOM   738  C  C   . MET B 1 1  ? -6.686  -3.314  -0.031  1.00 46.98 ? 1   MET B C   1 
ATOM   739  O  O   . MET B 1 1  ? -7.337  -2.384  -0.519  1.00 47.14 ? 1   MET B O   1 
ATOM   740  C  CB  . MET B 1 1  ? -4.684  -4.040  1.319   1.00 47.56 ? 1   MET B CB  1 
ATOM   741  N  N   . SER B 1 2  ? -7.205  -4.515  0.279   1.00 46.11 ? 2   SER B N   1 
ATOM   742  C  CA  . SER B 1 2  ? -8.631  -4.840  0.217   1.00 44.06 ? 2   SER B CA  1 
ATOM   743  C  C   . SER B 1 2  ? -9.340  -4.063  1.313   1.00 42.31 ? 2   SER B C   1 
ATOM   744  O  O   . SER B 1 2  ? -10.132 -4.599  2.073   1.00 41.72 ? 2   SER B O   1 
ATOM   745  C  CB  . SER B 1 2  ? -8.848  -6.333  0.438   1.00 44.78 ? 2   SER B CB  1 
ATOM   746  O  OG  . SER B 1 2  ? -8.394  -6.684  1.731   1.00 44.21 ? 2   SER B OG  1 
ATOM   747  N  N   . ILE B 1 3  ? -9.009  -2.790  1.377   1.00 40.49 ? 3   ILE B N   1 
ATOM   748  C  CA  . ILE B 1 3  ? -9.851  -1.798  1.981   1.00 39.14 ? 3   ILE B CA  1 
ATOM   749  C  C   . ILE B 1 3  ? -10.686 -1.166  0.846   1.00 38.75 ? 3   ILE B C   1 
ATOM   750  O  O   . ILE B 1 3  ? -10.139 -0.793  -0.212  1.00 38.47 ? 3   ILE B O   1 
ATOM   751  C  CB  . ILE B 1 3  ? -8.989  -0.803  2.716   1.00 38.91 ? 3   ILE B CB  1 
ATOM   752  C  CG1 . ILE B 1 3  ? -8.332  -1.523  3.915   1.00 38.31 ? 3   ILE B CG1 1 
ATOM   753  C  CG2 . ILE B 1 3  ? -9.825  0.402   3.142   1.00 38.11 ? 3   ILE B CG2 1 
ATOM   754  C  CD1 . ILE B 1 3  ? -7.023  -1.022  4.287   1.00 37.52 ? 3   ILE B CD1 1 
ATOM   755  N  N   . THR B 1 4  ? -12.005 -1.115  1.067   1.00 36.80 ? 4   THR B N   1 
ATOM   756  C  CA  . THR B 1 4  ? -12.945 -0.571  0.115   1.00 35.75 ? 4   THR B CA  1 
ATOM   757  C  C   . THR B 1 4  ? -13.813 0.510   0.735   1.00 35.29 ? 4   THR B C   1 
ATOM   758  O  O   . THR B 1 4  ? -13.886 0.661   1.960   1.00 35.08 ? 4   THR B O   1 
ATOM   759  C  CB  . THR B 1 4  ? -13.897 -1.655  -0.437  1.00 35.75 ? 4   THR B CB  1 
ATOM   760  O  OG1 . THR B 1 4  ? -14.524 -2.311  0.654   1.00 35.55 ? 4   THR B OG1 1 
ATOM   761  C  CG2 . THR B 1 4  ? -13.165 -2.781  -1.198  1.00 34.84 ? 4   THR B CG2 1 
ATOM   762  N  N   . LEU B 1 5  ? -14.501 1.224   -0.155  1.00 34.17 ? 5   LEU B N   1 
ATOM   763  C  CA  . LEU B 1 5  ? -15.388 2.325   0.175   1.00 33.07 ? 5   LEU B CA  1 
ATOM   764  C  C   . LEU B 1 5  ? -16.725 2.028   -0.482  1.00 32.38 ? 5   LEU B C   1 
ATOM   765  O  O   . LEU B 1 5  ? -16.769 1.563   -1.617  1.00 32.49 ? 5   LEU B O   1 
ATOM   766  C  CB  . LEU B 1 5  ? -14.822 3.620   -0.394  1.00 32.39 ? 5   LEU B CB  1 
ATOM   767  C  CG  . LEU B 1 5  ? -14.036 4.520   0.556   1.00 33.54 ? 5   LEU B CG  1 
ATOM   768  C  CD1 . LEU B 1 5  ? -12.778 3.858   1.115   1.00 35.48 ? 5   LEU B CD1 1 
ATOM   769  C  CD2 . LEU B 1 5  ? -13.656 5.837   -0.082  1.00 31.79 ? 5   LEU B CD2 1 
ATOM   770  N  N   . SER B 1 6  ? -17.818 2.267   0.234   1.00 30.98 ? 6   SER B N   1 
ATOM   771  C  CA  . SER B 1 6  ? -19.122 2.260   -0.409  1.00 30.12 ? 6   SER B CA  1 
ATOM   772  C  C   . SER B 1 6  ? -19.242 3.502   -1.321  1.00 29.71 ? 6   SER B C   1 
ATOM   773  O  O   . SER B 1 6  ? -18.461 4.468   -1.208  1.00 28.42 ? 6   SER B O   1 
ATOM   774  C  CB  . SER B 1 6  ? -20.247 2.311   0.632   1.00 29.62 ? 6   SER B CB  1 
ATOM   775  O  OG  . SER B 1 6  ? -20.186 3.559   1.323   1.00 29.00 ? 6   SER B OG  1 
ATOM   776  N  N   . ASP B 1 7  ? -20.269 3.482   -2.176  1.00 29.40 ? 7   ASP B N   1 
ATOM   777  C  CA  . ASP B 1 7  ? -20.598 4.623   -3.009  1.00 28.99 ? 7   ASP B CA  1 
ATOM   778  C  C   . ASP B 1 7  ? -20.842 5.845   -2.174  1.00 28.80 ? 7   ASP B C   1 
ATOM   779  O  O   . ASP B 1 7  ? -20.291 6.904   -2.486  1.00 29.50 ? 7   ASP B O   1 
ATOM   780  C  CB  . ASP B 1 7  ? -21.840 4.337   -3.854  1.00 29.23 ? 7   ASP B CB  1 
ATOM   781  C  CG  . ASP B 1 7  ? -21.617 3.251   -4.889  1.00 29.66 ? 7   ASP B CG  1 
ATOM   782  O  OD1 . ASP B 1 7  ? -20.464 2.925   -5.228  1.00 28.23 ? 7   ASP B OD1 1 
ATOM   783  O  OD2 . ASP B 1 7  ? -22.572 2.639   -5.415  1.00 34.75 ? 7   ASP B OD2 1 
ATOM   784  N  N   . SER B 1 8  ? -21.641 5.727   -1.104  1.00 28.40 ? 8   SER B N   1 
ATOM   785  C  CA  . SER B 1 8  ? -21.900 6.894   -0.241  1.00 28.85 ? 8   SER B CA  1 
ATOM   786  C  C   . SER B 1 8  ? -20.669 7.447   0.475   1.00 28.15 ? 8   SER B C   1 
ATOM   787  O  O   . SER B 1 8  ? -20.528 8.688   0.637   1.00 28.42 ? 8   SER B O   1 
ATOM   788  C  CB  . SER B 1 8  ? -23.042 6.621   0.764   1.00 29.28 ? 8   SER B CB  1 
ATOM   789  O  OG  . SER B 1 8  ? -22.714 5.456   1.493   1.00 32.91 ? 8   SER B OG  1 
ATOM   790  N  N   . ALA B 1 9  ? -19.765 6.559   0.889   1.00 27.10 ? 9   ALA B N   1 
ATOM   791  C  CA  . ALA B 1 9  ? -18.541 7.029   1.550   1.00 26.62 ? 9   ALA B CA  1 
ATOM   792  C  C   . ALA B 1 9  ? -17.640 7.736   0.563   1.00 25.94 ? 9   ALA B C   1 
ATOM   793  O  O   . ALA B 1 9  ? -17.017 8.784   0.890   1.00 25.42 ? 9   ALA B O   1 
ATOM   794  C  CB  . ALA B 1 9  ? -17.784 5.868   2.241   1.00 26.68 ? 9   ALA B CB  1 
ATOM   795  N  N   . ALA B 1 10 ? -17.516 7.145   -0.635  1.00 25.36 ? 10  ALA B N   1 
ATOM   796  C  CA  . ALA B 1 10 ? -16.645 7.768   -1.657  1.00 25.22 ? 10  ALA B CA  1 
ATOM   797  C  C   . ALA B 1 10 ? -17.238 9.112   -2.083  1.00 24.76 ? 10  ALA B C   1 
ATOM   798  O  O   . ALA B 1 10 ? -16.521 10.095  -2.136  1.00 24.37 ? 10  ALA B O   1 
ATOM   799  C  CB  . ALA B 1 10 ? -16.408 6.854   -2.837  1.00 24.68 ? 10  ALA B CB  1 
ATOM   800  N  N   . ALA B 1 11 ? -18.555 9.170   -2.320  1.00 25.15 ? 11  ALA B N   1 
ATOM   801  C  CA  . ALA B 1 11 ? -19.212 10.480  -2.580  1.00 25.87 ? 11  ALA B CA  1 
ATOM   802  C  C   . ALA B 1 11 ? -18.891 11.520  -1.490  1.00 25.95 ? 11  ALA B C   1 
ATOM   803  O  O   . ALA B 1 11 ? -18.550 12.686  -1.778  1.00 25.36 ? 11  ALA B O   1 
ATOM   804  C  CB  . ALA B 1 11 ? -20.736 10.332  -2.738  1.00 24.94 ? 11  ALA B CB  1 
ATOM   805  N  N   . ARG B 1 12 ? -19.023 11.083  -0.236  1.00 27.02 ? 12  ARG B N   1 
ATOM   806  C  CA  . ARG B 1 12 ? -18.825 11.948  0.928   1.00 27.03 ? 12  ARG B CA  1 
ATOM   807  C  C   . ARG B 1 12 ? -17.405 12.434  1.001   1.00 26.86 ? 12  ARG B C   1 
ATOM   808  O  O   . ARG B 1 12 ? -17.171 13.631  1.189   1.00 28.11 ? 12  ARG B O   1 
ATOM   809  C  CB  . ARG B 1 12 ? -19.215 11.230  2.216   1.00 27.49 ? 12  ARG B CB  1 
ATOM   810  C  CG  . ARG B 1 12 ? -19.308 12.165  3.428   1.00 31.53 ? 12  ARG B CG  1 
ATOM   811  C  CD  . ARG B 1 12 ? -20.425 13.233  3.307   1.00 35.42 ? 12  ARG B CD  1 
ATOM   812  N  NE  . ARG B 1 12 ? -20.693 13.848  4.599   1.00 41.36 ? 12  ARG B NE  1 
ATOM   813  C  CZ  . ARG B 1 12 ? -20.886 15.133  4.799   1.00 41.79 ? 12  ARG B CZ  1 
ATOM   814  N  NH1 . ARG B 1 12 ? -20.845 15.995  3.791   1.00 45.01 ? 12  ARG B NH1 1 
ATOM   815  N  NH2 . ARG B 1 12 ? -21.100 15.559  6.019   1.00 43.17 ? 12  ARG B NH2 1 
ATOM   816  N  N   . VAL B 1 13 ? -16.447 11.535  0.792   1.00 26.18 ? 13  VAL B N   1 
ATOM   817  C  CA  . VAL B 1 13 ? -15.067 11.949  0.854   1.00 25.96 ? 13  VAL B CA  1 
ATOM   818  C  C   . VAL B 1 13 ? -14.840 12.920  -0.280  1.00 27.25 ? 13  VAL B C   1 
ATOM   819  O  O   . VAL B 1 13 ? -14.223 14.012  -0.079  1.00 27.29 ? 13  VAL B O   1 
ATOM   820  C  CB  . VAL B 1 13 ? -14.065 10.761  0.749   1.00 26.64 ? 13  VAL B CB  1 
ATOM   821  C  CG1 . VAL B 1 13 ? -12.618 11.283  0.628   1.00 24.04 ? 13  VAL B CG1 1 
ATOM   822  C  CG2 . VAL B 1 13 ? -14.197 9.823   1.972   1.00 25.71 ? 13  VAL B CG2 1 
ATOM   823  N  N   . ASN B 1 14 ? -15.295 12.537  -1.486  1.00 26.96 ? 14  ASN B N   1 
ATOM   824  C  CA  . ASN B 1 14 ? -15.093 13.424  -2.654  1.00 27.26 ? 14  ASN B CA  1 
ATOM   825  C  C   . ASN B 1 14 ? -15.745 14.801  -2.490  1.00 26.52 ? 14  ASN B C   1 
ATOM   826  O  O   . ASN B 1 14 ? -15.187 15.792  -2.887  1.00 26.72 ? 14  ASN B O   1 
ATOM   827  C  CB  . ASN B 1 14 ? -15.533 12.749  -3.951  1.00 26.64 ? 14  ASN B CB  1 
ATOM   828  C  CG  . ASN B 1 14 ? -14.508 11.747  -4.456  1.00 28.67 ? 14  ASN B CG  1 
ATOM   829  O  OD1 . ASN B 1 14 ? -13.304 11.889  -4.222  1.00 30.51 ? 14  ASN B OD1 1 
ATOM   830  N  ND2 . ASN B 1 14 ? -14.981 10.722  -5.144  1.00 28.56 ? 14  ASN B ND2 1 
ATOM   831  N  N   . THR B 1 15 ? -16.912 14.852  -1.873  1.00 27.11 ? 15  THR B N   1 
ATOM   832  C  CA  . THR B 1 15 ? -17.511 16.117  -1.453  1.00 28.54 ? 15  THR B CA  1 
ATOM   833  C  C   . THR B 1 15 ? -16.611 16.943  -0.519  1.00 30.23 ? 15  THR B C   1 
ATOM   834  O  O   . THR B 1 15 ? -16.319 18.115  -0.811  1.00 29.92 ? 15  THR B O   1 
ATOM   835  C  CB  . THR B 1 15 ? -18.868 15.838  -0.790  1.00 28.62 ? 15  THR B CB  1 
ATOM   836  O  OG1 . THR B 1 15 ? -19.719 15.160  -1.731  1.00 28.53 ? 15  THR B OG1 1 
ATOM   837  C  CG2 . THR B 1 15 ? -19.629 17.146  -0.445  1.00 28.42 ? 15  THR B CG2 1 
ATOM   838  N  N   . PHE B 1 16 ? -16.162 16.356  0.600   1.00 31.81 ? 16  PHE B N   1 
ATOM   839  C  CA  . PHE B 1 16 ? -15.180 17.052  1.444   1.00 33.28 ? 16  PHE B CA  1 
ATOM   840  C  C   . PHE B 1 16 ? -13.963 17.542  0.653   1.00 33.66 ? 16  PHE B C   1 
ATOM   841  O  O   . PHE B 1 16 ? -13.501 18.645  0.853   1.00 34.75 ? 16  PHE B O   1 
ATOM   842  C  CB  . PHE B 1 16 ? -14.687 16.143  2.571   1.00 34.14 ? 16  PHE B CB  1 
ATOM   843  C  CG  . PHE B 1 16 ? -15.550 16.156  3.800   1.00 36.49 ? 16  PHE B CG  1 
ATOM   844  C  CD1 . PHE B 1 16 ? -16.415 15.112  4.059   1.00 38.20 ? 16  PHE B CD1 1 
ATOM   845  C  CD2 . PHE B 1 16 ? -15.446 17.176  4.733   1.00 38.38 ? 16  PHE B CD2 1 
ATOM   846  C  CE1 . PHE B 1 16 ? -17.209 15.106  5.213   1.00 40.70 ? 16  PHE B CE1 1 
ATOM   847  C  CE2 . PHE B 1 16 ? -16.241 17.182  5.887   1.00 39.88 ? 16  PHE B CE2 1 
ATOM   848  C  CZ  . PHE B 1 16 ? -17.132 16.151  6.124   1.00 39.26 ? 16  PHE B CZ  1 
ATOM   849  N  N   . LEU B 1 17 ? -13.417 16.717  -0.232  1.00 34.12 ? 17  LEU B N   1 
ATOM   850  C  CA  . LEU B 1 17 ? -12.223 17.110  -0.976  1.00 34.85 ? 17  LEU B CA  1 
ATOM   851  C  C   . LEU B 1 17 ? -12.496 18.249  -1.971  1.00 36.00 ? 17  LEU B C   1 
ATOM   852  O  O   . LEU B 1 17 ? -11.626 19.112  -2.200  1.00 35.72 ? 17  LEU B O   1 
ATOM   853  C  CB  . LEU B 1 17 ? -11.602 15.912  -1.705  1.00 34.15 ? 17  LEU B CB  1 
ATOM   854  C  CG  . LEU B 1 17 ? -10.935 14.817  -0.850  1.00 36.08 ? 17  LEU B CG  1 
ATOM   855  C  CD1 . LEU B 1 17 ? -10.668 13.569  -1.701  1.00 33.81 ? 17  LEU B CD1 1 
ATOM   856  C  CD2 . LEU B 1 17 ? -9.654  15.267  -0.092  1.00 32.90 ? 17  LEU B CD2 1 
ATOM   857  N  N   . ALA B 1 18 ? -13.689 18.241  -2.578  1.00 37.26 ? 18  ALA B N   1 
ATOM   858  C  CA  . ALA B 1 18 ? -14.058 19.290  -3.535  1.00 38.64 ? 18  ALA B CA  1 
ATOM   859  C  C   . ALA B 1 18 ? -14.298 20.615  -2.819  1.00 39.57 ? 18  ALA B C   1 
ATOM   860  O  O   . ALA B 1 18 ? -13.783 21.627  -3.253  1.00 39.74 ? 18  ALA B O   1 
ATOM   861  C  CB  . ALA B 1 18 ? -15.254 18.884  -4.383  1.00 37.67 ? 18  ALA B CB  1 
ATOM   862  N  N   . ASN B 1 19 ? -15.025 20.592  -1.703  1.00 41.73 ? 19  ASN B N   1 
ATOM   863  C  CA  . ASN B 1 19 ? -15.274 21.795  -0.885  1.00 44.27 ? 19  ASN B CA  1 
ATOM   864  C  C   . ASN B 1 19 ? -14.005 22.349  -0.261  1.00 45.83 ? 19  ASN B C   1 
ATOM   865  O  O   . ASN B 1 19 ? -13.889 23.569  -0.076  1.00 45.92 ? 19  ASN B O   1 
ATOM   866  C  CB  . ASN B 1 19 ? -16.313 21.543  0.226   1.00 43.87 ? 19  ASN B CB  1 
ATOM   867  C  CG  . ASN B 1 19 ? -17.708 21.237  -0.327  1.00 46.00 ? 19  ASN B CG  1 
ATOM   868  O  OD1 . ASN B 1 19 ? -17.941 21.345  -1.538  1.00 50.21 ? 19  ASN B OD1 1 
ATOM   869  N  ND2 . ASN B 1 19 ? -18.631 20.828  0.543   1.00 44.84 ? 19  ASN B ND2 1 
ATOM   870  N  N   . ARG B 1 20 ? -13.073 21.448  0.077   1.00 47.34 ? 20  ARG B N   1 
ATOM   871  C  CA  . ARG B 1 20 ? -11.796 21.846  0.655   1.00 48.49 ? 20  ARG B CA  1 
ATOM   872  C  C   . ARG B 1 20 ? -10.999 22.524  -0.433  1.00 49.29 ? 20  ARG B C   1 
ATOM   873  O  O   . ARG B 1 20 ? -10.185 23.396  -0.165  1.00 50.02 ? 20  ARG B O   1 
ATOM   874  C  CB  . ARG B 1 20 ? -11.025 20.652  1.243   1.00 48.34 ? 20  ARG B CB  1 
ATOM   875  C  CG  . ARG B 1 20 ? -10.063 21.061  2.366   1.00 48.71 ? 20  ARG B CG  1 
ATOM   876  C  CD  . ARG B 1 20 ? -9.525  19.918  3.247   1.00 50.31 ? 20  ARG B CD  1 
ATOM   877  N  NE  . ARG B 1 20 ? -8.439  19.184  2.585   1.00 51.53 ? 20  ARG B NE  1 
ATOM   878  C  CZ  . ARG B 1 20 ? -7.139  19.283  2.873   1.00 50.81 ? 20  ARG B CZ  1 
ATOM   879  N  NH1 . ARG B 1 20 ? -6.724  20.072  3.841   1.00 49.98 ? 20  ARG B NH1 1 
ATOM   880  N  NH2 . ARG B 1 20 ? -6.248  18.569  2.193   1.00 50.93 ? 20  ARG B NH2 1 
ATOM   881  N  N   . GLY B 1 21 ? -11.245 22.133  -1.673  1.00 50.23 ? 21  GLY B N   1 
ATOM   882  C  CA  . GLY B 1 21 ? -10.543 22.741  -2.792  1.00 51.25 ? 21  GLY B CA  1 
ATOM   883  C  C   . GLY B 1 21 ? -9.173  22.159  -3.060  1.00 51.86 ? 21  GLY B C   1 
ATOM   884  O  O   . GLY B 1 21 ? -8.566  22.421  -4.114  1.00 52.75 ? 21  GLY B O   1 
ATOM   885  N  N   . LYS B 1 22 ? -8.656  21.378  -2.119  1.00 51.99 ? 22  LYS B N   1 
ATOM   886  C  CA  . LYS B 1 22 ? -7.379  20.702  -2.352  1.00 52.08 ? 22  LYS B CA  1 
ATOM   887  C  C   . LYS B 1 22 ? -7.319  19.369  -1.622  1.00 51.49 ? 22  LYS B C   1 
ATOM   888  O  O   . LYS B 1 22 ? -8.160  19.086  -0.755  1.00 51.54 ? 22  LYS B O   1 
ATOM   889  C  CB  . LYS B 1 22 ? -6.193  21.598  -1.958  1.00 52.19 ? 22  LYS B CB  1 
ATOM   890  C  CG  . LYS B 1 22 ? -6.229  22.083  -0.522  1.00 54.15 ? 22  LYS B CG  1 
ATOM   891  C  CD  . LYS B 1 22 ? -4.887  22.688  -0.142  1.00 58.44 ? 22  LYS B CD  1 
ATOM   892  C  CE  . LYS B 1 22 ? -4.886  23.150  1.307   1.00 61.74 ? 22  LYS B CE  1 
ATOM   893  N  NZ  . LYS B 1 22 ? -3.634  22.709  2.013   1.00 64.85 ? 22  LYS B NZ  1 
ATOM   894  N  N   . GLY B 1 23 ? -6.335  18.549  -1.997  1.00 50.55 ? 23  GLY B N   1 
ATOM   895  C  CA  . GLY B 1 23 ? -5.941  17.429  -1.170  1.00 49.07 ? 23  GLY B CA  1 
ATOM   896  C  C   . GLY B 1 23 ? -5.735  16.174  -1.954  1.00 48.17 ? 23  GLY B C   1 
ATOM   897  O  O   . GLY B 1 23 ? -6.397  15.937  -2.980  1.00 48.81 ? 23  GLY B O   1 
ATOM   898  N  N   . PHE B 1 24 ? -4.812  15.357  -1.474  1.00 46.86 ? 24  PHE B N   1 
ATOM   899  C  CA  . PHE B 1 24 ? -4.515  14.103  -2.141  1.00 45.22 ? 24  PHE B CA  1 
ATOM   900  C  C   . PHE B 1 24 ? -5.684  13.139  -1.935  1.00 43.97 ? 24  PHE B C   1 
ATOM   901  O  O   . PHE B 1 24 ? -6.176  12.520  -2.891  1.00 44.40 ? 24  PHE B O   1 
ATOM   902  C  CB  . PHE B 1 24 ? -3.186  13.538  -1.614  1.00 45.87 ? 24  PHE B CB  1 
ATOM   903  C  CG  . PHE B 1 24 ? -2.699  12.331  -2.363  1.00 46.73 ? 24  PHE B CG  1 
ATOM   904  C  CD1 . PHE B 1 24 ? -2.131  12.462  -3.639  1.00 46.64 ? 24  PHE B CD1 1 
ATOM   905  C  CD2 . PHE B 1 24 ? -2.821  11.045  -1.794  1.00 46.47 ? 24  PHE B CD2 1 
ATOM   906  C  CE1 . PHE B 1 24 ? -1.679  11.323  -4.353  1.00 47.96 ? 24  PHE B CE1 1 
ATOM   907  C  CE2 . PHE B 1 24 ? -2.375  9.891   -2.496  1.00 47.01 ? 24  PHE B CE2 1 
ATOM   908  C  CZ  . PHE B 1 24 ? -1.795  10.034  -3.782  1.00 47.54 ? 24  PHE B CZ  1 
ATOM   909  N  N   . GLY B 1 25 ? -6.161  13.026  -0.702  1.00 42.10 ? 25  GLY B N   1 
ATOM   910  C  CA  . GLY B 1 25 ? -7.214  12.055  -0.413  1.00 39.98 ? 25  GLY B CA  1 
ATOM   911  C  C   . GLY B 1 25 ? -7.373  11.764  1.066   1.00 38.52 ? 25  GLY B C   1 
ATOM   912  O  O   . GLY B 1 25 ? -7.287  12.654  1.928   1.00 38.39 ? 25  GLY B O   1 
ATOM   913  N  N   . LEU B 1 26 ? -7.551  10.489  1.357   1.00 36.92 ? 26  LEU B N   1 
ATOM   914  C  CA  . LEU B 1 26 ? -8.069  10.070  2.625   1.00 35.38 ? 26  LEU B CA  1 
ATOM   915  C  C   . LEU B 1 26 ? -7.049  9.237   3.405   1.00 35.12 ? 26  LEU B C   1 
ATOM   916  O  O   . LEU B 1 26 ? -6.528  8.268   2.874   1.00 34.60 ? 26  LEU B O   1 
ATOM   917  C  CB  . LEU B 1 26 ? -9.346  9.278   2.363   1.00 34.55 ? 26  LEU B CB  1 
ATOM   918  C  CG  . LEU B 1 26 ? -10.039 8.762   3.608   1.00 34.21 ? 26  LEU B CG  1 
ATOM   919  C  CD1 . LEU B 1 26 ? -10.533 9.942   4.423   1.00 30.92 ? 26  LEU B CD1 1 
ATOM   920  C  CD2 . LEU B 1 26 ? -11.158 7.801   3.238   1.00 32.98 ? 26  LEU B CD2 1 
ATOM   921  N  N   . ARG B 1 27 ? -6.776  9.630   4.657   1.00 34.94 ? 27  ARG B N   1 
ATOM   922  C  CA  . ARG B 1 27 ? -6.052  8.791   5.622   1.00 34.57 ? 27  ARG B CA  1 
ATOM   923  C  C   . ARG B 1 27 ? -6.993  7.988   6.512   1.00 35.05 ? 27  ARG B C   1 
ATOM   924  O  O   . ARG B 1 27 ? -7.871  8.541   7.186   1.00 34.37 ? 27  ARG B O   1 
ATOM   925  C  CB  . ARG B 1 27 ? -5.098  9.615   6.510   1.00 34.18 ? 27  ARG B CB  1 
ATOM   926  C  CG  . ARG B 1 27 ? -4.351  8.781   7.546   1.00 32.91 ? 27  ARG B CG  1 
ATOM   927  C  CD  . ARG B 1 27 ? -3.277  9.523   8.317   1.00 33.27 ? 27  ARG B CD  1 
ATOM   928  N  NE  . ARG B 1 27 ? -2.264  10.057  7.406   1.00 33.71 ? 27  ARG B NE  1 
ATOM   929  C  CZ  . ARG B 1 27 ? -1.210  9.374   6.979   1.00 33.55 ? 27  ARG B CZ  1 
ATOM   930  N  NH1 . ARG B 1 27 ? -0.993  8.118   7.386   1.00 30.99 ? 27  ARG B NH1 1 
ATOM   931  N  NH2 . ARG B 1 27 ? -0.390  9.933   6.109   1.00 33.12 ? 27  ARG B NH2 1 
ATOM   932  N  N   . LEU B 1 28 ? -6.809  6.671   6.499   1.00 36.14 ? 28  LEU B N   1 
ATOM   933  C  CA  . LEU B 1 28 ? -7.356  5.797   7.536   1.00 37.21 ? 28  LEU B CA  1 
ATOM   934  C  C   . LEU B 1 28 ? -6.249  5.503   8.533   1.00 37.95 ? 28  LEU B C   1 
ATOM   935  O  O   . LEU B 1 28 ? -5.169  5.073   8.163   1.00 37.66 ? 28  LEU B O   1 
ATOM   936  C  CB  . LEU B 1 28 ? -7.868  4.488   6.977   1.00 37.31 ? 28  LEU B CB  1 
ATOM   937  C  CG  . LEU B 1 28 ? -9.300  4.289   6.502   1.00 39.11 ? 28  LEU B CG  1 
ATOM   938  C  CD1 . LEU B 1 28 ? -9.872  5.511   5.833   1.00 39.21 ? 28  LEU B CD1 1 
ATOM   939  C  CD2 . LEU B 1 28 ? -9.301  3.128   5.543   1.00 38.04 ? 28  LEU B CD2 1 
ATOM   940  N  N   . GLY B 1 29 ? -6.546  5.742   9.800   1.00 39.64 ? 29  GLY B N   1 
ATOM   941  C  CA  . GLY B 1 29 ? -5.651  5.466   10.903  1.00 41.54 ? 29  GLY B CA  1 
ATOM   942  C  C   . GLY B 1 29 ? -6.352  4.755   12.063  1.00 43.37 ? 29  GLY B C   1 
ATOM   943  O  O   . GLY B 1 29 ? -7.555  4.432   12.030  1.00 42.61 ? 29  GLY B O   1 
ATOM   944  N  N   . VAL B 1 30 ? -5.585  4.536   13.117  1.00 44.70 ? 30  VAL B N   1 
ATOM   945  C  CA  . VAL B 1 30 ? -6.046  3.729   14.223  1.00 46.46 ? 30  VAL B CA  1 
ATOM   946  C  C   . VAL B 1 30 ? -5.423  4.340   15.470  1.00 47.61 ? 30  VAL B C   1 
ATOM   947  O  O   . VAL B 1 30 ? -4.364  4.953   15.392  1.00 48.41 ? 30  VAL B O   1 
ATOM   948  C  CB  . VAL B 1 30 ? -5.634  2.256   13.973  1.00 46.46 ? 30  VAL B CB  1 
ATOM   949  C  CG1 . VAL B 1 30 ? -4.906  1.684   15.137  1.00 47.52 ? 30  VAL B CG1 1 
ATOM   950  C  CG2 . VAL B 1 30 ? -6.831  1.414   13.567  1.00 44.95 ? 30  VAL B CG2 1 
ATOM   951  N  N   . ARG B 1 31 ? -6.101  4.246   16.602  1.00 49.08 ? 31  ARG B N   1 
ATOM   952  C  CA  . ARG B 1 31 ? -5.550  4.736   17.865  1.00 51.11 ? 31  ARG B CA  1 
ATOM   953  C  C   . ARG B 1 31 ? -6.201  3.988   19.024  1.00 51.90 ? 31  ARG B C   1 
ATOM   954  O  O   . ARG B 1 31 ? -7.301  3.433   18.879  1.00 51.57 ? 31  ARG B O   1 
ATOM   955  C  CB  . ARG B 1 31 ? -5.740  6.264   18.024  1.00 51.19 ? 31  ARG B CB  1 
ATOM   956  C  CG  . ARG B 1 31 ? -7.205  6.712   18.079  1.00 53.75 ? 31  ARG B CG  1 
ATOM   957  C  CD  . ARG B 1 31 ? -7.454  8.175   18.519  1.00 58.82 ? 31  ARG B CD  1 
ATOM   958  N  NE  . ARG B 1 31 ? -8.216  8.188   19.776  1.00 63.97 ? 31  ARG B NE  1 
ATOM   959  C  CZ  . ARG B 1 31 ? -9.543  8.326   19.880  1.00 65.64 ? 31  ARG B CZ  1 
ATOM   960  N  NH1 . ARG B 1 31 ? -10.306 8.513   18.802  1.00 66.05 ? 31  ARG B NH1 1 
ATOM   961  N  NH2 . ARG B 1 31 ? -10.107 8.288   21.082  1.00 66.46 ? 31  ARG B NH2 1 
ATOM   962  N  N   . THR B 1 32 ? -5.530  3.976   20.169  1.00 52.80 ? 32  THR B N   1 
ATOM   963  C  CA  . THR B 1 32 ? -6.130  3.367   21.357  1.00 54.17 ? 32  THR B CA  1 
ATOM   964  C  C   . THR B 1 32 ? -7.322  4.185   21.831  1.00 54.69 ? 32  THR B C   1 
ATOM   965  O  O   . THR B 1 32 ? -7.325  5.424   21.752  1.00 55.09 ? 32  THR B O   1 
ATOM   966  C  CB  . THR B 1 32 ? -5.124  3.262   22.517  1.00 54.22 ? 32  THR B CB  1 
ATOM   967  O  OG1 . THR B 1 32 ? -4.734  4.590   22.901  1.00 55.51 ? 32  THR B OG1 1 
ATOM   968  C  CG2 . THR B 1 32 ? -3.813  2.575   22.074  1.00 53.27 ? 32  THR B CG2 1 
ATOM   969  N  N   . SER B 1 33 ? -8.335  3.470   22.300  1.00 54.98 ? 33  SER B N   1 
ATOM   970  C  CA  . SER B 1 33 ? -9.409  4.059   23.062  1.00 55.62 ? 33  SER B CA  1 
ATOM   971  C  C   . SER B 1 33 ? -9.514  3.211   24.347  1.00 56.18 ? 33  SER B C   1 
ATOM   972  O  O   . SER B 1 33 ? -10.219 2.187   24.383  1.00 56.14 ? 33  SER B O   1 
ATOM   973  C  CB  . SER B 1 33 ? -10.704 4.096   22.234  1.00 55.66 ? 33  SER B CB  1 
ATOM   974  O  OG  . SER B 1 33 ? -11.871 4.012   23.042  1.00 56.56 ? 33  SER B OG  1 
ATOM   975  N  N   . GLY B 1 34 ? -8.767  3.620   25.380  1.00 56.27 ? 34  GLY B N   1 
ATOM   976  C  CA  . GLY B 1 34 ? -8.834  2.982   26.691  1.00 55.99 ? 34  GLY B CA  1 
ATOM   977  C  C   . GLY B 1 34 ? -7.780  1.903   26.891  1.00 56.22 ? 34  GLY B C   1 
ATOM   978  O  O   . GLY B 1 34 ? -6.691  1.944   26.290  1.00 56.52 ? 34  GLY B O   1 
ATOM   979  N  N   . CYS B 1 35 ? -8.093  0.916   27.720  1.00 55.39 ? 35  CYS B N   1 
ATOM   980  C  CA  . CYS B 1 35 ? -7.104  -0.118  28.001  1.00 54.92 ? 35  CYS B CA  1 
ATOM   981  C  C   . CYS B 1 35 ? -7.305  -1.395  27.196  1.00 53.67 ? 35  CYS B C   1 
ATOM   982  O  O   . CYS B 1 35 ? -6.363  -2.159  26.992  1.00 52.96 ? 35  CYS B O   1 
ATOM   983  C  CB  . CYS B 1 35 ? -7.031  -0.388  29.501  1.00 54.91 ? 35  CYS B CB  1 
ATOM   984  S  SG  . CYS B 1 35 ? -5.829  0.745   30.274  1.00 58.58 ? 35  CYS B SG  1 
ATOM   985  N  N   . SER B 1 36 ? -8.532  -1.599  26.728  1.00 52.65 ? 36  SER B N   1 
ATOM   986  C  CA  . SER B 1 36 ? -8.838  -2.744  25.893  1.00 51.96 ? 36  SER B CA  1 
ATOM   987  C  C   . SER B 1 36 ? -9.655  -2.333  24.649  1.00 51.08 ? 36  SER B C   1 
ATOM   988  O  O   . SER B 1 36 ? -10.644 -2.977  24.294  1.00 51.14 ? 36  SER B O   1 
ATOM   989  C  CB  . SER B 1 36 ? -9.545  -3.806  26.739  1.00 52.14 ? 36  SER B CB  1 
ATOM   990  O  OG  . SER B 1 36 ? -10.718 -3.260  27.321  1.00 52.46 ? 36  SER B OG  1 
ATOM   991  N  N   . GLY B 1 37 ? -9.222  -1.267  23.973  1.00 50.09 ? 37  GLY B N   1 
ATOM   992  C  CA  . GLY B 1 37 ? -9.998  -0.709  22.874  1.00 48.61 ? 37  GLY B CA  1 
ATOM   993  C  C   . GLY B 1 37 ? -9.235  0.039   21.788  1.00 47.65 ? 37  GLY B C   1 
ATOM   994  O  O   . GLY B 1 37 ? -8.143  0.544   22.008  1.00 47.03 ? 37  GLY B O   1 
ATOM   995  N  N   . MET B 1 38 ? -9.843  0.128   20.607  1.00 47.23 ? 38  MET B N   1 
ATOM   996  C  CA  . MET B 1 38 ? -9.231  0.790   19.464  1.00 47.21 ? 38  MET B CA  1 
ATOM   997  C  C   . MET B 1 38 ? -10.217 1.773   18.833  1.00 46.09 ? 38  MET B C   1 
ATOM   998  O  O   . MET B 1 38 ? -11.416 1.511   18.763  1.00 46.65 ? 38  MET B O   1 
ATOM   999  C  CB  . MET B 1 38 ? -8.760  -0.258  18.449  1.00 47.54 ? 38  MET B CB  1 
ATOM   1000 C  CG  . MET B 1 38 ? -7.757  0.271   17.407  1.00 52.27 ? 38  MET B CG  1 
ATOM   1001 S  SD  . MET B 1 38 ? -6.279  -0.820  17.058  1.00 62.00 ? 38  MET B SD  1 
ATOM   1002 C  CE  . MET B 1 38 ? -5.661  -1.146  18.769  1.00 59.28 ? 38  MET B CE  1 
ATOM   1003 N  N   . ALA B 1 39 ? -9.719  2.914   18.389  1.00 44.89 ? 39  ALA B N   1 
ATOM   1004 C  CA  . ALA B 1 39 ? -10.550 3.836   17.616  1.00 44.11 ? 39  ALA B CA  1 
ATOM   1005 C  C   . ALA B 1 39 ? -10.009 4.060   16.202  1.00 43.26 ? 39  ALA B C   1 
ATOM   1006 O  O   . ALA B 1 39 ? -8.840  4.308   16.015  1.00 42.27 ? 39  ALA B O   1 
ATOM   1007 C  CB  . ALA B 1 39 ? -10.718 5.157   18.352  1.00 43.61 ? 39  ALA B CB  1 
ATOM   1008 N  N   . TYR B 1 40 ? -10.891 3.941   15.220  1.00 43.76 ? 40  TYR B N   1 
ATOM   1009 C  CA  . TYR B 1 40 ? -10.597 4.242   13.831  1.00 44.72 ? 40  TYR B CA  1 
ATOM   1010 C  C   . TYR B 1 40 ? -10.531 5.744   13.654  1.00 44.42 ? 40  TYR B C   1 
ATOM   1011 O  O   . TYR B 1 40 ? -11.270 6.459   14.288  1.00 45.26 ? 40  TYR B O   1 
ATOM   1012 C  CB  . TYR B 1 40 ? -11.729 3.742   12.986  1.00 45.43 ? 40  TYR B CB  1 
ATOM   1013 C  CG  . TYR B 1 40 ? -11.802 2.250   12.804  1.00 48.04 ? 40  TYR B CG  1 
ATOM   1014 C  CD1 . TYR B 1 40 ? -12.717 1.470   13.522  1.00 49.41 ? 40  TYR B CD1 1 
ATOM   1015 C  CD2 . TYR B 1 40 ? -10.997 1.615   11.861  1.00 52.60 ? 40  TYR B CD2 1 
ATOM   1016 C  CE1 . TYR B 1 40 ? -12.806 0.077   13.328  1.00 50.19 ? 40  TYR B CE1 1 
ATOM   1017 C  CE2 . TYR B 1 40 ? -11.082 0.225   11.650  1.00 53.93 ? 40  TYR B CE2 1 
ATOM   1018 C  CZ  . TYR B 1 40 ? -11.987 -0.532  12.387  1.00 53.26 ? 40  TYR B CZ  1 
ATOM   1019 O  OH  . TYR B 1 40 ? -12.036 -1.891  12.133  1.00 56.20 ? 40  TYR B OH  1 
ATOM   1020 N  N   . VAL B 1 41 ? -9.633  6.217   12.804  1.00 44.14 ? 41  VAL B N   1 
ATOM   1021 C  CA  . VAL B 1 41 ? -9.439  7.646   12.544  1.00 43.32 ? 41  VAL B CA  1 
ATOM   1022 C  C   . VAL B 1 41 ? -9.529  7.954   11.029  1.00 42.14 ? 41  VAL B C   1 
ATOM   1023 O  O   . VAL B 1 41 ? -8.973  7.203   10.211  1.00 40.43 ? 41  VAL B O   1 
ATOM   1024 C  CB  . VAL B 1 41 ? -8.045  8.067   13.045  1.00 43.91 ? 41  VAL B CB  1 
ATOM   1025 C  CG1 . VAL B 1 41 ? -7.799  9.567   12.836  1.00 45.56 ? 41  VAL B CG1 1 
ATOM   1026 C  CG2 . VAL B 1 41 ? -7.868  7.702   14.513  1.00 45.63 ? 41  VAL B CG2 1 
ATOM   1027 N  N   . LEU B 1 42 ? -10.236 9.041   10.679  1.00 41.58 ? 42  LEU B N   1 
ATOM   1028 C  CA  . LEU B 1 42 ? -10.249 9.633   9.319   1.00 41.70 ? 42  LEU B CA  1 
ATOM   1029 C  C   . LEU B 1 42 ? -9.644  11.012  9.288   1.00 41.60 ? 42  LEU B C   1 
ATOM   1030 O  O   . LEU B 1 42 ? -10.000 11.855  10.088  1.00 41.72 ? 42  LEU B O   1 
ATOM   1031 C  CB  . LEU B 1 42 ? -11.655 9.762   8.753   1.00 41.35 ? 42  LEU B CB  1 
ATOM   1032 C  CG  . LEU B 1 42 ? -12.370 8.451   8.545   1.00 42.51 ? 42  LEU B CG  1 
ATOM   1033 C  CD1 . LEU B 1 42 ? -13.714 8.711   7.976   1.00 40.95 ? 42  LEU B CD1 1 
ATOM   1034 C  CD2 . LEU B 1 42 ? -11.548 7.553   7.632   1.00 44.54 ? 42  LEU B CD2 1 
ATOM   1035 N  N   . GLU B 1 43 ? -8.745  11.241  8.341   1.00 41.99 ? 43  GLU B N   1 
ATOM   1036 C  CA  . GLU B 1 43 ? -8.107  12.525  8.169   1.00 42.57 ? 43  GLU B CA  1 
ATOM   1037 C  C   . GLU B 1 43 ? -7.936  12.767  6.675   1.00 42.45 ? 43  GLU B C   1 
ATOM   1038 O  O   . GLU B 1 43 ? -7.933  11.808  5.877   1.00 41.66 ? 43  GLU B O   1 
ATOM   1039 C  CB  . GLU B 1 43 ? -6.704  12.511  8.760   1.00 42.89 ? 43  GLU B CB  1 
ATOM   1040 C  CG  . GLU B 1 43 ? -6.556  12.357  10.247  1.00 45.85 ? 43  GLU B CG  1 
ATOM   1041 C  CD  . GLU B 1 43 ? -5.146  12.722  10.662  1.00 49.82 ? 43  GLU B CD  1 
ATOM   1042 O  OE1 . GLU B 1 43 ? -4.823  13.935  10.696  1.00 54.84 ? 43  GLU B OE1 1 
ATOM   1043 O  OE2 . GLU B 1 43 ? -4.344  11.813  10.922  1.00 50.74 ? 43  GLU B OE2 1 
ATOM   1044 N  N   . PHE B 1 44 ? -7.750  14.037  6.315   1.00 42.03 ? 44  PHE B N   1 
ATOM   1045 C  CA  . PHE B 1 44 ? -7.311  14.403  4.979   1.00 42.81 ? 44  PHE B CA  1 
ATOM   1046 C  C   . PHE B 1 44 ? -5.808  14.203  4.886   1.00 43.13 ? 44  PHE B C   1 
ATOM   1047 O  O   . PHE B 1 44 ? -5.099  14.404  5.857   1.00 43.21 ? 44  PHE B O   1 
ATOM   1048 C  CB  . PHE B 1 44 ? -7.587  15.883  4.668   1.00 42.63 ? 44  PHE B CB  1 
ATOM   1049 C  CG  . PHE B 1 44 ? -9.026  16.266  4.703   1.00 43.33 ? 44  PHE B CG  1 
ATOM   1050 C  CD1 . PHE B 1 44 ? -9.494  17.149  5.692   1.00 43.86 ? 44  PHE B CD1 1 
ATOM   1051 C  CD2 . PHE B 1 44 ? -9.921  15.786  3.735   1.00 44.25 ? 44  PHE B CD2 1 
ATOM   1052 C  CE1 . PHE B 1 44 ? -10.859 17.549  5.727   1.00 45.08 ? 44  PHE B CE1 1 
ATOM   1053 C  CE2 . PHE B 1 44 ? -11.274 16.182  3.737   1.00 45.46 ? 44  PHE B CE2 1 
ATOM   1054 C  CZ  . PHE B 1 44 ? -11.750 17.069  4.744   1.00 47.12 ? 44  PHE B CZ  1 
ATOM   1055 N  N   . VAL B 1 45 ? -5.341  13.840  3.697   1.00 44.08 ? 45  VAL B N   1 
ATOM   1056 C  CA  . VAL B 1 45 ? -3.920  13.783  3.385   1.00 45.40 ? 45  VAL B CA  1 
ATOM   1057 C  C   . VAL B 1 45 ? -3.597  14.762  2.281   1.00 46.28 ? 45  VAL B C   1 
ATOM   1058 O  O   . VAL B 1 45 ? -4.303  14.805  1.274   1.00 46.49 ? 45  VAL B O   1 
ATOM   1059 C  CB  . VAL B 1 45 ? -3.503  12.392  2.839   1.00 44.91 ? 45  VAL B CB  1 
ATOM   1060 C  CG1 . VAL B 1 45 ? -1.983  12.286  2.720   1.00 43.52 ? 45  VAL B CG1 1 
ATOM   1061 C  CG2 . VAL B 1 45 ? -4.028  11.322  3.709   1.00 45.67 ? 45  VAL B CG2 1 
ATOM   1062 N  N   . ASP B 1 46 ? -2.509  15.514  2.447   1.00 47.91 ? 46  ASP B N   1 
ATOM   1063 C  CA  . ASP B 1 46 ? -1.984  16.314  1.336   1.00 49.36 ? 46  ASP B CA  1 
ATOM   1064 C  C   . ASP B 1 46 ? -0.735  15.685  0.775   1.00 50.39 ? 46  ASP B C   1 
ATOM   1065 O  O   . ASP B 1 46 ? -0.515  15.696  -0.435  1.00 51.26 ? 46  ASP B O   1 
ATOM   1066 C  CB  . ASP B 1 46 ? -1.694  17.753  1.758   1.00 49.48 ? 46  ASP B CB  1 
ATOM   1067 C  CG  . ASP B 1 46 ? -2.957  18.529  2.090   1.00 50.03 ? 46  ASP B CG  1 
ATOM   1068 O  OD1 . ASP B 1 46 ? -3.900  18.496  1.271   1.00 49.64 ? 46  ASP B OD1 1 
ATOM   1069 O  OD2 . ASP B 1 46 ? -3.099  19.185  3.150   1.00 50.34 ? 46  ASP B OD2 1 
ATOM   1070 N  N   . GLU B 1 47 ? 0.099   15.144  1.650   1.00 51.34 ? 47  GLU B N   1 
ATOM   1071 C  CA  . GLU B 1 47 ? 1.297   14.461  1.189   1.00 52.56 ? 47  GLU B CA  1 
ATOM   1072 C  C   . GLU B 1 47 ? 1.473   13.191  1.971   1.00 52.08 ? 47  GLU B C   1 
ATOM   1073 O  O   . GLU B 1 47 ? 1.542   13.228  3.199   1.00 52.37 ? 47  GLU B O   1 
ATOM   1074 C  CB  . GLU B 1 47 ? 2.536   15.344  1.319   1.00 53.21 ? 47  GLU B CB  1 
ATOM   1075 C  CG  . GLU B 1 47 ? 2.825   16.186  0.079   1.00 57.61 ? 47  GLU B CG  1 
ATOM   1076 C  CD  . GLU B 1 47 ? 3.333   15.351  -1.084  1.00 62.03 ? 47  GLU B CD  1 
ATOM   1077 O  OE1 . GLU B 1 47 ? 4.563   15.078  -1.112  1.00 63.48 ? 47  GLU B OE1 1 
ATOM   1078 O  OE2 . GLU B 1 47 ? 2.504   14.961  -1.958  1.00 63.78 ? 47  GLU B OE2 1 
ATOM   1079 N  N   . PRO B 1 48 ? 1.474   12.065  1.262   1.00 51.90 ? 48  PRO B N   1 
ATOM   1080 C  CA  . PRO B 1 48 ? 1.849   10.774  1.846   1.00 51.49 ? 48  PRO B CA  1 
ATOM   1081 C  C   . PRO B 1 48 ? 3.264   10.830  2.386   1.00 51.01 ? 48  PRO B C   1 
ATOM   1082 O  O   . PRO B 1 48 ? 4.117   11.434  1.753   1.00 50.85 ? 48  PRO B O   1 
ATOM   1083 C  CB  . PRO B 1 48 ? 1.783   9.818   0.653   1.00 51.28 ? 48  PRO B CB  1 
ATOM   1084 C  CG  . PRO B 1 48 ? 0.807   10.453  -0.290  1.00 51.78 ? 48  PRO B CG  1 
ATOM   1085 C  CD  . PRO B 1 48 ? 1.049   11.933  -0.148  1.00 52.12 ? 48  PRO B CD  1 
ATOM   1086 N  N   . THR B 1 49 ? 3.488   10.237  3.550   1.00 50.80 ? 49  THR B N   1 
ATOM   1087 C  CA  . THR B 1 49 ? 4.831   10.036  4.078   1.00 50.65 ? 49  THR B CA  1 
ATOM   1088 C  C   . THR B 1 49 ? 5.454   8.810   3.403   1.00 50.96 ? 49  THR B C   1 
ATOM   1089 O  O   . THR B 1 49 ? 4.741   8.007   2.806   1.00 50.49 ? 49  THR B O   1 
ATOM   1090 C  CB  . THR B 1 49 ? 4.777   9.813   5.582   1.00 50.48 ? 49  THR B CB  1 
ATOM   1091 O  OG1 . THR B 1 49 ? 4.123   8.563   5.849   1.00 50.24 ? 49  THR B OG1 1 
ATOM   1092 C  CG2 . THR B 1 49 ? 3.887   10.850  6.228   1.00 49.93 ? 49  THR B CG2 1 
ATOM   1093 N  N   . PRO B 1 50 ? 6.781   8.680   3.480   1.00 51.33 ? 50  PRO B N   1 
ATOM   1094 C  CA  . PRO B 1 50 ? 7.489   7.464   3.013   1.00 50.88 ? 50  PRO B CA  1 
ATOM   1095 C  C   . PRO B 1 50 ? 7.118   6.196   3.795   1.00 50.21 ? 50  PRO B C   1 
ATOM   1096 O  O   . PRO B 1 50 ? 7.379   5.075   3.343   1.00 50.10 ? 50  PRO B O   1 
ATOM   1097 C  CB  . PRO B 1 50 ? 8.969   7.821   3.217   1.00 51.36 ? 50  PRO B CB  1 
ATOM   1098 C  CG  . PRO B 1 50 ? 8.970   9.369   3.192   1.00 52.31 ? 50  PRO B CG  1 
ATOM   1099 C  CD  . PRO B 1 50 ? 7.711   9.716   3.978   1.00 51.59 ? 50  PRO B CD  1 
ATOM   1100 N  N   . GLU B 1 51 ? 6.486   6.379   4.948   1.00 49.56 ? 51  GLU B N   1 
ATOM   1101 C  CA  . GLU B 1 51 ? 5.954   5.268   5.738   1.00 49.10 ? 51  GLU B CA  1 
ATOM   1102 C  C   . GLU B 1 51 ? 4.560   4.835   5.278   1.00 47.41 ? 51  GLU B C   1 
ATOM   1103 O  O   . GLU B 1 51 ? 4.039   3.814   5.736   1.00 47.75 ? 51  GLU B O   1 
ATOM   1104 C  CB  . GLU B 1 51 ? 5.914   5.639   7.223   1.00 49.43 ? 51  GLU B CB  1 
ATOM   1105 C  CG  . GLU B 1 51 ? 7.280   5.954   7.799   1.00 53.09 ? 51  GLU B CG  1 
ATOM   1106 C  CD  . GLU B 1 51 ? 7.753   7.339   7.411   1.00 57.72 ? 51  GLU B CD  1 
ATOM   1107 O  OE1 . GLU B 1 51 ? 7.053   8.324   7.743   1.00 60.30 ? 51  GLU B OE1 1 
ATOM   1108 O  OE2 . GLU B 1 51 ? 8.818   7.443   6.757   1.00 59.73 ? 51  GLU B OE2 1 
ATOM   1109 N  N   . ASP B 1 52 ? 3.954   5.603   4.385   1.00 45.09 ? 52  ASP B N   1 
ATOM   1110 C  CA  . ASP B 1 52 ? 2.585   5.317   4.003   1.00 43.45 ? 52  ASP B CA  1 
ATOM   1111 C  C   . ASP B 1 52 ? 2.514   4.360   2.855   1.00 42.50 ? 52  ASP B C   1 
ATOM   1112 O  O   . ASP B 1 52 ? 3.388   4.328   1.987   1.00 42.21 ? 52  ASP B O   1 
ATOM   1113 C  CB  . ASP B 1 52 ? 1.835   6.584   3.588   1.00 43.68 ? 52  ASP B CB  1 
ATOM   1114 C  CG  . ASP B 1 52 ? 1.434   7.434   4.758   1.00 43.27 ? 52  ASP B CG  1 
ATOM   1115 O  OD1 . ASP B 1 52 ? 1.318   6.904   5.896   1.00 42.39 ? 52  ASP B OD1 1 
ATOM   1116 O  OD2 . ASP B 1 52 ? 1.225   8.654   4.608   1.00 40.83 ? 52  ASP B OD2 1 
ATOM   1117 N  N   . ILE B 1 53 ? 1.420   3.614   2.858   1.00 40.94 ? 53  ILE B N   1 
ATOM   1118 C  CA  . ILE B 1 53 ? 0.978   2.780   1.764   1.00 39.96 ? 53  ILE B CA  1 
ATOM   1119 C  C   . ILE B 1 53 ? -0.178  3.551   1.121   1.00 39.09 ? 53  ILE B C   1 
ATOM   1120 O  O   . ILE B 1 53 ? -0.949  4.190   1.833   1.00 38.36 ? 53  ILE B O   1 
ATOM   1121 C  CB  . ILE B 1 53 ? 0.528   1.438   2.376   1.00 39.83 ? 53  ILE B CB  1 
ATOM   1122 C  CG1 . ILE B 1 53 ? 1.649   0.433   2.267   1.00 41.83 ? 53  ILE B CG1 1 
ATOM   1123 C  CG2 . ILE B 1 53 ? -0.771  0.897   1.789   1.00 40.61 ? 53  ILE B CG2 1 
ATOM   1124 C  CD1 . ILE B 1 53 ? 2.908   0.945   2.896   1.00 45.35 ? 53  ILE B CD1 1 
ATOM   1125 N  N   . VAL B 1 54 ? -0.283  3.513   -0.205  1.00 38.00 ? 54  VAL B N   1 
ATOM   1126 C  CA  . VAL B 1 54 ? -1.363  4.209   -0.896  1.00 37.81 ? 54  VAL B CA  1 
ATOM   1127 C  C   . VAL B 1 54 ? -2.126  3.261   -1.816  1.00 38.02 ? 54  VAL B C   1 
ATOM   1128 O  O   . VAL B 1 54 ? -1.535  2.505   -2.563  1.00 37.93 ? 54  VAL B O   1 
ATOM   1129 C  CB  . VAL B 1 54 ? -0.865  5.445   -1.748  1.00 37.61 ? 54  VAL B CB  1 
ATOM   1130 C  CG1 . VAL B 1 54 ? -2.031  6.140   -2.394  1.00 37.35 ? 54  VAL B CG1 1 
ATOM   1131 C  CG2 . VAL B 1 54 ? -0.061  6.434   -0.933  1.00 35.87 ? 54  VAL B CG2 1 
ATOM   1132 N  N   . PHE B 1 55 ? -3.445  3.325   -1.773  1.00 38.96 ? 55  PHE B N   1 
ATOM   1133 C  CA  . PHE B 1 55 ? -4.252  2.614   -2.744  1.00 39.92 ? 55  PHE B CA  1 
ATOM   1134 C  C   . PHE B 1 55 ? -5.473  3.417   -3.204  1.00 40.13 ? 55  PHE B C   1 
ATOM   1135 O  O   . PHE B 1 55 ? -5.571  4.603   -2.935  1.00 40.00 ? 55  PHE B O   1 
ATOM   1136 C  CB  . PHE B 1 55 ? -4.654  1.260   -2.201  1.00 39.89 ? 55  PHE B CB  1 
ATOM   1137 C  CG  . PHE B 1 55 ? -5.366  1.327   -0.897  1.00 40.23 ? 55  PHE B CG  1 
ATOM   1138 C  CD1 . PHE B 1 55 ? -6.753  1.260   -0.855  1.00 40.98 ? 55  PHE B CD1 1 
ATOM   1139 C  CD2 . PHE B 1 55 ? -4.649  1.439   0.286   1.00 41.81 ? 55  PHE B CD2 1 
ATOM   1140 C  CE1 . PHE B 1 55 ? -7.428  1.319   0.359   1.00 43.70 ? 55  PHE B CE1 1 
ATOM   1141 C  CE2 . PHE B 1 55 ? -5.302  1.504   1.511   1.00 43.83 ? 55  PHE B CE2 1 
ATOM   1142 C  CZ  . PHE B 1 55 ? -6.695  1.450   1.553   1.00 44.34 ? 55  PHE B CZ  1 
ATOM   1143 N  N   . GLU B 1 56 ? -6.393  2.729   -3.876  1.00 40.73 ? 56  GLU B N   1 
ATOM   1144 C  CA  . GLU B 1 56 ? -7.470  3.342   -4.642  1.00 41.39 ? 56  GLU B CA  1 
ATOM   1145 C  C   . GLU B 1 56 ? -8.741  2.496   -4.575  1.00 40.16 ? 56  GLU B C   1 
ATOM   1146 O  O   . GLU B 1 56 ? -8.710  1.266   -4.777  1.00 40.24 ? 56  GLU B O   1 
ATOM   1147 C  CB  . GLU B 1 56 ? -7.026  3.500   -6.101  1.00 42.50 ? 56  GLU B CB  1 
ATOM   1148 C  CG  . GLU B 1 56 ? -8.066  4.042   -7.094  1.00 48.44 ? 56  GLU B CG  1 
ATOM   1149 C  CD  . GLU B 1 56 ? -7.536  5.223   -7.912  1.00 53.96 ? 56  GLU B CD  1 
ATOM   1150 O  OE1 . GLU B 1 56 ? -8.329  5.896   -8.614  1.00 55.69 ? 56  GLU B OE1 1 
ATOM   1151 O  OE2 . GLU B 1 56 ? -6.313  5.488   -7.859  1.00 56.94 ? 56  GLU B OE2 1 
ATOM   1152 N  N   . ASP B 1 57 ? -9.856  3.151   -4.271  1.00 38.64 ? 57  ASP B N   1 
ATOM   1153 C  CA  . ASP B 1 57 ? -11.172 2.553   -4.477  1.00 37.73 ? 57  ASP B CA  1 
ATOM   1154 C  C   . ASP B 1 57 ? -12.091 3.701   -4.871  1.00 37.43 ? 57  ASP B C   1 
ATOM   1155 O  O   . ASP B 1 57 ? -12.086 4.746   -4.242  1.00 36.17 ? 57  ASP B O   1 
ATOM   1156 C  CB  . ASP B 1 57 ? -11.683 1.803   -3.230  1.00 37.41 ? 57  ASP B CB  1 
ATOM   1157 C  CG  . ASP B 1 57 ? -12.802 0.788   -3.553  1.00 37.93 ? 57  ASP B CG  1 
ATOM   1158 O  OD1 . ASP B 1 57 ? -12.676 0.038   -4.538  1.00 39.48 ? 57  ASP B OD1 1 
ATOM   1159 O  OD2 . ASP B 1 57 ? -13.851 0.644   -2.886  1.00 36.06 ? 57  ASP B OD2 1 
ATOM   1160 N  N   . LYS B 1 58 ? -12.844 3.506   -5.948  1.00 37.91 ? 58  LYS B N   1 
ATOM   1161 C  CA  . LYS B 1 58 ? -13.806 4.494   -6.421  1.00 38.10 ? 58  LYS B CA  1 
ATOM   1162 C  C   . LYS B 1 58 ? -13.194 5.863   -6.675  1.00 38.81 ? 58  LYS B C   1 
ATOM   1163 O  O   . LYS B 1 58 ? -13.777 6.906   -6.359  1.00 39.47 ? 58  LYS B O   1 
ATOM   1164 C  CB  . LYS B 1 58 ? -15.010 4.537   -5.482  1.00 37.61 ? 58  LYS B CB  1 
ATOM   1165 C  CG  . LYS B 1 58 ? -15.825 3.272   -5.681  1.00 37.24 ? 58  LYS B CG  1 
ATOM   1166 C  CD  . LYS B 1 58 ? -16.662 2.879   -4.549  1.00 38.11 ? 58  LYS B CD  1 
ATOM   1167 C  CE  . LYS B 1 58 ? -16.892 1.390   -4.650  1.00 40.35 ? 58  LYS B CE  1 
ATOM   1168 N  NZ  . LYS B 1 58 ? -18.289 0.981   -4.424  1.00 41.52 ? 58  LYS B NZ  1 
ATOM   1169 N  N   . GLY B 1 59 ? -11.996 5.857   -7.241  1.00 39.42 ? 59  GLY B N   1 
ATOM   1170 C  CA  . GLY B 1 59 ? -11.306 7.108   -7.500  1.00 40.07 ? 59  GLY B CA  1 
ATOM   1171 C  C   . GLY B 1 59 ? -10.915 7.904   -6.256  1.00 40.17 ? 59  GLY B C   1 
ATOM   1172 O  O   . GLY B 1 59 ? -10.570 9.084   -6.371  1.00 41.75 ? 59  GLY B O   1 
ATOM   1173 N  N   . VAL B 1 60 ? -10.966 7.285   -5.074  1.00 38.60 ? 60  VAL B N   1 
ATOM   1174 C  CA  . VAL B 1 60 ? -10.461 7.915   -3.869  1.00 36.52 ? 60  VAL B CA  1 
ATOM   1175 C  C   . VAL B 1 60 ? -9.087  7.331   -3.491  1.00 36.56 ? 60  VAL B C   1 
ATOM   1176 O  O   . VAL B 1 60 ? -8.918  6.110   -3.394  1.00 35.70 ? 60  VAL B O   1 
ATOM   1177 C  CB  . VAL B 1 60 ? -11.443 7.764   -2.686  1.00 36.82 ? 60  VAL B CB  1 
ATOM   1178 C  CG1 . VAL B 1 60 ? -10.966 8.564   -1.490  1.00 34.46 ? 60  VAL B CG1 1 
ATOM   1179 C  CG2 . VAL B 1 60 ? -12.846 8.170   -3.085  1.00 34.41 ? 60  VAL B CG2 1 
ATOM   1180 N  N   . LYS B 1 61 ? -8.113  8.213   -3.285  1.00 36.25 ? 61  LYS B N   1 
ATOM   1181 C  CA  . LYS B 1 61 ? -6.821  7.813   -2.778  1.00 37.09 ? 61  LYS B CA  1 
ATOM   1182 C  C   . LYS B 1 61 ? -6.889  7.655   -1.279  1.00 36.31 ? 61  LYS B C   1 
ATOM   1183 O  O   . LYS B 1 61 ? -7.128  8.623   -0.550  1.00 36.56 ? 61  LYS B O   1 
ATOM   1184 C  CB  . LYS B 1 61 ? -5.744  8.821   -3.135  1.00 37.74 ? 61  LYS B CB  1 
ATOM   1185 C  CG  . LYS B 1 61 ? -5.693  9.108   -4.625  1.00 40.60 ? 61  LYS B CG  1 
ATOM   1186 C  CD  . LYS B 1 61 ? -5.382  7.863   -5.425  1.00 42.25 ? 61  LYS B CD  1 
ATOM   1187 C  CE  . LYS B 1 61 ? -4.518  8.241   -6.630  1.00 44.29 ? 61  LYS B CE  1 
ATOM   1188 N  NZ  . LYS B 1 61 ? -4.654  7.239   -7.730  1.00 44.25 ? 61  LYS B NZ  1 
ATOM   1189 N  N   . VAL B 1 62 ? -6.691  6.415   -0.843  1.00 34.84 ? 62  VAL B N   1 
ATOM   1190 C  CA  . VAL B 1 62 ? -6.656  6.077   0.565   1.00 33.85 ? 62  VAL B CA  1 
ATOM   1191 C  C   . VAL B 1 62 ? -5.186  5.848   1.005   1.00 33.26 ? 62  VAL B C   1 
ATOM   1192 O  O   . VAL B 1 62 ? -4.419  5.136   0.345   1.00 32.37 ? 62  VAL B O   1 
ATOM   1193 C  CB  . VAL B 1 62 ? -7.559  4.859   0.848   1.00 33.94 ? 62  VAL B CB  1 
ATOM   1194 C  CG1 . VAL B 1 62 ? -7.671  4.613   2.338   1.00 33.61 ? 62  VAL B CG1 1 
ATOM   1195 C  CG2 . VAL B 1 62 ? -8.938  5.080   0.257   1.00 32.61 ? 62  VAL B CG2 1 
ATOM   1196 N  N   . VAL B 1 63 ? -4.808  6.504   2.094   1.00 32.49 ? 63  VAL B N   1 
ATOM   1197 C  CA  . VAL B 1 63 ? -3.456  6.472   2.619   1.00 32.27 ? 63  VAL B CA  1 
ATOM   1198 C  C   . VAL B 1 63 ? -3.470  5.880   4.038   1.00 33.05 ? 63  VAL B C   1 
ATOM   1199 O  O   . VAL B 1 63 ? -4.254  6.304   4.908   1.00 32.37 ? 63  VAL B O   1 
ATOM   1200 C  CB  . VAL B 1 63 ? -2.854  7.874   2.678   1.00 32.27 ? 63  VAL B CB  1 
ATOM   1201 C  CG1 . VAL B 1 63 ? -1.373  7.819   2.942   1.00 32.24 ? 63  VAL B CG1 1 
ATOM   1202 C  CG2 . VAL B 1 63 ? -3.095  8.624   1.394   1.00 32.51 ? 63  VAL B CG2 1 
ATOM   1203 N  N   . VAL B 1 64 ? -2.617  4.883   4.251   1.00 32.87 ? 64  VAL B N   1 
ATOM   1204 C  CA  . VAL B 1 64 ? -2.519  4.189   5.524   1.00 33.16 ? 64  VAL B CA  1 
ATOM   1205 C  C   . VAL B 1 64 ? -1.061  4.015   5.889   1.00 33.71 ? 64  VAL B C   1 
ATOM   1206 O  O   . VAL B 1 64 ? -0.291  3.469   5.098   1.00 33.45 ? 64  VAL B O   1 
ATOM   1207 C  CB  . VAL B 1 64 ? -3.133  2.778   5.429   1.00 33.19 ? 64  VAL B CB  1 
ATOM   1208 C  CG1 . VAL B 1 64 ? -3.044  2.070   6.770   1.00 33.20 ? 64  VAL B CG1 1 
ATOM   1209 C  CG2 . VAL B 1 64 ? -4.568  2.842   4.927   1.00 31.72 ? 64  VAL B CG2 1 
ATOM   1210 N  N   . ASP B 1 65 ? -0.675  4.464   7.073   1.00 34.69 ? 65  ASP B N   1 
ATOM   1211 C  CA  . ASP B 1 65 ? 0.632   4.110   7.610   1.00 36.22 ? 65  ASP B CA  1 
ATOM   1212 C  C   . ASP B 1 65 ? 0.850   2.604   7.485   1.00 36.44 ? 65  ASP B C   1 
ATOM   1213 O  O   . ASP B 1 65 ? -0.061  1.798   7.771   1.00 35.32 ? 65  ASP B O   1 
ATOM   1214 C  CB  . ASP B 1 65 ? 0.750   4.535   9.064   1.00 36.79 ? 65  ASP B CB  1 
ATOM   1215 C  CG  . ASP B 1 65 ? 2.185   4.592   9.520   1.00 40.09 ? 65  ASP B CG  1 
ATOM   1216 O  OD1 . ASP B 1 65 ? 2.730   3.514   9.839   1.00 45.05 ? 65  ASP B OD1 1 
ATOM   1217 O  OD2 . ASP B 1 65 ? 2.868   5.648   9.544   1.00 43.12 ? 65  ASP B OD2 1 
ATOM   1218 N  N   . GLY B 1 66 ? 2.033   2.219   7.004   1.00 37.29 ? 66  GLY B N   1 
ATOM   1219 C  CA  . GLY B 1 66 ? 2.298   0.818   6.708   1.00 37.99 ? 66  GLY B CA  1 
ATOM   1220 C  C   . GLY B 1 66 ? 2.140   -0.088  7.922   1.00 39.04 ? 66  GLY B C   1 
ATOM   1221 O  O   . GLY B 1 66 ? 1.645   -1.210  7.810   1.00 38.50 ? 66  GLY B O   1 
ATOM   1222 N  N   . LYS B 1 67 ? 2.545   0.427   9.080   1.00 40.34 ? 67  LYS B N   1 
ATOM   1223 C  CA  . LYS B 1 67 ? 2.364   -0.247  10.357  1.00 42.87 ? 67  LYS B CA  1 
ATOM   1224 C  C   . LYS B 1 67 ? 0.907   -0.506  10.776  1.00 43.58 ? 67  LYS B C   1 
ATOM   1225 O  O   . LYS B 1 67 ? 0.657   -1.465  11.527  1.00 44.62 ? 67  LYS B O   1 
ATOM   1226 C  CB  . LYS B 1 67 ? 3.107   0.513   11.466  1.00 43.35 ? 67  LYS B CB  1 
ATOM   1227 C  CG  . LYS B 1 67 ? 4.592   0.148   11.533  1.00 45.62 ? 67  LYS B CG  1 
ATOM   1228 C  CD  . LYS B 1 67 ? 5.392   1.064   12.425  1.00 50.31 ? 67  LYS B CD  1 
ATOM   1229 C  CE  . LYS B 1 67 ? 6.881   0.704   12.326  1.00 54.17 ? 67  LYS B CE  1 
ATOM   1230 N  NZ  . LYS B 1 67 ? 7.715   1.356   13.399  1.00 57.35 ? 67  LYS B NZ  1 
ATOM   1231 N  N   . SER B 1 68 ? -0.035  0.312   10.294  1.00 43.18 ? 68  SER B N   1 
ATOM   1232 C  CA  . SER B 1 68 ? -1.457  0.207   10.681  1.00 43.67 ? 68  SER B CA  1 
ATOM   1233 C  C   . SER B 1 68 ? -2.240  -0.719  9.768   1.00 43.64 ? 68  SER B C   1 
ATOM   1234 O  O   . SER B 1 68 ? -3.389  -1.045  10.024  1.00 43.72 ? 68  SER B O   1 
ATOM   1235 C  CB  . SER B 1 68 ? -2.143  1.598   10.727  1.00 44.07 ? 68  SER B CB  1 
ATOM   1236 O  OG  . SER B 1 68 ? -1.583  2.471   11.715  1.00 42.98 ? 68  SER B OG  1 
ATOM   1237 N  N   . LEU B 1 69 ? -1.599  -1.150  8.702   1.00 44.15 ? 69  LEU B N   1 
ATOM   1238 C  CA  . LEU B 1 69 ? -2.258  -1.919  7.672   1.00 45.29 ? 69  LEU B CA  1 
ATOM   1239 C  C   . LEU B 1 69 ? -2.792  -3.255  8.131   1.00 46.10 ? 69  LEU B C   1 
ATOM   1240 O  O   . LEU B 1 69 ? -3.746  -3.786  7.542   1.00 46.52 ? 69  LEU B O   1 
ATOM   1241 C  CB  . LEU B 1 69 ? -1.292  -2.156  6.531   1.00 45.07 ? 69  LEU B CB  1 
ATOM   1242 C  CG  . LEU B 1 69 ? -1.969  -2.768  5.320   1.00 44.98 ? 69  LEU B CG  1 
ATOM   1243 C  CD1 . LEU B 1 69 ? -3.243  -2.003  4.915   1.00 45.75 ? 69  LEU B CD1 1 
ATOM   1244 C  CD2 . LEU B 1 69 ? -0.983  -2.772  4.228   1.00 44.48 ? 69  LEU B CD2 1 
ATOM   1245 N  N   . GLN B 1 70 ? -2.142  -3.809  9.149   1.00 46.98 ? 70  GLN B N   1 
ATOM   1246 C  CA  . GLN B 1 70 ? -2.580  -5.046  9.781   1.00 47.97 ? 70  GLN B CA  1 
ATOM   1247 C  C   . GLN B 1 70 ? -3.990  -4.918  10.393  1.00 47.39 ? 70  GLN B C   1 
ATOM   1248 O  O   . GLN B 1 70 ? -4.840  -5.746  10.116  1.00 47.41 ? 70  GLN B O   1 
ATOM   1249 C  CB  . GLN B 1 70 ? -1.548  -5.511  10.832  1.00 48.50 ? 70  GLN B CB  1 
ATOM   1250 C  CG  . GLN B 1 70 ? -1.234  -4.495  11.968  1.00 50.89 ? 70  GLN B CG  1 
ATOM   1251 C  CD  . GLN B 1 70 ? -0.749  -5.173  13.282  1.00 52.71 ? 70  GLN B CD  1 
ATOM   1252 O  OE1 . GLN B 1 70 ? 0.411   -5.003  13.676  1.00 51.60 ? 70  GLN B OE1 1 
ATOM   1253 N  NE2 . GLN B 1 70 ? -1.638  -5.945  13.940  1.00 53.84 ? 70  GLN B NE2 1 
ATOM   1254 N  N   . PHE B 1 71 ? -4.220  -3.877  11.201  1.00 47.16 ? 71  PHE B N   1 
ATOM   1255 C  CA  . PHE B 1 71 ? -5.531  -3.634  11.806  1.00 47.82 ? 71  PHE B CA  1 
ATOM   1256 C  C   . PHE B 1 71 ? -6.633  -3.139  10.854  1.00 47.56 ? 71  PHE B C   1 
ATOM   1257 O  O   . PHE B 1 71 ? -7.792  -3.072  11.268  1.00 48.88 ? 71  PHE B O   1 
ATOM   1258 C  CB  . PHE B 1 71 ? -5.466  -2.646  12.981  1.00 47.67 ? 71  PHE B CB  1 
ATOM   1259 C  CG  . PHE B 1 71 ? -4.165  -2.664  13.745  1.00 49.81 ? 71  PHE B CG  1 
ATOM   1260 C  CD1 . PHE B 1 71 ? -3.142  -1.767  13.433  1.00 49.61 ? 71  PHE B CD1 1 
ATOM   1261 C  CD2 . PHE B 1 71 ? -3.970  -3.563  14.808  1.00 50.15 ? 71  PHE B CD2 1 
ATOM   1262 C  CE1 . PHE B 1 71 ? -1.925  -1.784  14.147  1.00 50.98 ? 71  PHE B CE1 1 
ATOM   1263 C  CE2 . PHE B 1 71 ? -2.753  -3.579  15.536  1.00 49.41 ? 71  PHE B CE2 1 
ATOM   1264 C  CZ  . PHE B 1 71 ? -1.733  -2.709  15.200  1.00 50.06 ? 71  PHE B CZ  1 
ATOM   1265 N  N   . LEU B 1 72 ? -6.304  -2.753  9.623   1.00 46.27 ? 72  LEU B N   1 
ATOM   1266 C  CA  . LEU B 1 72 ? -7.305  -2.053  8.807   1.00 45.23 ? 72  LEU B CA  1 
ATOM   1267 C  C   . LEU B 1 72 ? -7.774  -2.862  7.626   1.00 45.50 ? 72  LEU B C   1 
ATOM   1268 O  O   . LEU B 1 72 ? -8.899  -2.669  7.167   1.00 45.72 ? 72  LEU B O   1 
ATOM   1269 C  CB  . LEU B 1 72 ? -6.834  -0.652  8.375   1.00 44.54 ? 72  LEU B CB  1 
ATOM   1270 C  CG  . LEU B 1 72 ? -6.818  0.417   9.476   1.00 41.79 ? 72  LEU B CG  1 
ATOM   1271 C  CD1 . LEU B 1 72 ? -5.882  1.535   9.137   1.00 39.73 ? 72  LEU B CD1 1 
ATOM   1272 C  CD2 . LEU B 1 72 ? -8.215  0.981   9.771   1.00 39.82 ? 72  LEU B CD2 1 
ATOM   1273 N  N   . ASP B 1 73 ? -6.931  -3.787  7.153   1.00 45.43 ? 73  ASP B N   1 
ATOM   1274 C  CA  . ASP B 1 73 ? -7.281  -4.630  6.034   1.00 45.23 ? 73  ASP B CA  1 
ATOM   1275 C  C   . ASP B 1 73 ? -8.585  -5.411  6.178   1.00 44.56 ? 73  ASP B C   1 
ATOM   1276 O  O   . ASP B 1 73 ? -8.843  -6.022  7.211   1.00 44.90 ? 73  ASP B O   1 
ATOM   1277 C  CB  . ASP B 1 73 ? -6.134  -5.557  5.666   1.00 46.43 ? 73  ASP B CB  1 
ATOM   1278 C  CG  . ASP B 1 73 ? -5.983  -5.695  4.154   1.00 48.93 ? 73  ASP B CG  1 
ATOM   1279 O  OD1 . ASP B 1 73 ? -4.837  -5.638  3.657   1.00 51.59 ? 73  ASP B OD1 1 
ATOM   1280 O  OD2 . ASP B 1 73 ? -6.969  -5.806  3.384   1.00 51.45 ? 73  ASP B OD2 1 
ATOM   1281 N  N   . GLY B 1 74 ? -9.391  -5.379  5.115   1.00 43.76 ? 74  GLY B N   1 
ATOM   1282 C  CA  . GLY B 1 74 ? -10.723 -5.960  5.086   1.00 42.47 ? 74  GLY B CA  1 
ATOM   1283 C  C   . GLY B 1 74 ? -11.825 -4.970  5.441   1.00 42.04 ? 74  GLY B C   1 
ATOM   1284 O  O   . GLY B 1 74 ? -13.017 -5.321  5.438   1.00 41.52 ? 74  GLY B O   1 
ATOM   1285 N  N   . THR B 1 75 ? -11.433 -3.747  5.793   1.00 41.60 ? 75  THR B N   1 
ATOM   1286 C  CA  . THR B 1 75 ? -12.393 -2.708  6.159   1.00 41.52 ? 75  THR B CA  1 
ATOM   1287 C  C   . THR B 1 75 ? -13.149 -2.194  4.937   1.00 40.96 ? 75  THR B C   1 
ATOM   1288 O  O   . THR B 1 75 ? -12.560 -1.919  3.905   1.00 40.86 ? 75  THR B O   1 
ATOM   1289 C  CB  . THR B 1 75 ? -11.680 -1.555  6.869   1.00 41.63 ? 75  THR B CB  1 
ATOM   1290 O  OG1 . THR B 1 75 ? -11.421 -1.939  8.221   1.00 44.60 ? 75  THR B OG1 1 
ATOM   1291 C  CG2 . THR B 1 75 ? -12.582 -0.364  7.059   1.00 40.68 ? 75  THR B CG2 1 
ATOM   1292 N  N   . GLN B 1 76 ? -14.463 -2.120  5.078   1.00 40.66 ? 76  GLN B N   1 
ATOM   1293 C  CA  . GLN B 1 76 ? -15.322 -1.333  4.229   1.00 40.56 ? 76  GLN B CA  1 
ATOM   1294 C  C   . GLN B 1 76 ? -15.685 -0.090  5.007   1.00 39.06 ? 76  GLN B C   1 
ATOM   1295 O  O   . GLN B 1 76 ? -16.317 -0.167  6.067   1.00 38.22 ? 76  GLN B O   1 
ATOM   1296 C  CB  . GLN B 1 76 ? -16.607 -2.084  3.889   1.00 41.45 ? 76  GLN B CB  1 
ATOM   1297 C  CG  . GLN B 1 76 ? -16.880 -2.137  2.382   1.00 46.99 ? 76  GLN B CG  1 
ATOM   1298 C  CD  . GLN B 1 76 ? -18.117 -1.350  1.897   1.00 51.62 ? 76  GLN B CD  1 
ATOM   1299 O  OE1 . GLN B 1 76 ? -18.996 -0.946  2.681   1.00 53.59 ? 76  GLN B OE1 1 
ATOM   1300 N  NE2 . GLN B 1 76 ? -18.197 -1.180  0.584   1.00 53.06 ? 76  GLN B NE2 1 
ATOM   1301 N  N   . LEU B 1 77 ? -15.242 1.054   4.490   1.00 37.58 ? 77  LEU B N   1 
ATOM   1302 C  CA  . LEU B 1 77 ? -15.725 2.335   4.953   1.00 35.66 ? 77  LEU B CA  1 
ATOM   1303 C  C   . LEU B 1 77 ? -17.079 2.629   4.286   1.00 34.89 ? 77  LEU B C   1 
ATOM   1304 O  O   . LEU B 1 77 ? -17.186 2.642   3.070   1.00 35.03 ? 77  LEU B O   1 
ATOM   1305 C  CB  . LEU B 1 77 ? -14.688 3.411   4.660   1.00 35.24 ? 77  LEU B CB  1 
ATOM   1306 C  CG  . LEU B 1 77 ? -14.984 4.808   5.208   1.00 34.86 ? 77  LEU B CG  1 
ATOM   1307 C  CD1 . LEU B 1 77 ? -15.227 4.769   6.736   1.00 35.70 ? 77  LEU B CD1 1 
ATOM   1308 C  CD2 . LEU B 1 77 ? -13.868 5.745   4.862   1.00 29.94 ? 77  LEU B CD2 1 
ATOM   1309 N  N   . ASP B 1 78 ? -18.120 2.793   5.096   1.00 34.17 ? 78  ASP B N   1 
ATOM   1310 C  CA  . ASP B 1 78 ? -19.458 3.182   4.624   1.00 33.14 ? 78  ASP B CA  1 
ATOM   1311 C  C   . ASP B 1 78 ? -19.786 4.524   5.222   1.00 32.70 ? 78  ASP B C   1 
ATOM   1312 O  O   . ASP B 1 78 ? -19.054 5.029   6.063   1.00 31.53 ? 78  ASP B O   1 
ATOM   1313 C  CB  . ASP B 1 78 ? -20.529 2.157   5.004   1.00 32.32 ? 78  ASP B CB  1 
ATOM   1314 C  CG  . ASP B 1 78 ? -21.799 2.229   4.112   1.00 33.40 ? 78  ASP B CG  1 
ATOM   1315 O  OD1 . ASP B 1 78 ? -21.991 3.131   3.253   1.00 33.02 ? 78  ASP B OD1 1 
ATOM   1316 O  OD2 . ASP B 1 78 ? -22.708 1.393   4.222   1.00 34.54 ? 78  ASP B OD2 1 
ATOM   1317 N  N   . PHE B 1 79 ? -20.866 5.128   4.746   1.00 33.53 ? 79  PHE B N   1 
ATOM   1318 C  CA  . PHE B 1 79 ? -21.333 6.400   5.269   1.00 33.70 ? 79  PHE B CA  1 
ATOM   1319 C  C   . PHE B 1 79 ? -22.831 6.270   5.334   1.00 35.05 ? 79  PHE B C   1 
ATOM   1320 O  O   . PHE B 1 79 ? -23.477 6.032   4.314   1.00 35.06 ? 79  PHE B O   1 
ATOM   1321 C  CB  . PHE B 1 79 ? -20.903 7.560   4.375   1.00 32.85 ? 79  PHE B CB  1 
ATOM   1322 C  CG  . PHE B 1 79 ? -21.350 8.899   4.883   1.00 31.22 ? 79  PHE B CG  1 
ATOM   1323 C  CD1 . PHE B 1 79 ? -20.653 9.532   5.903   1.00 28.47 ? 79  PHE B CD1 1 
ATOM   1324 C  CD2 . PHE B 1 79 ? -22.487 9.518   4.352   1.00 30.46 ? 79  PHE B CD2 1 
ATOM   1325 C  CE1 . PHE B 1 79 ? -21.066 10.774  6.407   1.00 28.63 ? 79  PHE B CE1 1 
ATOM   1326 C  CE2 . PHE B 1 79 ? -22.914 10.760  4.835   1.00 31.27 ? 79  PHE B CE2 1 
ATOM   1327 C  CZ  . PHE B 1 79 ? -22.189 11.394  5.886   1.00 29.84 ? 79  PHE B CZ  1 
ATOM   1328 N  N   . VAL B 1 80 ? -23.373 6.356   6.546   1.00 36.24 ? 80  VAL B N   1 
ATOM   1329 C  CA  . VAL B 1 80 ? -24.755 5.959   6.782   1.00 38.03 ? 80  VAL B CA  1 
ATOM   1330 C  C   . VAL B 1 80 ? -25.507 7.044   7.527   1.00 39.77 ? 80  VAL B C   1 
ATOM   1331 O  O   . VAL B 1 80 ? -24.912 7.887   8.199   1.00 39.18 ? 80  VAL B O   1 
ATOM   1332 C  CB  . VAL B 1 80 ? -24.884 4.591   7.562   1.00 38.29 ? 80  VAL B CB  1 
ATOM   1333 C  CG1 . VAL B 1 80 ? -24.166 3.427   6.837   1.00 37.38 ? 80  VAL B CG1 1 
ATOM   1334 C  CG2 . VAL B 1 80 ? -24.359 4.730   8.981   1.00 38.83 ? 80  VAL B CG2 1 
ATOM   1335 N  N   . LYS B 1 81 ? -26.832 7.018   7.378   1.00 42.62 ? 81  LYS B N   1 
ATOM   1336 C  CA  . LYS B 1 81 ? -27.728 7.899   8.121   1.00 44.90 ? 81  LYS B CA  1 
ATOM   1337 C  C   . LYS B 1 81 ? -28.623 7.030   8.994   1.00 45.33 ? 81  LYS B C   1 
ATOM   1338 O  O   . LYS B 1 81 ? -29.351 6.195   8.478   1.00 45.15 ? 81  LYS B O   1 
ATOM   1339 C  CB  . LYS B 1 81 ? -28.557 8.775   7.174   1.00 45.20 ? 81  LYS B CB  1 
ATOM   1340 C  CG  . LYS B 1 81 ? -29.459 9.797   7.921   1.00 49.94 ? 81  LYS B CG  1 
ATOM   1341 C  CD  . LYS B 1 81 ? -30.149 10.823  6.965   1.00 53.91 ? 81  LYS B CD  1 
ATOM   1342 C  CE  . LYS B 1 81 ? -29.408 12.165  6.952   1.00 56.25 ? 81  LYS B CE  1 
ATOM   1343 N  NZ  . LYS B 1 81 ? -29.874 13.133  5.871   1.00 59.99 ? 81  LYS B NZ  1 
ATOM   1344 N  N   . GLU B 1 82 ? -28.504 7.210   10.312  1.00 46.40 ? 82  GLU B N   1 
ATOM   1345 C  CA  . GLU B 1 82 ? -29.317 6.519   11.324  1.00 47.44 ? 82  GLU B CA  1 
ATOM   1346 C  C   . GLU B 1 82 ? -29.907 7.539   12.289  1.00 46.95 ? 82  GLU B C   1 
ATOM   1347 O  O   . GLU B 1 82 ? -29.199 8.095   13.145  1.00 47.35 ? 82  GLU B O   1 
ATOM   1348 C  CB  . GLU B 1 82 ? -28.518 5.481   12.129  1.00 47.94 ? 82  GLU B CB  1 
ATOM   1349 C  CG  . GLU B 1 82 ? -27.123 5.152   11.621  1.00 52.14 ? 82  GLU B CG  1 
ATOM   1350 C  CD  . GLU B 1 82 ? -26.308 4.331   12.627  1.00 58.10 ? 82  GLU B CD  1 
ATOM   1351 O  OE1 . GLU B 1 82 ? -26.195 4.757   13.822  1.00 59.02 ? 82  GLU B OE1 1 
ATOM   1352 O  OE2 . GLU B 1 82 ? -25.778 3.259   12.213  1.00 59.08 ? 82  GLU B OE2 1 
ATOM   1353 N  N   . GLY B 1 83 ? -31.198 7.795   12.105  1.00 46.24 ? 83  GLY B N   1 
ATOM   1354 C  CA  . GLY B 1 83 ? -31.943 8.725   12.918  1.00 45.04 ? 83  GLY B CA  1 
ATOM   1355 C  C   . GLY B 1 83 ? -31.486 10.131  12.631  1.00 44.25 ? 83  GLY B C   1 
ATOM   1356 O  O   . GLY B 1 83 ? -31.628 10.631  11.513  1.00 43.99 ? 83  GLY B O   1 
ATOM   1357 N  N   . LEU B 1 84 ? -30.925 10.748  13.663  1.00 43.46 ? 84  LEU B N   1 
ATOM   1358 C  CA  . LEU B 1 84 ? -30.465 12.117  13.617  1.00 42.68 ? 84  LEU B CA  1 
ATOM   1359 C  C   . LEU B 1 84 ? -28.998 12.089  13.321  1.00 42.29 ? 84  LEU B C   1 
ATOM   1360 O  O   . LEU B 1 84 ? -28.396 13.136  13.146  1.00 42.20 ? 84  LEU B O   1 
ATOM   1361 C  CB  . LEU B 1 84 ? -30.665 12.809  14.968  1.00 42.39 ? 84  LEU B CB  1 
ATOM   1362 C  CG  . LEU B 1 84 ? -32.010 13.442  15.349  1.00 42.70 ? 84  LEU B CG  1 
ATOM   1363 C  CD1 . LEU B 1 84 ? -32.441 14.516  14.368  1.00 39.15 ? 84  LEU B CD1 1 
ATOM   1364 C  CD2 . LEU B 1 84 ? -33.074 12.360  15.509  1.00 43.63 ? 84  LEU B CD2 1 
ATOM   1365 N  N   . ASN B 1 85 ? -28.409 10.891  13.300  1.00 41.91 ? 85  ASN B N   1 
ATOM   1366 C  CA  . ASN B 1 85 ? -26.964 10.787  13.077  1.00 41.38 ? 85  ASN B CA  1 
ATOM   1367 C  C   . ASN B 1 85 ? -26.600 10.321  11.684  1.00 39.91 ? 85  ASN B C   1 
ATOM   1368 O  O   . ASN B 1 85 ? -27.218 9.424   11.101  1.00 39.66 ? 85  ASN B O   1 
ATOM   1369 C  CB  . ASN B 1 85 ? -26.266 9.938   14.142  1.00 41.47 ? 85  ASN B CB  1 
ATOM   1370 C  CG  . ASN B 1 85 ? -26.357 10.562  15.549  1.00 45.69 ? 85  ASN B CG  1 
ATOM   1371 O  OD1 . ASN B 1 85 ? -25.492 11.370  15.955  1.00 47.04 ? 85  ASN B OD1 1 
ATOM   1372 N  ND2 . ASN B 1 85 ? -27.408 10.187  16.302  1.00 46.98 ? 85  ASN B ND2 1 
ATOM   1373 N  N   . GLU B 1 86 ? -25.556 10.930  11.174  1.00 38.41 ? 86  GLU B N   1 
ATOM   1374 C  CA  . GLU B 1 86 ? -25.098 10.636  9.847   1.00 38.34 ? 86  GLU B CA  1 
ATOM   1375 C  C   . GLU B 1 86 ? -23.590 10.620  9.912   1.00 36.86 ? 86  GLU B C   1 
ATOM   1376 O  O   . GLU B 1 86 ? -22.988 11.557  10.417  1.00 37.04 ? 86  GLU B O   1 
ATOM   1377 C  CB  . GLU B 1 86 ? -25.616 11.725  8.906   1.00 38.62 ? 86  GLU B CB  1 
ATOM   1378 C  CG  . GLU B 1 86 ? -25.081 11.642  7.507   1.00 41.36 ? 86  GLU B CG  1 
ATOM   1379 C  CD  . GLU B 1 86 ? -25.496 12.837  6.674   1.00 46.77 ? 86  GLU B CD  1 
ATOM   1380 O  OE1 . GLU B 1 86 ? -24.916 13.945  6.871   1.00 48.75 ? 86  GLU B OE1 1 
ATOM   1381 O  OE2 . GLU B 1 86 ? -26.410 12.659  5.841   1.00 46.74 ? 86  GLU B OE2 1 
ATOM   1382 N  N   . GLY B 1 87 ? -22.974 9.555   9.427   1.00 35.43 ? 87  GLY B N   1 
ATOM   1383 C  CA  . GLY B 1 87 ? -21.548 9.457   9.582   1.00 34.10 ? 87  GLY B CA  1 
ATOM   1384 C  C   . GLY B 1 87 ? -20.921 8.202   9.050   1.00 33.73 ? 87  GLY B C   1 
ATOM   1385 O  O   . GLY B 1 87 ? -21.613 7.312   8.598   1.00 32.73 ? 87  GLY B O   1 
ATOM   1386 N  N   . PHE B 1 88 ? -19.594 8.154   9.115   1.00 33.79 ? 88  PHE B N   1 
ATOM   1387 C  CA  . PHE B 1 88 ? -18.847 7.046   8.575   1.00 35.26 ? 88  PHE B CA  1 
ATOM   1388 C  C   . PHE B 1 88 ? -18.984 5.836   9.465   1.00 36.46 ? 88  PHE B C   1 
ATOM   1389 O  O   . PHE B 1 88 ? -19.129 5.965   10.668  1.00 37.25 ? 88  PHE B O   1 
ATOM   1390 C  CB  . PHE B 1 88 ? -17.386 7.431   8.369   1.00 34.83 ? 88  PHE B CB  1 
ATOM   1391 C  CG  . PHE B 1 88 ? -17.176 8.499   7.305   1.00 34.68 ? 88  PHE B CG  1 
ATOM   1392 C  CD1 . PHE B 1 88 ? -17.044 9.831   7.663   1.00 30.71 ? 88  PHE B CD1 1 
ATOM   1393 C  CD2 . PHE B 1 88 ? -17.105 8.151   5.935   1.00 34.53 ? 88  PHE B CD2 1 
ATOM   1394 C  CE1 . PHE B 1 88 ? -16.826 10.826  6.669   1.00 31.92 ? 88  PHE B CE1 1 
ATOM   1395 C  CE2 . PHE B 1 88 ? -16.892 9.112   4.957   1.00 33.55 ? 88  PHE B CE2 1 
ATOM   1396 C  CZ  . PHE B 1 88 ? -16.756 10.466  5.318   1.00 31.73 ? 88  PHE B CZ  1 
ATOM   1397 N  N   . LYS B 1 89 ? -18.985 4.666   8.857   1.00 37.86 ? 89  LYS B N   1 
ATOM   1398 C  CA  . LYS B 1 89 ? -19.068 3.420   9.575   1.00 40.15 ? 89  LYS B CA  1 
ATOM   1399 C  C   . LYS B 1 89 ? -18.073 2.450   8.978   1.00 41.17 ? 89  LYS B C   1 
ATOM   1400 O  O   . LYS B 1 89 ? -18.048 2.226   7.770   1.00 41.10 ? 89  LYS B O   1 
ATOM   1401 C  CB  . LYS B 1 89 ? -20.470 2.845   9.499   1.00 40.54 ? 89  LYS B CB  1 
ATOM   1402 C  CG  . LYS B 1 89 ? -20.647 1.570   10.300  1.00 43.64 ? 89  LYS B CG  1 
ATOM   1403 C  CD  . LYS B 1 89 ? -22.116 1.220   10.492  1.00 47.19 ? 89  LYS B CD  1 
ATOM   1404 C  CE  . LYS B 1 89 ? -22.326 -0.276  10.483  1.00 48.33 ? 89  LYS B CE  1 
ATOM   1405 N  NZ  . LYS B 1 89 ? -23.783 -0.607  10.435  1.00 51.25 ? 89  LYS B NZ  1 
ATOM   1406 N  N   . PHE B 1 90 ? -17.233 1.895   9.846   1.00 42.82 ? 90  PHE B N   1 
ATOM   1407 C  CA  . PHE B 1 90 ? -16.232 0.928   9.453   1.00 43.62 ? 90  PHE B CA  1 
ATOM   1408 C  C   . PHE B 1 90 ? -16.778 -0.427  9.743   1.00 45.19 ? 90  PHE B C   1 
ATOM   1409 O  O   . PHE B 1 90 ? -17.255 -0.708  10.828  1.00 46.33 ? 90  PHE B O   1 
ATOM   1410 C  CB  . PHE B 1 90 ? -14.946 1.125   10.227  1.00 42.71 ? 90  PHE B CB  1 
ATOM   1411 C  CG  . PHE B 1 90 ? -14.338 2.463   10.059  1.00 40.61 ? 90  PHE B CG  1 
ATOM   1412 C  CD1 . PHE B 1 90 ? -14.997 3.598   10.476  1.00 40.09 ? 90  PHE B CD1 1 
ATOM   1413 C  CD2 . PHE B 1 90 ? -13.087 2.594   9.485   1.00 41.41 ? 90  PHE B CD2 1 
ATOM   1414 C  CE1 . PHE B 1 90 ? -14.410 4.862   10.332  1.00 39.34 ? 90  PHE B CE1 1 
ATOM   1415 C  CE2 . PHE B 1 90 ? -12.497 3.852   9.328   1.00 40.62 ? 90  PHE B CE2 1 
ATOM   1416 C  CZ  . PHE B 1 90 ? -13.165 4.982   9.761   1.00 38.54 ? 90  PHE B CZ  1 
ATOM   1417 N  N   . THR B 1 91 ? -16.724 -1.263  8.738   1.00 47.43 ? 91  THR B N   1 
ATOM   1418 C  CA  . THR B 1 91 ? -17.220 -2.608  8.818   1.00 49.40 ? 91  THR B CA  1 
ATOM   1419 C  C   . THR B 1 91 ? -16.032 -3.490  8.478   1.00 50.55 ? 91  THR B C   1 
ATOM   1420 O  O   . THR B 1 91 ? -15.064 -3.037  7.867   1.00 50.41 ? 91  THR B O   1 
ATOM   1421 C  CB  . THR B 1 91 ? -18.405 -2.763  7.819   1.00 49.63 ? 91  THR B CB  1 
ATOM   1422 O  OG1 . THR B 1 91 ? -19.599 -3.018  8.561   1.00 51.45 ? 91  THR B OG1 1 
ATOM   1423 C  CG2 . THR B 1 91 ? -18.277 -3.993  6.885   1.00 49.72 ? 91  THR B CG2 1 
ATOM   1424 N  N   . ASN B 1 92 ? -16.090 -4.731  8.930   1.00 51.96 ? 92  ASN B N   1 
ATOM   1425 C  CA  . ASN B 1 92 ? -15.139 -5.737  8.544   1.00 53.75 ? 92  ASN B CA  1 
ATOM   1426 C  C   . ASN B 1 92 ? -15.906 -7.032  8.660   1.00 55.83 ? 92  ASN B C   1 
ATOM   1427 O  O   . ASN B 1 92 ? -16.569 -7.257  9.684   1.00 56.08 ? 92  ASN B O   1 
ATOM   1428 C  CB  . ASN B 1 92 ? -13.911 -5.724  9.462   1.00 52.92 ? 92  ASN B CB  1 
ATOM   1429 C  CG  . ASN B 1 92 ? -12.717 -6.417  8.842   1.00 51.84 ? 92  ASN B CG  1 
ATOM   1430 O  OD1 . ASN B 1 92 ? -12.801 -7.570  8.420   1.00 50.35 ? 92  ASN B OD1 1 
ATOM   1431 N  ND2 . ASN B 1 92 ? -11.593 -5.711  8.782   1.00 50.55 ? 92  ASN B ND2 1 
ATOM   1432 N  N   . PRO B 1 93 ? -15.875 -7.858  7.612   1.00 57.99 ? 93  PRO B N   1 
ATOM   1433 C  CA  . PRO B 1 93 ? -16.550 -9.164  7.655   1.00 59.73 ? 93  PRO B CA  1 
ATOM   1434 C  C   . PRO B 1 93 ? -16.098 -9.956  8.887   1.00 61.43 ? 93  PRO B C   1 
ATOM   1435 O  O   . PRO B 1 93 ? -16.934 -10.426 9.675   1.00 61.98 ? 93  PRO B O   1 
ATOM   1436 C  CB  . PRO B 1 93 ? -16.056 -9.863  6.381   1.00 59.81 ? 93  PRO B CB  1 
ATOM   1437 C  CG  . PRO B 1 93 ? -15.630 -8.763  5.464   1.00 59.18 ? 93  PRO B CG  1 
ATOM   1438 C  CD  . PRO B 1 93 ? -15.197 -7.621  6.324   1.00 58.10 ? 93  PRO B CD  1 
ATOM   1439 N  N   . ASN B 1 94 ? -14.784 -10.044 9.079   1.00 62.84 ? 94  ASN B N   1 
ATOM   1440 C  CA  . ASN B 1 94 ? -14.216 -10.911 10.107  1.00 64.33 ? 94  ASN B CA  1 
ATOM   1441 C  C   . ASN B 1 94 ? -14.270 -10.366 11.539  1.00 65.34 ? 94  ASN B C   1 
ATOM   1442 O  O   . ASN B 1 94 ? -13.530 -10.819 12.404  1.00 65.32 ? 94  ASN B O   1 
ATOM   1443 C  CB  . ASN B 1 94 ? -12.810 -11.350 9.692   1.00 64.22 ? 94  ASN B CB  1 
ATOM   1444 C  CG  . ASN B 1 94 ? -12.814 -12.173 8.391   1.00 65.26 ? 94  ASN B CG  1 
ATOM   1445 O  OD1 . ASN B 1 94 ? -11.767 -12.402 7.780   1.00 66.47 ? 94  ASN B OD1 1 
ATOM   1446 N  ND2 . ASN B 1 94 ? -14.001 -12.621 7.966   1.00 66.63 ? 94  ASN B ND2 1 
ATOM   1447 N  N   . VAL B 1 95 ? -15.177 -9.416  11.780  1.00 67.00 ? 95  VAL B N   1 
ATOM   1448 C  CA  . VAL B 1 95 ? -15.395 -8.815  13.105  1.00 68.73 ? 95  VAL B CA  1 
ATOM   1449 C  C   . VAL B 1 95 ? -16.916 -8.765  13.423  1.00 70.48 ? 95  VAL B C   1 
ATOM   1450 O  O   . VAL B 1 95 ? -17.735 -8.466  12.540  1.00 70.96 ? 95  VAL B O   1 
ATOM   1451 C  CB  . VAL B 1 95 ? -14.735 -7.414  13.200  1.00 68.21 ? 95  VAL B CB  1 
ATOM   1452 C  CG1 . VAL B 1 95 ? -15.177 -6.677  14.443  1.00 68.71 ? 95  VAL B CG1 1 
ATOM   1453 C  CG2 . VAL B 1 95 ? -13.238 -7.535  13.212  1.00 67.55 ? 95  VAL B CG2 1 
ATOM   1454 N  N   . LYS B 1 96 ? -17.293 -9.070  14.666  1.00 72.26 ? 96  LYS B N   1 
ATOM   1455 C  CA  . LYS B 1 96 ? -18.716 -9.152  15.023  1.00 74.04 ? 96  LYS B CA  1 
ATOM   1456 C  C   . LYS B 1 96 ? -19.183 -8.099  16.025  1.00 74.73 ? 96  LYS B C   1 
ATOM   1457 O  O   . LYS B 1 96 ? -18.369 -7.451  16.701  1.00 74.65 ? 96  LYS B O   1 
ATOM   1458 C  CB  . LYS B 1 96 ? -19.096 -10.563 15.521  1.00 74.46 ? 96  LYS B CB  1 
ATOM   1459 C  CG  . LYS B 1 96 ? -18.276 -11.105 16.720  1.00 76.21 ? 96  LYS B CG  1 
ATOM   1460 C  CD  . LYS B 1 96 ? -18.010 -12.621 16.566  1.00 78.31 ? 96  LYS B CD  1 
ATOM   1461 C  CE  . LYS B 1 96 ? -16.953 -13.129 17.545  1.00 78.53 ? 96  LYS B CE  1 
ATOM   1462 N  NZ  . LYS B 1 96 ? -17.568 -13.569 18.833  1.00 78.42 ? 96  LYS B NZ  1 
ATOM   1463 N  N   . ASP B 1 97 ? -20.508 -7.954  16.101  1.00 75.62 ? 97  ASP B N   1 
ATOM   1464 C  CA  . ASP B 1 97 ? -21.176 -7.088  17.075  1.00 76.54 ? 97  ASP B CA  1 
ATOM   1465 C  C   . ASP B 1 97 ? -21.581 -7.861  18.334  1.00 76.74 ? 97  ASP B C   1 
ATOM   1466 O  O   . ASP B 1 97 ? -20.964 -7.709  19.394  1.00 77.13 ? 97  ASP B O   1 
ATOM   1467 C  CB  . ASP B 1 97 ? -22.408 -6.422  16.442  1.00 76.69 ? 97  ASP B CB  1 
ATOM   1468 C  CG  . ASP B 1 97 ? -22.034 -5.305  15.474  1.00 77.37 ? 97  ASP B CG  1 
ATOM   1469 O  OD1 . ASP B 1 97 ? -21.531 -5.616  14.367  1.00 77.20 ? 97  ASP B OD1 1 
ATOM   1470 O  OD2 . ASP B 1 97 ? -22.193 -4.088  15.745  1.00 77.80 ? 97  ASP B OD2 1 
HETATM 1471 HG HG  . HG  C 2 .  ? 22.218  -13.019 -6.899  1.00 71.62 ? 119 HG  A HG  1 
HETATM 1472 HG HG  . HG  D 2 .  ? -22.772 5.554   12.610  1.00 72.68 ? 119 HG  B HG  1 
HETATM 1473 O  O   . HOH E 3 .  ? 23.449  -0.660  -1.604  1.00 39.20 ? 120 HOH A O   1 
HETATM 1474 O  O   . HOH E 3 .  ? 15.306  7.573   -12.832 1.00 34.21 ? 121 HOH A O   1 
HETATM 1475 O  O   . HOH E 3 .  ? 24.241  -0.153  -12.910 1.00 41.66 ? 122 HOH A O   1 
HETATM 1476 O  O   . HOH E 3 .  ? 9.388   -12.310 1.388   1.00 35.28 ? 123 HOH A O   1 
HETATM 1477 O  O   . HOH E 3 .  ? 20.577  4.998   -4.420  1.00 32.42 ? 124 HOH A O   1 
HETATM 1478 O  O   . HOH E 3 .  ? 18.840  5.927   -6.330  1.00 26.90 ? 125 HOH A O   1 
HETATM 1479 O  O   . HOH E 3 .  ? 2.562   -6.983  -7.607  1.00 40.02 ? 126 HOH A O   1 
HETATM 1480 O  O   . HOH E 3 .  ? 24.334  -10.883 -14.271 1.00 39.08 ? 127 HOH A O   1 
HETATM 1481 O  O   . HOH E 3 .  ? 9.651   5.630   -9.170  1.00 38.49 ? 128 HOH A O   1 
HETATM 1482 O  O   . HOH E 3 .  ? -1.675  -9.770  0.725   1.00 40.72 ? 129 HOH A O   1 
HETATM 1483 O  O   . HOH E 3 .  ? 23.115  5.263   -13.763 1.00 28.50 ? 130 HOH A O   1 
HETATM 1484 O  O   . HOH E 3 .  ? 18.730  -9.337  -11.494 1.00 35.71 ? 131 HOH A O   1 
HETATM 1485 O  O   . HOH E 3 .  ? 6.638   1.717   3.462   1.00 45.98 ? 132 HOH A O   1 
HETATM 1486 O  O   . HOH E 3 .  ? 9.630   1.192   3.421   1.00 32.77 ? 133 HOH A O   1 
HETATM 1487 O  O   . HOH E 3 .  ? 21.555  0.560   1.716   1.00 42.28 ? 134 HOH A O   1 
HETATM 1488 O  O   . HOH E 3 .  ? 25.994  -3.733  -6.621  1.00 45.41 ? 135 HOH A O   1 
HETATM 1489 O  O   . HOH E 3 .  ? 15.514  9.957   -18.400 1.00 43.41 ? 136 HOH A O   1 
HETATM 1490 O  O   . HOH E 3 .  ? 23.380  0.026   -8.324  1.00 29.76 ? 137 HOH A O   1 
HETATM 1491 O  O   . HOH E 3 .  ? 7.619   8.165   -10.312 1.00 40.41 ? 138 HOH A O   1 
HETATM 1492 O  O   . HOH E 3 .  ? 12.085  6.601   -9.011  1.00 37.95 ? 139 HOH A O   1 
HETATM 1493 O  O   . HOH E 3 .  ? 20.037  -5.564  -13.743 1.00 42.54 ? 140 HOH A O   1 
HETATM 1494 O  O   . HOH E 3 .  ? 13.886  -13.867 1.038   1.00 43.39 ? 141 HOH A O   1 
HETATM 1495 O  O   . HOH E 3 .  ? 19.540  -0.046  -18.307 1.00 56.89 ? 142 HOH A O   1 
HETATM 1496 O  O   . HOH E 3 .  ? 11.941  7.540   -16.557 1.00 44.89 ? 143 HOH A O   1 
HETATM 1497 O  O   . HOH E 3 .  ? 12.699  -15.133 -9.381  1.00 37.15 ? 144 HOH A O   1 
HETATM 1498 O  O   . HOH E 3 .  ? 27.730  -6.768  -4.402  1.00 44.98 ? 145 HOH A O   1 
HETATM 1499 O  O   . HOH E 3 .  ? 3.933   -9.569  -10.968 1.00 45.77 ? 146 HOH A O   1 
HETATM 1500 O  O   . HOH E 3 .  ? 3.413   -12.265 -10.915 1.00 53.17 ? 147 HOH A O   1 
HETATM 1501 O  O   . HOH E 3 .  ? 27.220  -18.533 -11.821 1.00 41.14 ? 148 HOH A O   1 
HETATM 1502 O  O   . HOH E 3 .  ? 21.410  -11.897 -12.645 1.00 52.65 ? 149 HOH A O   1 
HETATM 1503 O  O   . HOH E 3 .  ? 10.826  1.614   5.648   1.00 48.40 ? 150 HOH A O   1 
HETATM 1504 O  O   . HOH E 3 .  ? 1.815   -8.068  -13.659 1.00 59.36 ? 151 HOH A O   1 
HETATM 1505 O  O   . HOH E 3 .  ? 12.289  -4.066  5.086   1.00 41.42 ? 152 HOH A O   1 
HETATM 1506 O  O   . HOH E 3 .  ? 1.828   -0.358  -16.022 1.00 54.61 ? 153 HOH A O   1 
HETATM 1507 O  O   . HOH E 3 .  ? 2.656   7.250   -4.036  1.00 58.63 ? 154 HOH A O   1 
HETATM 1508 O  O   . HOH E 3 .  ? 25.592  -19.306 -13.126 1.00 45.36 ? 155 HOH A O   1 
HETATM 1509 O  O   . HOH E 3 .  ? 24.378  -17.563 -14.187 1.00 46.45 ? 156 HOH A O   1 
HETATM 1510 O  O   . HOH E 3 .  ? 19.395  -12.103 -9.181  1.00 51.11 ? 157 HOH A O   1 
HETATM 1511 O  O   . HOH E 3 .  ? 6.672   -15.685 0.442   0.50 45.23 ? 158 HOH A O   1 
HETATM 1512 O  O   . HOH E 3 .  ? 17.548  7.527   -4.635  1.00 50.79 ? 159 HOH A O   1 
HETATM 1513 O  O   . HOH E 3 .  ? -5.781  -0.190  -4.572  1.00 43.13 ? 160 HOH A O   1 
HETATM 1514 O  O   . HOH E 3 .  ? 1.746   -10.265 -8.449  1.00 51.65 ? 161 HOH A O   1 
HETATM 1515 O  O   . HOH E 3 .  ? 19.894  6.236   -1.750  1.00 42.45 ? 162 HOH A O   1 
HETATM 1516 O  O   . HOH F 3 .  ? -23.373 3.538   -0.629  1.00 37.68 ? 120 HOH B O   1 
HETATM 1517 O  O   . HOH F 3 .  ? -19.692 7.521   -5.173  1.00 24.90 ? 121 HOH B O   1 
HETATM 1518 O  O   . HOH F 3 .  ? -13.418 15.622  -5.277  1.00 30.62 ? 122 HOH B O   1 
HETATM 1519 O  O   . HOH F 3 .  ? -23.280 14.601  1.747   1.00 41.25 ? 123 HOH B O   1 
HETATM 1520 O  O   . HOH F 3 .  ? 2.661   8.100   7.754   1.00 51.93 ? 124 HOH B O   1 
HETATM 1521 O  O   . HOH F 3 .  ? 0.540   -3.224  9.473   1.00 50.65 ? 125 HOH B O   1 
HETATM 1522 O  O   . HOH F 3 .  ? -17.637 9.560   -5.528  1.00 28.77 ? 126 HOH B O   1 
HETATM 1523 O  O   . HOH F 3 .  ? -24.223 13.317  12.296  1.00 42.87 ? 127 HOH B O   1 
HETATM 1524 O  O   . HOH F 3 .  ? -18.703 10.532  10.575  1.00 30.80 ? 128 HOH B O   1 
HETATM 1525 O  O   . HOH F 3 .  ? -21.934 12.481  0.022   1.00 26.36 ? 129 HOH B O   1 
HETATM 1526 O  O   . HOH F 3 .  ? -2.653  5.886   8.573   1.00 36.52 ? 130 HOH B O   1 
HETATM 1527 O  O   . HOH F 3 .  ? -8.452  11.173  -3.607  1.00 37.96 ? 131 HOH B O   1 
HETATM 1528 O  O   . HOH F 3 .  ? -2.778  12.829  7.256   1.00 43.31 ? 132 HOH B O   1 
HETATM 1529 O  O   . HOH F 3 .  ? -6.538  -2.257  -3.023  1.00 49.15 ? 133 HOH B O   1 
HETATM 1530 O  O   . HOH F 3 .  ? -21.407 0.695   -2.636  1.00 38.83 ? 134 HOH B O   1 
HETATM 1531 O  O   . HOH F 3 .  ? -18.118 19.354  3.248   1.00 50.15 ? 135 HOH B O   1 
HETATM 1532 O  O   . HOH F 3 .  ? -13.105 21.717  -6.072  1.00 37.68 ? 136 HOH B O   1 
HETATM 1533 O  O   . HOH F 3 .  ? -22.616 10.435  0.465   1.00 28.12 ? 137 HOH B O   1 
HETATM 1534 O  O   . HOH F 3 .  ? -24.908 2.888   -4.813  1.00 38.14 ? 138 HOH B O   1 
HETATM 1535 O  O   . HOH F 3 .  ? -15.180 -2.873  12.285  1.00 48.50 ? 139 HOH B O   1 
HETATM 1536 O  O   . HOH F 3 .  ? -9.698  19.071  -4.099  1.00 40.22 ? 140 HOH B O   1 
HETATM 1537 O  O   . HOH F 3 .  ? -2.671  4.933   12.131  1.00 45.45 ? 141 HOH B O   1 
HETATM 1538 O  O   . HOH F 3 .  ? -27.437 9.722   19.217  1.00 37.19 ? 142 HOH B O   1 
HETATM 1539 O  O   . HOH F 3 .  ? -10.589 11.569  -5.002  1.00 40.97 ? 143 HOH B O   1 
HETATM 1540 O  O   . HOH F 3 .  ? -19.699 0.985   -6.990  1.00 62.75 ? 144 HOH B O   1 
HETATM 1541 O  O   . HOH F 3 .  ? -25.298 0.942   4.450   1.00 44.12 ? 145 HOH B O   1 
HETATM 1542 O  O   . HOH F 3 .  ? 2.319   -3.346  12.601  1.00 41.23 ? 146 HOH B O   1 
HETATM 1543 O  O   . HOH F 3 .  ? -3.843  7.667   14.482  1.00 49.33 ? 147 HOH B O   1 
HETATM 1544 O  O   . HOH F 3 .  ? -14.155 19.937  3.242   1.00 50.71 ? 148 HOH B O   1 
HETATM 1545 O  O   . HOH F 3 .  ? -21.507 -0.967  0.171   1.00 61.32 ? 149 HOH B O   1 
HETATM 1546 O  O   . HOH F 3 .  ? -1.003  6.031   -6.240  1.00 56.50 ? 150 HOH B O   1 
HETATM 1547 O  O   . HOH F 3 .  ? -22.719 15.746  -2.181  1.00 69.57 ? 151 HOH B O   1 
HETATM 1548 O  O   . HOH F 3 .  ? -24.832 11.707  18.806  1.00 48.14 ? 152 HOH B O   1 
HETATM 1549 O  O   . HOH F 3 .  ? -1.775  6.847   11.335  1.00 51.43 ? 153 HOH B O   1 
HETATM 1550 O  O   . HOH F 3 .  ? -16.119 8.081   -7.190  1.00 52.03 ? 154 HOH B O   1 
HETATM 1551 O  O   . HOH F 3 .  ? -14.322 2.064   26.581  1.00 62.84 ? 155 HOH B O   1 
HETATM 1552 O  O   . HOH F 3 .  ? -10.676 -3.429  10.886  1.00 45.50 ? 156 HOH B O   1 
HETATM 1553 O  O   . HOH F 3 .  ? -9.764  -1.838  -2.711  1.00 41.95 ? 157 HOH B O   1 
HETATM 1554 O  O   . HOH F 3 .  ? -13.179 -4.714  1.968   1.00 44.15 ? 158 HOH B O   1 
HETATM 1555 O  O   . HOH F 3 .  ? -5.947  12.740  -5.859  1.00 39.10 ? 159 HOH B O   1 
HETATM 1556 O  O   . HOH F 3 .  ? -25.547 7.742   3.451   1.00 41.87 ? 160 HOH B O   1 
HETATM 1557 O  O   . HOH F 3 .  ? -8.618  16.579  -4.564  1.00 52.99 ? 161 HOH B O   1 
# 
